data_6GVW
#
_entry.id   6GVW
#
_cell.length_a   97.096
_cell.length_b   122.645
_cell.length_c   431.325
_cell.angle_alpha   90.00
_cell.angle_beta   90.00
_cell.angle_gamma   90.00
#
_symmetry.space_group_name_H-M   'P 21 21 21'
#
loop_
_entity.id
_entity.type
_entity.pdbx_description
1 polymer 'BRCA1-A complex subunit Abraxas 1'
2 polymer 'Lys-63-specific deubiquitinase BRCC36'
3 polymer 'BRISC and BRCA1-A complex member 2'
4 polymer 'BRISC and BRCA1-A complex member 1'
5 polymer 'BRCA1-A complex subunit RAP80'
6 non-polymer 'ZINC ION'
7 water water
#
loop_
_entity_poly.entity_id
_entity_poly.type
_entity_poly.pdbx_seq_one_letter_code
_entity_poly.pdbx_strand_id
1 'polypeptide(L)'
;GGGRMEGESTLGVLSGFVLGALTFHHLNTDSDTEGFLLGEMKGEAKNSITDSQMDNVKVVYTIDIQKYIPCYRLFSFYNS
LGEVNEHALKKVLSNVRKTVVGWYKFRRHSDQIMTFREQLLHRNLQTHLSSPELVFLLLTPSITTESCSTHCLEHALYKP
QRGLFHRVPLVVTNLGMSDQLGYKTEPASCTSTVFSRAVRTHSSQFFNEDGSLKEVHKINEMYAAVQEELKSICQKVEQS
EREVEKLLMDVNQLKEVRRTQQARATGAGEKNVQRNPQENILLCQALRTFFPESEVLHSCVISLKNRHISPSGCNVNHHV
DVVDQLTLMVEYVYSPEASPVPTAQLRKRKALDTHDQGSVKRPRLLETESRPSVAASRSRHQDKASSSSLDIDIEMGSPE
DDADYPRSPTF
;
A,F
2 'polypeptide(L)'
;GGGRMAVQVVQAVQAVHLESDAFLVCLNHALSTEKEEVMGLCIGELNDDIRSDSKFTYTGTEMRTVQEKMDTIRIVHIHS
VIILRRSDKRKDRVEISPEQLSAASTEAERLAELTGRPMRVVGWYHSHPHITVWPSHVDVRTQAMYQMMDQGFVGLIFSC
FIEDKNTKTGRVLYTCFQSIQAQKSSEYERIEIPIHIVPHITIGKVCLESAVELPKILCQEEQDAYRRIHSLTHLDSVTK
IHNGSVFTKNLCSQMSAVSGPLLQWLEDRLEQNQQHLQELQQEKEELMEELSSLE
;
B,G
3 'polypeptide(L)'
;GGGRMSPEIALNRISPMLSPFISSVVRNGKVGLDATNCLRITDLKSGCTSLTPGPNCDRFKLHIPYAGETLKWDIIFNAQ
YPELPPDFIFGEDAEFLPDPSALHNLASWNPSNPECLLLVVKELVQQYHQFQCGRLRESSRLMFEYQTLLEEPQYGENME
IYAGKKNNWTGEFSARFLLKLPVDFSNIPTYLLKDVNEDPGEDVALLSVSFEDTEATQVYPKLYLSPRIEHALGGSSALH
IPAFPGGGCLIDYVPQVCHLLTNKVQYVIQGYHKRREYIAAFLSHFGTGVVEYDAEGFTKLTLLLMWKDFCFLVHIDLPL
FFPRDQPTLTFQSVYHFTNSGQLYSQAQKNYPYSPRWDGNEMAKRAKAYFKTFVPQFQEAAFANGKL
;
C,H
4 'polypeptide(L)'
;GGGRMEVAEANSPTEEEEEEEEEGEETISEPRPHTRSNPEGAEDRALGAQASVGSRSEGEGEAATADGGAASVPGAGPKP
WQVPASASEVQIRTPRVNCPEKVIICLDLSEEMSVPKLESFNGSRTNALNVSQKMVEMFVRTKHKIDKSHEFALVVVNDD
SAWLSGLTSDPRELCSCLYDLETASCSTFNLEGLFSLIQQKTELPVTENVQTIPPPYVVRTILVYSRPPCQPQFSLTEPM
KKMFQCPYFFFDIVYIHNGTEEKEEDMSWKDMFAFMGSLDTKGASYKYEVALAGPALELHNCMAKLLAHPLQRPCQTHAS
YSLLEEDEEAGEEEATV
;
D,I
5 'polypeptide(L)' GGGRHYYWGIPFCPAGVDPNQYTNVILCQLEVYQKSLKMAQRQLVKKRGFGEPVLPRPPFLIQN E,J
#
loop_
_chem_comp.id
_chem_comp.type
_chem_comp.name
_chem_comp.formula
ZN non-polymer 'ZINC ION' 'Zn 2'
#
# COMPACT_ATOMS: atom_id res chain seq x y z
N GLY A 7 28.20 4.57 -18.49
CA GLY A 7 27.53 4.36 -17.17
C GLY A 7 28.50 3.76 -16.17
N GLU A 8 29.13 4.59 -15.36
CA GLU A 8 30.10 4.16 -14.32
C GLU A 8 29.74 4.80 -12.98
N SER A 9 29.83 4.03 -11.91
CA SER A 9 29.67 4.55 -10.52
C SER A 9 31.03 4.59 -9.82
N THR A 10 31.12 5.38 -8.76
CA THR A 10 32.39 5.60 -8.02
C THR A 10 32.07 5.70 -6.53
N LEU A 11 31.59 4.62 -5.92
CA LEU A 11 31.30 4.60 -4.46
C LEU A 11 32.55 5.00 -3.66
N GLY A 12 32.33 5.72 -2.58
CA GLY A 12 33.35 6.07 -1.57
C GLY A 12 33.10 5.33 -0.28
N VAL A 13 34.16 4.86 0.37
CA VAL A 13 34.08 3.98 1.56
C VAL A 13 34.95 4.54 2.68
N LEU A 14 34.48 4.42 3.91
CA LEU A 14 35.21 4.89 5.11
C LEU A 14 35.08 3.84 6.21
N SER A 15 35.82 4.05 7.30
CA SER A 15 35.63 3.32 8.57
C SER A 15 35.08 4.30 9.59
N GLY A 16 34.20 3.85 10.48
CA GLY A 16 33.61 4.69 11.55
C GLY A 16 34.67 5.52 12.24
N PHE A 17 35.80 4.88 12.53
CA PHE A 17 36.91 5.44 13.34
C PHE A 17 37.58 6.57 12.56
N VAL A 18 37.71 6.42 11.25
CA VAL A 18 38.37 7.46 10.42
C VAL A 18 37.51 8.73 10.42
N LEU A 19 36.20 8.57 10.25
CA LEU A 19 35.27 9.72 10.27
C LEU A 19 35.34 10.33 11.67
N GLY A 20 35.33 9.51 12.72
CA GLY A 20 35.46 10.00 14.11
C GLY A 20 36.73 10.82 14.28
N ALA A 21 37.86 10.34 13.76
CA ALA A 21 39.17 11.00 13.90
C ALA A 21 39.15 12.33 13.15
N LEU A 22 38.58 12.36 11.95
CA LEU A 22 38.47 13.64 11.19
C LEU A 22 37.63 14.63 12.00
N THR A 23 36.49 14.17 12.51
CA THR A 23 35.56 15.02 13.29
C THR A 23 36.30 15.55 14.52
N PHE A 24 37.11 14.72 15.16
CA PHE A 24 37.84 15.09 16.40
C PHE A 24 38.89 16.14 16.06
N HIS A 25 39.68 15.91 15.01
CA HIS A 25 40.71 16.87 14.55
C HIS A 25 40.04 18.21 14.26
N HIS A 26 38.85 18.19 13.68
CA HIS A 26 38.12 19.45 13.40
C HIS A 26 37.69 20.12 14.71
N LEU A 27 36.98 19.39 15.57
CA LEU A 27 36.40 19.95 16.82
C LEU A 27 37.52 20.56 17.66
N ASN A 28 38.75 20.06 17.55
CA ASN A 28 39.89 20.61 18.31
C ASN A 28 40.40 21.91 17.66
N THR A 29 40.16 22.09 16.37
CA THR A 29 40.65 23.28 15.61
C THR A 29 39.61 24.39 15.68
N ASP A 30 39.98 25.54 16.24
CA ASP A 30 39.07 26.71 16.35
C ASP A 30 39.15 27.50 15.04
N SER A 31 38.91 26.81 13.92
CA SER A 31 38.85 27.43 12.57
C SER A 31 38.53 26.36 11.53
N ASP A 32 38.39 26.76 10.26
CA ASP A 32 38.38 25.80 9.13
C ASP A 32 39.66 24.96 9.20
N THR A 33 39.59 23.75 8.68
CA THR A 33 40.81 22.91 8.58
C THR A 33 40.73 22.07 7.32
N GLU A 34 41.80 21.35 7.01
CA GLU A 34 41.87 20.56 5.78
C GLU A 34 42.95 19.50 5.93
N GLY A 35 42.98 18.58 4.98
CA GLY A 35 43.98 17.52 4.93
C GLY A 35 43.78 16.61 3.74
N PHE A 36 44.54 15.53 3.71
CA PHE A 36 44.55 14.58 2.58
C PHE A 36 43.99 13.24 3.06
N LEU A 37 43.39 12.53 2.12
CA LEU A 37 42.76 11.21 2.35
C LEU A 37 43.54 10.17 1.57
N LEU A 38 44.07 9.19 2.29
CA LEU A 38 44.92 8.13 1.72
C LEU A 38 44.17 6.80 1.78
N GLY A 39 44.33 6.01 0.73
CA GLY A 39 43.69 4.69 0.66
C GLY A 39 44.03 3.99 -0.62
N GLU A 40 43.10 3.17 -1.11
CA GLU A 40 43.30 2.43 -2.38
C GLU A 40 42.01 2.49 -3.20
N MET A 41 42.15 2.52 -4.52
CA MET A 41 41.01 2.50 -5.46
C MET A 41 40.97 1.14 -6.15
N LYS A 42 39.82 0.49 -6.13
CA LYS A 42 39.63 -0.83 -6.77
C LYS A 42 38.48 -0.74 -7.76
N GLY A 43 38.76 -1.10 -9.02
CA GLY A 43 37.77 -1.25 -10.09
C GLY A 43 37.14 -2.63 -10.04
N GLU A 44 35.82 -2.68 -9.88
CA GLU A 44 35.06 -3.96 -9.92
C GLU A 44 33.98 -3.81 -10.98
N ALA A 45 33.65 -4.92 -11.64
CA ALA A 45 32.53 -4.96 -12.60
C ALA A 45 31.26 -5.32 -11.83
N LYS A 46 30.23 -4.48 -11.97
CA LYS A 46 28.97 -4.68 -11.21
C LYS A 46 28.44 -6.07 -11.57
N ASN A 47 28.45 -7.00 -10.62
CA ASN A 47 28.08 -8.42 -10.86
C ASN A 47 26.56 -8.51 -10.88
N SER A 48 25.97 -8.00 -11.96
CA SER A 48 24.52 -7.69 -12.11
C SER A 48 23.65 -8.63 -11.26
N ILE A 49 22.64 -8.05 -10.60
CA ILE A 49 21.57 -8.82 -9.93
C ILE A 49 20.30 -8.64 -10.76
N THR A 50 19.56 -9.71 -10.98
CA THR A 50 18.41 -9.69 -11.92
C THR A 50 19.01 -9.34 -13.29
N ASP A 51 18.64 -8.21 -13.88
CA ASP A 51 19.24 -7.74 -15.16
C ASP A 51 19.05 -8.78 -16.26
N SER A 52 19.55 -8.51 -17.46
CA SER A 52 19.45 -9.44 -18.62
C SER A 52 20.72 -9.31 -19.48
N GLN A 53 20.84 -10.16 -20.50
CA GLN A 53 21.91 -10.03 -21.51
C GLN A 53 21.52 -8.92 -22.52
N MET A 54 21.11 -7.78 -21.99
CA MET A 54 20.83 -6.55 -22.77
C MET A 54 20.93 -5.41 -21.79
N ASP A 55 22.13 -5.23 -21.27
CA ASP A 55 22.48 -4.12 -20.37
C ASP A 55 23.82 -3.54 -20.87
N ASN A 56 24.31 -2.52 -20.20
CA ASN A 56 25.74 -2.16 -20.32
C ASN A 56 26.26 -2.20 -18.90
N VAL A 57 26.92 -3.31 -18.54
CA VAL A 57 27.15 -3.69 -17.13
C VAL A 57 28.07 -2.66 -16.48
N LYS A 58 27.52 -1.99 -15.45
CA LYS A 58 28.16 -0.82 -14.83
C LYS A 58 29.48 -1.28 -14.23
N VAL A 59 30.34 -0.31 -13.94
CA VAL A 59 31.60 -0.55 -13.21
C VAL A 59 31.61 0.34 -11.97
N VAL A 60 32.06 -0.22 -10.86
CA VAL A 60 32.19 0.55 -9.59
C VAL A 60 33.66 0.72 -9.27
N TYR A 61 34.10 1.96 -9.21
CA TYR A 61 35.46 2.31 -8.73
C TYR A 61 35.34 2.57 -7.24
N THR A 62 35.43 1.53 -6.43
CA THR A 62 35.30 1.65 -4.96
C THR A 62 36.58 2.28 -4.40
N ILE A 63 36.41 3.40 -3.69
CA ILE A 63 37.55 4.15 -3.09
C ILE A 63 37.56 3.87 -1.60
N ASP A 64 38.59 3.20 -1.12
CA ASP A 64 38.69 2.78 0.29
C ASP A 64 39.62 3.76 0.98
N ILE A 65 39.07 4.56 1.90
CA ILE A 65 39.83 5.56 2.69
C ILE A 65 40.28 4.87 3.98
N GLN A 66 41.60 4.82 4.19
CA GLN A 66 42.21 4.07 5.31
C GLN A 66 42.75 5.04 6.34
N LYS A 67 43.46 6.08 5.92
CA LYS A 67 44.08 7.05 6.82
C LYS A 67 43.86 8.46 6.27
N TYR A 68 44.00 9.45 7.14
CA TYR A 68 44.00 10.87 6.76
C TYR A 68 45.27 11.52 7.28
N ILE A 69 45.78 12.50 6.53
CA ILE A 69 46.90 13.35 6.98
C ILE A 69 46.41 14.77 7.12
N PRO A 70 46.32 15.33 8.35
CA PRO A 70 45.85 16.70 8.54
C PRO A 70 46.96 17.71 8.24
N CYS A 71 46.62 18.74 7.49
CA CYS A 71 47.49 19.88 7.16
C CYS A 71 47.27 20.96 8.23
N TYR A 72 48.27 21.19 9.08
CA TYR A 72 48.12 21.92 10.37
C TYR A 72 47.89 23.42 10.16
N ARG A 73 48.10 23.94 8.96
CA ARG A 73 47.86 25.37 8.64
C ARG A 73 47.25 25.47 7.24
N LEU A 74 46.39 26.45 7.03
CA LEU A 74 45.77 26.69 5.71
C LEU A 74 46.81 27.31 4.77
N PHE A 75 46.58 27.14 3.47
CA PHE A 75 47.44 27.69 2.39
C PHE A 75 48.84 27.11 2.51
N SER A 76 49.01 25.98 3.19
CA SER A 76 50.34 25.33 3.33
C SER A 76 50.88 24.93 1.96
N PHE A 77 49.99 24.64 1.01
CA PHE A 77 50.39 24.08 -0.30
C PHE A 77 49.63 24.75 -1.44
N TYR A 78 49.21 26.00 -1.26
CA TYR A 78 48.57 26.76 -2.36
C TYR A 78 48.57 28.24 -2.04
N ASN A 79 48.31 29.04 -3.07
CA ASN A 79 48.25 30.52 -2.96
C ASN A 79 46.79 30.97 -3.00
N SER A 80 46.57 32.27 -3.17
CA SER A 80 45.23 32.90 -3.22
C SER A 80 44.44 32.39 -4.43
N LEU A 81 45.11 31.98 -5.50
CA LEU A 81 44.44 31.60 -6.77
C LEU A 81 44.40 30.08 -6.91
N GLY A 82 44.76 29.32 -5.87
CA GLY A 82 44.74 27.85 -5.89
C GLY A 82 45.95 27.25 -6.61
N GLU A 83 46.94 28.06 -7.00
CA GLU A 83 48.20 27.53 -7.58
C GLU A 83 48.97 26.81 -6.48
N VAL A 84 49.51 25.64 -6.81
CA VAL A 84 50.05 24.69 -5.79
C VAL A 84 51.50 25.04 -5.42
N ASN A 85 52.32 25.50 -6.37
CA ASN A 85 53.78 25.75 -6.15
C ASN A 85 54.50 24.43 -5.90
N GLU A 86 55.81 24.39 -6.12
CA GLU A 86 56.58 23.12 -6.22
C GLU A 86 56.79 22.52 -4.83
N HIS A 87 57.15 23.33 -3.83
CA HIS A 87 57.44 22.84 -2.47
C HIS A 87 56.29 21.96 -1.97
N ALA A 88 55.05 22.29 -2.37
CA ALA A 88 53.86 21.52 -1.97
C ALA A 88 54.08 20.05 -2.27
N LEU A 89 54.53 19.73 -3.50
CA LEU A 89 54.83 18.32 -3.88
C LEU A 89 55.78 17.75 -2.84
N LYS A 90 56.93 18.41 -2.63
CA LYS A 90 57.95 17.95 -1.67
C LYS A 90 57.27 17.76 -0.30
N LYS A 91 56.43 18.71 0.11
CA LYS A 91 55.80 18.64 1.44
C LYS A 91 54.92 17.40 1.56
N VAL A 92 54.11 17.12 0.55
CA VAL A 92 53.19 15.95 0.59
C VAL A 92 54.03 14.66 0.52
N LEU A 93 55.26 14.73 0.00
CA LEU A 93 56.19 13.57 0.02
C LEU A 93 56.85 13.48 1.40
N SER A 94 57.17 14.60 2.04
CA SER A 94 57.77 14.64 3.40
C SER A 94 56.80 13.97 4.36
N ASN A 95 55.50 14.24 4.18
CA ASN A 95 54.41 13.47 4.82
C ASN A 95 54.46 12.08 4.19
N VAL A 96 55.47 11.29 4.56
CA VAL A 96 55.78 9.99 3.89
C VAL A 96 54.46 9.23 3.74
N ARG A 97 54.15 8.77 2.54
CA ARG A 97 52.77 8.30 2.17
C ARG A 97 52.87 7.01 1.37
N LYS A 98 51.72 6.41 1.07
CA LYS A 98 51.64 5.20 0.22
C LYS A 98 50.93 5.55 -1.09
N THR A 99 49.66 5.89 -1.01
CA THR A 99 48.84 6.29 -2.18
C THR A 99 47.83 7.34 -1.72
N VAL A 100 47.80 8.48 -2.42
CA VAL A 100 46.76 9.52 -2.21
C VAL A 100 45.53 9.12 -3.01
N VAL A 101 44.35 9.47 -2.52
CA VAL A 101 43.10 9.15 -3.25
C VAL A 101 42.16 10.34 -3.21
N GLY A 102 42.30 11.21 -2.21
CA GLY A 102 41.50 12.44 -2.12
C GLY A 102 42.00 13.41 -1.10
N TRP A 103 41.17 14.39 -0.78
CA TRP A 103 41.47 15.38 0.27
C TRP A 103 40.16 15.91 0.84
N TYR A 104 40.24 16.38 2.07
CA TYR A 104 39.05 16.80 2.85
C TYR A 104 39.25 18.22 3.37
N LYS A 105 38.13 18.85 3.69
CA LYS A 105 38.10 20.20 4.30
C LYS A 105 36.88 20.34 5.20
N PHE A 106 37.08 20.95 6.35
CA PHE A 106 36.02 21.33 7.31
C PHE A 106 35.79 22.84 7.24
N ARG A 107 34.59 23.23 6.82
CA ARG A 107 34.13 24.64 6.77
C ARG A 107 32.94 24.78 7.70
N ARG A 108 33.14 25.45 8.83
CA ARG A 108 32.05 25.65 9.83
C ARG A 108 31.02 26.61 9.24
N HIS A 109 29.75 26.19 9.18
CA HIS A 109 28.64 27.01 8.66
C HIS A 109 28.91 27.44 7.21
N SER A 110 28.58 26.58 6.26
CA SER A 110 28.73 26.86 4.82
C SER A 110 27.82 25.92 4.04
N ASP A 111 27.35 26.36 2.87
CA ASP A 111 26.50 25.51 2.00
C ASP A 111 27.33 24.35 1.45
N GLN A 112 26.69 23.21 1.22
CA GLN A 112 27.34 22.01 0.65
C GLN A 112 27.51 22.23 -0.86
N ILE A 113 28.49 23.04 -1.21
CA ILE A 113 28.88 23.26 -2.63
C ILE A 113 30.32 23.77 -2.63
N MET A 114 31.14 23.13 -3.45
CA MET A 114 32.59 23.42 -3.40
C MET A 114 32.82 24.83 -3.91
N THR A 115 33.82 25.49 -3.33
CA THR A 115 34.09 26.93 -3.54
C THR A 115 34.87 27.13 -4.84
N PHE A 116 35.11 28.39 -5.16
CA PHE A 116 35.99 28.85 -6.26
C PHE A 116 37.38 28.26 -6.07
N ARG A 117 38.01 28.56 -4.93
CA ARG A 117 39.39 28.10 -4.64
C ARG A 117 39.40 26.57 -4.64
N GLU A 118 38.35 25.92 -4.12
CA GLU A 118 38.36 24.45 -3.97
C GLU A 118 38.35 23.81 -5.37
N GLN A 119 37.53 24.32 -6.28
CA GLN A 119 37.48 23.75 -7.66
C GLN A 119 38.84 23.90 -8.32
N LEU A 120 39.40 25.11 -8.31
CA LEU A 120 40.70 25.37 -8.97
C LEU A 120 41.77 24.47 -8.32
N LEU A 121 41.75 24.36 -6.99
CA LEU A 121 42.77 23.59 -6.24
C LEU A 121 42.64 22.10 -6.55
N HIS A 122 41.42 21.57 -6.61
CA HIS A 122 41.21 20.14 -6.91
C HIS A 122 41.74 19.84 -8.32
N ARG A 123 41.47 20.72 -9.27
CA ARG A 123 41.92 20.52 -10.67
C ARG A 123 43.45 20.56 -10.71
N ASN A 124 44.06 21.54 -10.02
CA ASN A 124 45.53 21.68 -10.02
C ASN A 124 46.16 20.47 -9.32
N LEU A 125 45.54 19.94 -8.26
CA LEU A 125 46.07 18.76 -7.55
C LEU A 125 45.96 17.53 -8.44
N GLN A 126 44.83 17.36 -9.13
CA GLN A 126 44.68 16.23 -10.09
C GLN A 126 45.79 16.33 -11.14
N THR A 127 46.14 17.55 -11.56
CA THR A 127 47.20 17.75 -12.57
C THR A 127 48.56 17.35 -11.98
N HIS A 128 48.92 17.94 -10.85
CA HIS A 128 50.29 17.84 -10.28
C HIS A 128 50.55 16.46 -9.70
N LEU A 129 49.52 15.78 -9.18
CA LEU A 129 49.68 14.43 -8.58
C LEU A 129 49.47 13.34 -9.62
N SER A 130 49.06 13.70 -10.85
CA SER A 130 48.82 12.73 -11.94
C SER A 130 47.82 11.69 -11.42
N SER A 131 46.71 12.15 -10.87
CA SER A 131 45.60 11.30 -10.39
C SER A 131 44.27 11.97 -10.78
N PRO A 132 43.81 11.83 -12.03
CA PRO A 132 42.59 12.52 -12.47
C PRO A 132 41.31 11.88 -11.91
N GLU A 133 41.44 11.01 -10.90
CA GLU A 133 40.28 10.39 -10.24
C GLU A 133 40.32 10.69 -8.75
N LEU A 134 40.80 11.88 -8.37
CA LEU A 134 40.75 12.31 -6.95
C LEU A 134 39.31 12.60 -6.55
N VAL A 135 39.11 12.68 -5.25
CA VAL A 135 37.80 12.98 -4.64
C VAL A 135 37.97 14.12 -3.65
N PHE A 136 36.90 14.86 -3.42
CA PHE A 136 36.90 15.98 -2.46
C PHE A 136 35.84 15.73 -1.40
N LEU A 137 36.27 15.57 -0.15
CA LEU A 137 35.35 15.35 0.98
C LEU A 137 35.09 16.68 1.66
N LEU A 138 33.91 17.24 1.42
CA LEU A 138 33.51 18.53 2.04
C LEU A 138 32.58 18.22 3.21
N LEU A 139 32.98 18.68 4.39
CA LEU A 139 32.15 18.63 5.61
C LEU A 139 31.79 20.05 6.02
N THR A 140 30.52 20.27 6.30
CA THR A 140 30.01 21.50 6.92
C THR A 140 29.36 21.11 8.23
N PRO A 141 29.99 21.39 9.39
CA PRO A 141 29.27 21.37 10.65
C PRO A 141 28.51 22.68 10.87
N SER A 142 27.36 22.58 11.51
CA SER A 142 26.47 23.73 11.74
C SER A 142 25.67 23.47 13.01
N ILE A 143 25.08 24.53 13.52
CA ILE A 143 24.26 24.49 14.75
C ILE A 143 22.86 24.92 14.36
N THR A 144 21.86 24.22 14.89
CA THR A 144 20.43 24.45 14.54
C THR A 144 19.71 25.16 15.69
N THR A 145 18.55 25.73 15.40
CA THR A 145 17.58 26.25 16.41
C THR A 145 18.10 27.46 17.20
N GLU A 146 19.32 27.95 16.92
CA GLU A 146 19.93 29.11 17.59
C GLU A 146 20.29 28.75 19.04
N SER A 147 19.55 27.85 19.69
CA SER A 147 19.72 27.51 21.13
C SER A 147 21.03 26.77 21.37
N CYS A 148 21.70 26.30 20.32
CA CYS A 148 22.94 25.50 20.41
C CYS A 148 22.65 24.20 21.18
N SER A 149 21.43 23.71 21.09
CA SER A 149 21.03 22.42 21.72
C SER A 149 21.24 21.26 20.74
N THR A 150 21.35 21.54 19.45
CA THR A 150 21.38 20.51 18.39
C THR A 150 22.36 20.94 17.30
N HIS A 151 23.26 20.03 16.94
CA HIS A 151 24.29 20.27 15.90
C HIS A 151 24.11 19.27 14.78
N CYS A 152 24.54 19.66 13.58
CA CYS A 152 24.39 18.85 12.36
C CYS A 152 25.70 18.88 11.58
N LEU A 153 26.28 17.71 11.34
CA LEU A 153 27.51 17.56 10.52
C LEU A 153 27.11 16.95 9.18
N GLU A 154 27.13 17.74 8.11
CA GLU A 154 26.70 17.30 6.77
C GLU A 154 27.94 17.20 5.90
N HIS A 155 28.17 16.01 5.36
CA HIS A 155 29.39 15.69 4.59
C HIS A 155 28.99 15.10 3.23
N ALA A 156 29.82 15.34 2.23
CA ALA A 156 29.56 14.85 0.86
C ALA A 156 30.89 14.74 0.10
N LEU A 157 30.91 13.81 -0.85
CA LEU A 157 32.05 13.59 -1.76
C LEU A 157 31.76 14.26 -3.10
N TYR A 158 32.80 14.78 -3.72
CA TYR A 158 32.70 15.45 -5.04
C TYR A 158 33.76 14.87 -5.97
N LYS A 159 33.43 14.76 -7.24
CA LYS A 159 34.39 14.31 -8.27
C LYS A 159 34.09 15.03 -9.58
N PRO A 160 35.13 15.41 -10.35
CA PRO A 160 34.92 16.04 -11.65
C PRO A 160 34.45 15.01 -12.70
N GLN A 161 33.63 15.46 -13.63
CA GLN A 161 33.15 14.60 -14.74
C GLN A 161 33.18 15.40 -16.04
N ARG A 162 32.30 16.39 -16.18
CA ARG A 162 32.14 17.18 -17.43
C ARG A 162 32.72 18.57 -17.19
N GLY A 163 33.84 18.63 -16.48
CA GLY A 163 34.42 19.89 -15.99
C GLY A 163 33.68 20.33 -14.74
N LEU A 164 32.36 20.18 -14.73
CA LEU A 164 31.53 20.35 -13.51
C LEU A 164 31.81 19.18 -12.55
N PHE A 165 31.70 19.44 -11.26
CA PHE A 165 31.88 18.41 -10.21
C PHE A 165 30.52 17.93 -9.74
N HIS A 166 30.36 16.62 -9.65
CA HIS A 166 29.09 16.00 -9.18
C HIS A 166 29.33 15.25 -7.88
N ARG A 167 28.28 15.15 -7.10
CA ARG A 167 28.31 14.46 -5.79
C ARG A 167 28.51 12.97 -6.03
N VAL A 168 29.11 12.33 -5.05
CA VAL A 168 29.42 10.87 -5.08
C VAL A 168 28.90 10.27 -3.78
N PRO A 169 28.28 9.08 -3.82
CA PRO A 169 27.77 8.46 -2.60
C PRO A 169 28.93 8.11 -1.64
N LEU A 170 28.65 8.17 -0.34
CA LEU A 170 29.64 7.77 0.70
C LEU A 170 28.95 6.83 1.70
N VAL A 171 29.65 5.78 2.08
CA VAL A 171 29.16 4.78 3.08
C VAL A 171 30.24 4.59 4.14
N VAL A 172 29.81 4.33 5.36
CA VAL A 172 30.75 4.11 6.50
C VAL A 172 30.60 2.65 6.94
N THR A 173 31.69 1.91 6.89
CA THR A 173 31.71 0.48 7.27
C THR A 173 31.48 0.35 8.76
N ASN A 174 30.70 -0.64 9.15
CA ASN A 174 30.37 -0.87 10.58
C ASN A 174 30.09 -2.36 10.80
N LEU A 175 30.02 -2.76 12.07
CA LEU A 175 29.78 -4.16 12.47
C LEU A 175 28.40 -4.62 12.00
N GLY A 176 27.44 -3.69 11.87
CA GLY A 176 26.05 -3.99 11.52
C GLY A 176 25.92 -4.60 10.14
N MET A 177 26.93 -4.44 9.28
CA MET A 177 26.87 -4.89 7.87
C MET A 177 26.90 -6.43 7.83
N SER A 178 25.74 -7.05 8.06
CA SER A 178 25.52 -8.50 7.85
C SER A 178 26.43 -9.31 8.76
N ASP A 179 26.45 -9.02 10.07
CA ASP A 179 27.08 -9.95 11.06
C ASP A 179 26.20 -11.21 11.11
N GLN A 180 24.88 -11.02 11.09
CA GLN A 180 23.85 -12.08 10.94
C GLN A 180 24.14 -13.23 11.91
N LEU A 181 24.08 -12.95 13.21
CA LEU A 181 24.11 -13.99 14.27
C LEU A 181 23.04 -15.04 13.98
N GLY A 182 23.44 -16.30 13.97
CA GLY A 182 22.54 -17.45 13.77
C GLY A 182 22.34 -18.22 15.07
N TYR A 183 23.25 -19.16 15.36
CA TYR A 183 23.14 -20.08 16.52
C TYR A 183 21.84 -20.86 16.43
N LYS A 184 21.86 -22.05 15.82
CA LYS A 184 20.66 -22.91 15.75
C LYS A 184 20.42 -23.58 17.11
N THR A 185 19.23 -23.40 17.66
CA THR A 185 18.76 -24.07 18.90
C THR A 185 17.80 -25.19 18.52
N GLU A 186 17.23 -25.88 19.51
CA GLU A 186 16.33 -27.04 19.27
C GLU A 186 17.18 -28.11 18.59
N PRO A 187 17.31 -29.32 19.17
CA PRO A 187 18.20 -30.33 18.60
C PRO A 187 17.62 -30.89 17.28
N ALA A 188 18.48 -31.07 16.29
CA ALA A 188 18.12 -31.77 15.03
C ALA A 188 18.24 -33.26 15.28
N SER A 189 17.56 -33.80 16.29
CA SER A 189 17.71 -35.21 16.72
C SER A 189 17.20 -36.13 15.60
N CYS A 190 17.96 -37.19 15.31
CA CYS A 190 17.59 -38.23 14.33
C CYS A 190 17.64 -39.62 15.01
N THR A 191 16.68 -40.47 14.69
CA THR A 191 16.61 -41.88 15.16
C THR A 191 17.50 -42.77 14.27
N SER A 192 18.50 -42.18 13.61
CA SER A 192 19.42 -42.87 12.69
C SER A 192 20.58 -43.41 13.52
N THR A 193 20.78 -44.74 13.49
CA THR A 193 21.92 -45.41 14.15
C THR A 193 23.20 -45.07 13.40
N VAL A 194 23.14 -45.04 12.06
CA VAL A 194 24.34 -44.85 11.22
C VAL A 194 24.82 -43.41 11.35
N PHE A 195 23.90 -42.47 11.32
CA PHE A 195 24.21 -41.03 11.41
C PHE A 195 24.85 -40.77 12.78
N SER A 196 24.22 -41.26 13.84
CA SER A 196 24.74 -41.09 15.23
C SER A 196 26.14 -41.72 15.31
N ARG A 197 26.30 -42.93 14.78
CA ARG A 197 27.61 -43.65 14.85
C ARG A 197 28.68 -42.80 14.16
N ALA A 198 28.39 -42.26 12.97
CA ALA A 198 29.40 -41.52 12.17
C ALA A 198 29.75 -40.22 12.88
N VAL A 199 28.74 -39.41 13.25
CA VAL A 199 28.97 -38.11 13.95
C VAL A 199 29.79 -38.40 15.21
N ARG A 200 29.50 -39.51 15.90
CA ARG A 200 30.15 -39.79 17.21
C ARG A 200 31.61 -40.21 16.96
N THR A 201 31.84 -41.05 15.97
CA THR A 201 33.20 -41.51 15.60
C THR A 201 34.07 -40.28 15.29
N HIS A 202 33.55 -39.35 14.49
CA HIS A 202 34.37 -38.21 13.98
C HIS A 202 34.19 -36.96 14.86
N SER A 203 33.50 -37.07 16.00
CA SER A 203 33.35 -35.94 16.95
C SER A 203 34.71 -35.61 17.57
N SER A 204 35.41 -36.64 18.07
CA SER A 204 36.72 -36.52 18.75
C SER A 204 37.72 -35.72 17.90
N GLN A 205 37.47 -35.62 16.59
CA GLN A 205 38.48 -35.11 15.62
C GLN A 205 38.64 -33.59 15.79
N PHE A 206 37.66 -32.89 16.34
CA PHE A 206 37.78 -31.42 16.58
C PHE A 206 36.80 -30.92 17.65
N PHE A 207 35.90 -31.78 18.12
CA PHE A 207 34.99 -31.46 19.25
C PHE A 207 35.75 -31.46 20.58
N ASN A 208 36.99 -31.97 20.60
CA ASN A 208 37.88 -31.90 21.80
C ASN A 208 37.43 -32.95 22.83
N GLU A 209 38.18 -33.08 23.92
CA GLU A 209 37.83 -33.94 25.07
C GLU A 209 37.42 -33.08 26.26
N ASP A 210 36.64 -33.66 27.18
CA ASP A 210 36.06 -32.93 28.35
C ASP A 210 35.25 -31.74 27.83
N GLY A 211 34.34 -32.00 26.89
CA GLY A 211 33.48 -30.99 26.24
C GLY A 211 34.28 -29.96 25.46
N SER A 212 33.76 -28.74 25.37
CA SER A 212 34.42 -27.61 24.65
C SER A 212 34.59 -27.94 23.17
N LEU A 213 35.07 -26.99 22.39
CA LEU A 213 35.45 -27.20 20.97
C LEU A 213 36.73 -26.42 20.70
N LYS A 214 37.64 -27.02 19.93
CA LYS A 214 39.00 -26.47 19.71
C LYS A 214 38.91 -25.13 18.97
N GLU A 215 38.03 -25.02 17.98
CA GLU A 215 37.90 -23.79 17.17
C GLU A 215 37.51 -22.61 18.07
N VAL A 216 36.60 -22.84 19.01
CA VAL A 216 36.16 -21.79 19.96
C VAL A 216 37.41 -21.24 20.65
N HIS A 217 38.27 -22.12 21.17
CA HIS A 217 39.46 -21.72 21.96
C HIS A 217 40.51 -21.06 21.07
N LYS A 218 40.71 -21.57 19.87
CA LYS A 218 41.66 -20.97 18.89
C LYS A 218 41.27 -19.52 18.66
N ILE A 219 39.99 -19.27 18.37
CA ILE A 219 39.49 -17.91 18.03
C ILE A 219 39.56 -17.04 19.29
N ASN A 220 39.24 -17.59 20.45
CA ASN A 220 39.28 -16.83 21.72
C ASN A 220 40.71 -16.39 22.00
N GLU A 221 41.69 -17.27 21.80
CA GLU A 221 43.12 -16.98 22.04
C GLU A 221 43.57 -15.90 21.05
N MET A 222 43.13 -16.00 19.79
CA MET A 222 43.50 -15.00 18.76
C MET A 222 42.94 -13.63 19.18
N TYR A 223 41.69 -13.61 19.65
CA TYR A 223 41.00 -12.35 20.04
C TYR A 223 41.74 -11.75 21.24
N ALA A 224 42.14 -12.58 22.20
CA ALA A 224 42.83 -12.12 23.44
C ALA A 224 44.19 -11.54 23.03
N ALA A 225 44.87 -12.17 22.07
CA ALA A 225 46.18 -11.68 21.57
C ALA A 225 45.98 -10.30 20.94
N VAL A 226 44.95 -10.14 20.12
CA VAL A 226 44.68 -8.85 19.44
C VAL A 226 44.33 -7.81 20.52
N GLN A 227 43.62 -8.21 21.56
CA GLN A 227 43.20 -7.27 22.64
C GLN A 227 44.44 -6.79 23.40
N GLU A 228 45.39 -7.68 23.68
CA GLU A 228 46.64 -7.27 24.37
C GLU A 228 47.48 -6.39 23.44
N GLU A 229 47.49 -6.69 22.14
CA GLU A 229 48.13 -5.81 21.14
C GLU A 229 47.52 -4.42 21.24
N LEU A 230 46.19 -4.34 21.34
CA LEU A 230 45.48 -3.04 21.46
C LEU A 230 45.93 -2.35 22.75
N LYS A 231 46.05 -3.09 23.86
CA LYS A 231 46.49 -2.48 25.15
C LYS A 231 47.89 -1.88 24.98
N SER A 232 48.81 -2.61 24.37
CA SER A 232 50.21 -2.15 24.17
C SER A 232 50.20 -0.89 23.29
N ILE A 233 49.48 -0.93 22.18
CA ILE A 233 49.45 0.23 21.24
C ILE A 233 48.77 1.40 21.93
N CYS A 234 47.80 1.16 22.80
CA CYS A 234 47.15 2.21 23.62
C CYS A 234 48.20 2.89 24.52
N GLN A 235 49.00 2.10 25.22
CA GLN A 235 50.10 2.65 26.06
C GLN A 235 51.01 3.54 25.20
N LYS A 236 51.47 3.04 24.05
CA LYS A 236 52.46 3.77 23.21
C LYS A 236 51.84 5.06 22.66
N VAL A 237 50.58 5.01 22.25
CA VAL A 237 49.86 6.20 21.72
C VAL A 237 49.66 7.21 22.85
N GLU A 238 49.39 6.73 24.06
CA GLU A 238 49.22 7.60 25.24
C GLU A 238 50.54 8.34 25.48
N GLN A 239 51.66 7.63 25.44
CA GLN A 239 52.99 8.26 25.69
C GLN A 239 53.26 9.30 24.60
N SER A 240 52.97 8.96 23.34
CA SER A 240 53.18 9.90 22.21
C SER A 240 52.30 11.14 22.43
N GLU A 241 51.09 10.96 22.93
CA GLU A 241 50.15 12.08 23.17
C GLU A 241 50.71 12.97 24.29
N ARG A 242 51.29 12.37 25.33
CA ARG A 242 51.89 13.17 26.43
C ARG A 242 53.02 14.02 25.85
N GLU A 243 53.89 13.42 25.05
CA GLU A 243 55.04 14.15 24.45
C GLU A 243 54.49 15.29 23.59
N VAL A 244 53.45 15.02 22.81
CA VAL A 244 52.87 16.04 21.91
C VAL A 244 52.32 17.18 22.76
N GLU A 245 51.62 16.86 23.86
CA GLU A 245 51.03 17.90 24.75
C GLU A 245 52.14 18.81 25.26
N LYS A 246 53.22 18.22 25.79
CA LYS A 246 54.32 19.00 26.40
C LYS A 246 54.92 19.92 25.33
N LEU A 247 55.30 19.34 24.19
CA LEU A 247 56.00 20.09 23.12
C LEU A 247 55.06 21.20 22.60
N LEU A 248 53.76 20.91 22.48
CA LEU A 248 52.79 21.89 21.95
C LEU A 248 52.64 23.05 22.94
N MET A 249 52.57 22.77 24.24
CA MET A 249 52.49 23.84 25.27
C MET A 249 53.75 24.71 25.17
N ASP A 250 54.93 24.10 25.04
CA ASP A 250 56.21 24.85 24.89
C ASP A 250 56.12 25.76 23.66
N VAL A 251 55.72 25.21 22.51
CA VAL A 251 55.69 25.99 21.24
C VAL A 251 54.70 27.15 21.41
N ASN A 252 53.54 26.91 22.02
CA ASN A 252 52.48 27.93 22.17
C ASN A 252 52.97 29.04 23.12
N GLN A 253 53.66 28.68 24.20
CA GLN A 253 54.23 29.70 25.13
C GLN A 253 55.25 30.55 24.35
N LEU A 254 56.10 29.92 23.54
CA LEU A 254 57.13 30.67 22.78
C LEU A 254 56.43 31.58 21.75
N LYS A 255 55.34 31.12 21.14
CA LYS A 255 54.58 31.94 20.16
C LYS A 255 53.97 33.14 20.88
N GLU A 256 53.43 32.93 22.09
CA GLU A 256 52.85 34.03 22.90
C GLU A 256 53.96 35.05 23.16
N VAL A 257 55.13 34.58 23.60
CA VAL A 257 56.28 35.48 23.91
C VAL A 257 56.68 36.23 22.63
N ARG A 258 56.71 35.55 21.50
CA ARG A 258 57.10 36.15 20.19
C ARG A 258 56.15 37.30 19.87
N ARG A 259 54.84 37.04 19.92
CA ARG A 259 53.84 38.06 19.51
C ARG A 259 53.93 39.24 20.49
N THR A 260 54.10 38.95 21.79
CA THR A 260 54.15 40.01 22.83
C THR A 260 55.39 40.89 22.60
N GLN A 261 56.55 40.27 22.36
CA GLN A 261 57.82 40.99 22.12
C GLN A 261 57.66 41.87 20.89
N GLN A 262 57.03 41.34 19.82
CA GLN A 262 56.89 42.11 18.56
C GLN A 262 55.92 43.29 18.78
N ALA A 263 54.86 43.08 19.57
CA ALA A 263 53.85 44.14 19.84
C ALA A 263 54.48 45.25 20.67
N ARG A 264 55.23 44.90 21.72
CA ARG A 264 55.82 45.89 22.65
C ARG A 264 57.02 46.56 21.97
N ALA A 265 57.67 45.92 21.00
CA ALA A 265 58.88 46.48 20.33
C ALA A 265 58.48 47.61 19.36
N THR A 266 57.23 47.63 18.90
CA THR A 266 56.74 48.63 17.90
C THR A 266 55.83 49.65 18.58
N PRO A 277 44.64 69.20 11.57
CA PRO A 277 43.67 69.42 12.65
C PRO A 277 42.21 69.27 12.20
N GLN A 278 41.26 69.62 13.06
CA GLN A 278 39.80 69.56 12.77
C GLN A 278 39.38 70.81 12.01
N GLU A 279 40.28 71.41 11.24
CA GLU A 279 39.98 72.64 10.46
C GLU A 279 39.45 72.28 9.07
N ASN A 280 38.84 73.24 8.40
CA ASN A 280 38.20 73.04 7.08
C ASN A 280 39.29 73.19 6.01
N ILE A 281 40.04 72.13 5.75
CA ILE A 281 41.17 72.18 4.77
C ILE A 281 40.58 72.44 3.37
N LEU A 282 39.50 71.74 3.04
CA LEU A 282 38.89 71.82 1.68
C LEU A 282 38.44 73.25 1.43
N LEU A 283 37.73 73.86 2.38
CA LEU A 283 37.18 75.22 2.21
C LEU A 283 38.34 76.18 2.01
N CYS A 284 39.39 76.09 2.82
CA CYS A 284 40.54 77.02 2.75
C CYS A 284 41.23 76.88 1.40
N GLN A 285 41.47 75.64 0.94
CA GLN A 285 42.14 75.41 -0.36
C GLN A 285 41.28 75.96 -1.50
N ALA A 286 39.97 75.71 -1.47
CA ALA A 286 39.04 76.19 -2.52
C ALA A 286 39.03 77.72 -2.51
N LEU A 287 39.05 78.33 -1.34
CA LEU A 287 38.98 79.80 -1.20
C LEU A 287 40.29 80.40 -1.75
N ARG A 288 41.44 79.79 -1.46
CA ARG A 288 42.75 80.34 -1.92
C ARG A 288 42.85 80.14 -3.43
N THR A 289 42.35 79.03 -3.97
CA THR A 289 42.47 78.74 -5.42
C THR A 289 41.47 79.59 -6.20
N PHE A 290 40.35 79.99 -5.60
CA PHE A 290 39.34 80.81 -6.31
C PHE A 290 39.68 82.30 -6.24
N PHE A 291 40.52 82.74 -5.31
CA PHE A 291 40.97 84.15 -5.22
C PHE A 291 42.48 84.21 -5.10
N PRO A 292 43.24 83.76 -6.13
CA PRO A 292 44.66 84.07 -6.21
C PRO A 292 44.85 85.58 -6.46
N GLU A 293 45.70 86.23 -5.66
CA GLU A 293 45.94 87.69 -5.74
C GLU A 293 44.59 88.39 -5.49
N SER A 294 44.45 89.66 -5.90
CA SER A 294 43.25 90.50 -5.66
C SER A 294 43.22 90.92 -4.18
N GLU A 295 42.33 90.34 -3.36
CA GLU A 295 42.23 90.68 -1.92
C GLU A 295 42.91 89.59 -1.08
N VAL A 296 42.69 88.31 -1.42
CA VAL A 296 43.33 87.10 -0.81
C VAL A 296 43.04 86.96 0.69
N LEU A 297 42.99 88.07 1.43
CA LEU A 297 43.01 88.09 2.92
C LEU A 297 41.83 87.27 3.48
N HIS A 298 40.87 86.87 2.65
CA HIS A 298 39.64 86.16 3.07
C HIS A 298 39.99 84.87 3.83
N SER A 299 39.62 84.82 5.10
CA SER A 299 39.87 83.67 6.00
C SER A 299 38.62 83.41 6.86
N CYS A 300 38.66 82.36 7.69
CA CYS A 300 37.49 81.88 8.46
C CYS A 300 37.50 82.44 9.88
N VAL A 301 38.24 83.51 10.15
CA VAL A 301 38.31 84.09 11.53
C VAL A 301 37.90 85.56 11.49
N ILE A 302 37.16 85.99 12.51
CA ILE A 302 36.71 87.40 12.62
C ILE A 302 36.82 87.86 14.06
N SER A 303 36.97 89.16 14.28
CA SER A 303 37.03 89.76 15.63
C SER A 303 35.66 89.62 16.29
N LEU A 304 35.61 89.13 17.53
CA LEU A 304 34.33 88.89 18.24
C LEU A 304 33.65 90.23 18.51
N LYS A 305 34.40 91.31 18.67
CA LYS A 305 33.86 92.64 19.07
C LYS A 305 33.35 93.38 17.84
N ASN A 306 34.22 94.00 17.06
CA ASN A 306 33.85 94.70 15.80
C ASN A 306 33.96 93.71 14.65
N ARG A 307 33.33 94.01 13.51
CA ARG A 307 33.32 93.11 12.34
C ARG A 307 34.56 93.38 11.49
N HIS A 308 35.74 93.13 12.05
CA HIS A 308 37.02 93.10 11.30
C HIS A 308 37.57 91.68 11.32
N ILE A 309 38.21 91.28 10.22
CA ILE A 309 38.68 89.89 10.01
C ILE A 309 40.04 89.69 10.69
N SER A 310 40.30 88.49 11.17
CA SER A 310 41.65 88.05 11.63
C SER A 310 42.20 87.06 10.63
N PRO A 311 43.51 87.15 10.28
CA PRO A 311 44.10 86.23 9.32
C PRO A 311 44.35 84.82 9.88
N SER A 312 44.36 83.85 8.98
CA SER A 312 44.74 82.43 9.25
C SER A 312 45.73 82.00 8.16
N GLY A 313 46.70 81.15 8.54
CA GLY A 313 47.79 80.70 7.64
C GLY A 313 47.45 79.41 6.90
N CYS A 314 46.51 78.65 7.45
CA CYS A 314 46.03 77.36 6.90
C CYS A 314 47.18 76.39 6.63
N ASN A 315 46.89 75.28 5.97
CA ASN A 315 47.88 74.26 5.53
C ASN A 315 48.45 74.68 4.17
N VAL A 316 47.62 75.30 3.34
CA VAL A 316 47.95 75.91 2.01
C VAL A 316 48.56 74.87 1.05
N ASN A 317 48.84 73.64 1.49
CA ASN A 317 49.62 72.70 0.64
C ASN A 317 48.92 71.35 0.41
N HIS A 318 47.85 71.02 1.16
CA HIS A 318 47.13 69.73 1.05
C HIS A 318 46.70 69.50 -0.40
N HIS A 319 46.53 68.23 -0.78
CA HIS A 319 46.07 67.82 -2.12
C HIS A 319 44.55 67.95 -2.20
N VAL A 320 44.06 68.83 -3.07
CA VAL A 320 42.61 69.09 -3.27
C VAL A 320 42.02 68.03 -4.19
N ASP A 321 40.74 67.75 -4.03
CA ASP A 321 39.96 66.87 -4.94
C ASP A 321 38.59 67.50 -5.17
N VAL A 322 37.97 67.17 -6.28
CA VAL A 322 36.61 67.68 -6.66
C VAL A 322 36.67 69.20 -6.67
N VAL A 323 37.47 69.80 -7.55
CA VAL A 323 37.48 71.28 -7.75
C VAL A 323 36.41 71.58 -8.80
N ASP A 324 35.38 72.32 -8.42
CA ASP A 324 34.14 72.39 -9.23
C ASP A 324 33.63 73.84 -9.28
N GLN A 325 32.68 74.07 -10.17
CA GLN A 325 32.27 75.43 -10.62
C GLN A 325 31.55 76.14 -9.46
N LEU A 326 31.76 77.45 -9.36
CA LEU A 326 31.17 78.34 -8.32
C LEU A 326 29.76 78.77 -8.73
N THR A 327 29.57 79.13 -10.01
CA THR A 327 28.24 79.43 -10.61
C THR A 327 28.37 79.25 -12.13
N LEU A 328 27.34 78.72 -12.78
CA LEU A 328 27.43 78.14 -14.14
C LEU A 328 27.51 79.27 -15.18
N ALA B 12 17.56 22.73 37.98
CA ALA B 12 17.77 22.08 36.67
C ALA B 12 18.98 22.69 35.95
N VAL B 13 19.67 21.86 35.17
CA VAL B 13 20.91 22.24 34.46
C VAL B 13 20.60 23.33 33.44
N GLN B 14 21.57 24.22 33.25
CA GLN B 14 21.42 25.39 32.34
C GLN B 14 22.37 25.33 31.15
N ALA B 15 23.45 24.55 31.20
CA ALA B 15 24.32 24.33 30.02
C ALA B 15 25.16 23.07 30.19
N VAL B 16 25.69 22.56 29.08
CA VAL B 16 26.53 21.34 29.07
C VAL B 16 27.76 21.60 28.21
N HIS B 17 28.94 21.36 28.78
CA HIS B 17 30.22 21.33 28.05
C HIS B 17 30.68 19.88 27.99
N LEU B 18 31.02 19.40 26.80
CA LEU B 18 31.51 18.02 26.61
C LEU B 18 32.93 18.08 26.09
N GLU B 19 33.86 17.39 26.76
CA GLU B 19 35.27 17.30 26.30
C GLU B 19 35.26 16.51 25.00
N SER B 20 35.76 17.11 23.90
CA SER B 20 35.89 16.42 22.60
C SER B 20 36.53 15.06 22.82
N ASP B 21 37.41 14.96 23.81
CA ASP B 21 38.07 13.69 24.20
C ASP B 21 37.02 12.59 24.34
N ALA B 22 35.88 12.90 24.96
CA ALA B 22 34.80 11.92 25.22
C ALA B 22 33.80 11.92 24.07
N PHE B 23 33.61 13.06 23.39
CA PHE B 23 32.72 13.11 22.21
C PHE B 23 33.22 12.11 21.18
N LEU B 24 34.54 11.95 21.07
CA LEU B 24 35.14 11.00 20.10
C LEU B 24 34.75 9.58 20.50
N VAL B 25 34.82 9.24 21.77
CA VAL B 25 34.43 7.88 22.24
C VAL B 25 32.95 7.67 21.90
N CYS B 26 32.10 8.65 22.20
CA CYS B 26 30.64 8.54 21.92
C CYS B 26 30.42 8.32 20.41
N LEU B 27 31.06 9.11 19.57
CA LEU B 27 30.85 9.05 18.10
C LEU B 27 31.35 7.70 17.57
N ASN B 28 32.52 7.24 18.01
CA ASN B 28 33.08 5.95 17.55
C ASN B 28 32.20 4.81 18.05
N HIS B 29 31.53 4.98 19.18
CA HIS B 29 30.57 3.96 19.69
C HIS B 29 29.33 3.97 18.80
N ALA B 30 28.88 5.14 18.37
CA ALA B 30 27.61 5.28 17.62
C ALA B 30 27.77 4.66 16.22
N LEU B 31 28.93 4.87 15.58
CA LEU B 31 29.21 4.41 14.20
C LEU B 31 29.65 2.93 14.21
N SER B 32 29.66 2.26 15.35
CA SER B 32 30.12 0.85 15.45
C SER B 32 29.10 -0.06 14.79
N THR B 33 27.81 0.26 14.89
CA THR B 33 26.74 -0.64 14.39
C THR B 33 25.50 0.15 14.00
N GLU B 34 24.85 -0.29 12.93
CA GLU B 34 23.60 0.33 12.41
C GLU B 34 22.41 -0.56 12.72
N LYS B 35 22.63 -1.85 13.01
CA LYS B 35 21.52 -2.84 13.17
C LYS B 35 20.81 -2.64 14.51
N GLU B 36 21.44 -2.00 15.50
CA GLU B 36 20.80 -1.78 16.82
C GLU B 36 21.19 -0.41 17.35
N GLU B 37 20.49 0.03 18.40
CA GLU B 37 20.82 1.26 19.13
C GLU B 37 21.75 0.92 20.28
N VAL B 38 22.77 1.76 20.48
CA VAL B 38 23.78 1.55 21.55
C VAL B 38 23.69 2.70 22.54
N MET B 39 24.23 2.49 23.73
CA MET B 39 24.06 3.42 24.85
C MET B 39 25.30 3.43 25.72
N GLY B 40 25.40 4.47 26.54
CA GLY B 40 26.46 4.60 27.55
C GLY B 40 26.16 5.73 28.50
N LEU B 41 27.02 5.89 29.52
CA LEU B 41 26.83 6.89 30.59
C LEU B 41 27.97 7.91 30.53
N CYS B 42 27.70 9.09 31.06
CA CYS B 42 28.59 10.27 30.97
C CYS B 42 28.95 10.72 32.39
N ILE B 43 30.25 10.72 32.67
CA ILE B 43 30.78 11.12 34.00
C ILE B 43 31.41 12.49 33.86
N GLY B 44 31.21 13.32 34.88
CA GLY B 44 31.75 14.69 34.90
C GLY B 44 31.51 15.39 36.21
N GLU B 45 31.29 16.70 36.14
CA GLU B 45 31.07 17.51 37.37
C GLU B 45 30.01 18.56 37.10
N LEU B 46 29.40 19.03 38.18
CA LEU B 46 28.54 20.23 38.17
C LEU B 46 29.39 21.44 38.53
N ASN B 47 29.17 22.54 37.82
CA ASN B 47 29.98 23.77 37.97
C ASN B 47 29.06 24.99 37.90
N ASP B 48 29.50 26.08 38.51
CA ASP B 48 28.80 27.39 38.41
C ASP B 48 29.81 28.40 37.87
N ASP B 49 29.40 29.19 36.87
CA ASP B 49 30.31 30.19 36.26
C ASP B 49 29.52 31.24 35.51
N ILE B 50 30.09 32.43 35.36
CA ILE B 50 29.43 33.60 34.71
C ILE B 50 28.06 33.84 35.37
N ILE B 73 24.76 30.68 36.51
CA ILE B 73 24.58 29.65 35.43
C ILE B 73 25.12 28.32 35.93
N ARG B 74 24.33 27.25 35.83
CA ARG B 74 24.73 25.89 36.21
C ARG B 74 25.12 25.10 34.96
N ILE B 75 26.30 24.49 35.00
CA ILE B 75 26.88 23.80 33.82
C ILE B 75 27.31 22.40 34.22
N VAL B 76 27.24 21.49 33.26
CA VAL B 76 27.73 20.10 33.44
C VAL B 76 28.93 19.90 32.53
N HIS B 77 30.10 19.67 33.12
CA HIS B 77 31.33 19.36 32.36
C HIS B 77 31.48 17.84 32.29
N ILE B 78 31.34 17.28 31.10
CA ILE B 78 31.50 15.81 30.89
C ILE B 78 32.93 15.56 30.45
N HIS B 79 33.65 14.69 31.17
CA HIS B 79 35.09 14.42 30.93
C HIS B 79 35.28 13.07 30.22
N SER B 80 34.54 12.05 30.64
CA SER B 80 34.70 10.69 30.10
C SER B 80 33.36 9.96 30.13
N VAL B 81 33.29 8.85 29.43
CA VAL B 81 32.04 8.04 29.34
C VAL B 81 32.40 6.57 29.54
N ILE B 82 31.39 5.79 29.90
CA ILE B 82 31.52 4.32 30.02
C ILE B 82 30.55 3.69 29.03
N ILE B 83 31.07 2.79 28.20
CA ILE B 83 30.26 2.06 27.20
C ILE B 83 29.53 0.92 27.92
N LEU B 84 28.28 0.67 27.55
CA LEU B 84 27.42 -0.33 28.21
C LEU B 84 26.83 -1.29 27.18
N ARG B 85 26.55 -2.50 27.64
CA ARG B 85 25.94 -3.57 26.80
C ARG B 85 24.44 -3.62 27.11
N ARG B 86 23.63 -3.56 26.07
CA ARG B 86 22.15 -3.63 26.21
C ARG B 86 21.74 -5.08 25.97
N SER B 87 20.93 -5.63 26.88
CA SER B 87 20.51 -7.05 26.84
C SER B 87 19.16 -7.19 26.11
N ASP B 88 18.18 -6.35 26.44
CA ASP B 88 16.80 -6.50 25.88
C ASP B 88 16.79 -6.10 24.41
N LYS B 89 17.56 -5.08 24.03
CA LYS B 89 17.67 -4.60 22.61
C LYS B 89 16.29 -4.14 22.14
N ARG B 90 15.85 -4.51 20.94
CA ARG B 90 14.57 -4.05 20.33
C ARG B 90 14.66 -2.54 20.04
N LYS B 91 13.73 -2.05 19.24
CA LYS B 91 13.63 -0.62 18.87
C LYS B 91 13.07 0.19 20.05
N ASP B 92 13.72 1.31 20.36
CA ASP B 92 13.14 2.38 21.21
C ASP B 92 13.15 1.96 22.68
N ARG B 93 13.43 0.70 22.99
CA ARG B 93 13.42 0.20 24.38
C ARG B 93 14.83 0.35 24.95
N VAL B 94 15.18 1.56 25.41
CA VAL B 94 16.54 1.84 25.93
C VAL B 94 16.42 2.23 27.40
N GLU B 95 16.97 1.40 28.28
CA GLU B 95 17.04 1.69 29.73
C GLU B 95 18.38 1.20 30.26
N ILE B 96 18.85 1.81 31.34
CA ILE B 96 20.08 1.40 32.06
C ILE B 96 19.67 0.87 33.43
N SER B 97 20.18 -0.30 33.80
CA SER B 97 19.85 -0.98 35.07
C SER B 97 20.57 -0.28 36.22
N PRO B 98 19.93 -0.13 37.40
CA PRO B 98 20.64 0.31 38.60
C PRO B 98 21.91 -0.49 38.90
N GLU B 99 22.03 -1.71 38.38
CA GLU B 99 23.29 -2.51 38.47
C GLU B 99 24.38 -1.77 37.67
N GLN B 100 24.06 -1.35 36.45
CA GLN B 100 24.97 -0.57 35.60
C GLN B 100 25.27 0.75 36.30
N LEU B 101 24.32 1.32 37.02
CA LEU B 101 24.53 2.59 37.76
C LEU B 101 25.53 2.34 38.90
N SER B 102 25.42 1.21 39.59
CA SER B 102 26.36 0.84 40.68
C SER B 102 27.76 0.71 40.10
N ALA B 103 27.90 -0.02 38.99
CA ALA B 103 29.21 -0.23 38.33
C ALA B 103 29.77 1.14 37.91
N ALA B 104 28.92 2.01 37.38
CA ALA B 104 29.34 3.32 36.84
C ALA B 104 29.76 4.23 37.99
N SER B 105 29.06 4.17 39.13
CA SER B 105 29.39 5.01 40.30
C SER B 105 30.70 4.51 40.90
N THR B 106 30.93 3.20 40.91
CA THR B 106 32.23 2.63 41.37
C THR B 106 33.36 3.15 40.48
N GLU B 107 33.18 3.08 39.16
CA GLU B 107 34.19 3.61 38.20
C GLU B 107 34.36 5.11 38.41
N ALA B 108 33.28 5.83 38.73
CA ALA B 108 33.32 7.29 38.95
C ALA B 108 34.20 7.59 40.16
N GLU B 109 34.01 6.85 41.26
CA GLU B 109 34.84 7.02 42.48
C GLU B 109 36.29 6.70 42.13
N ARG B 110 36.53 5.61 41.42
CA ARG B 110 37.91 5.19 41.06
C ARG B 110 38.59 6.32 40.26
N LEU B 111 37.90 6.87 39.27
CA LEU B 111 38.45 7.95 38.39
C LEU B 111 38.61 9.23 39.22
N ALA B 112 37.71 9.50 40.15
CA ALA B 112 37.77 10.70 41.03
C ALA B 112 39.04 10.61 41.89
N GLU B 113 39.37 9.43 42.39
CA GLU B 113 40.57 9.25 43.26
C GLU B 113 41.84 9.26 42.39
N LEU B 114 41.79 8.64 41.21
CA LEU B 114 42.96 8.55 40.30
C LEU B 114 43.28 9.94 39.75
N THR B 115 42.26 10.71 39.37
CA THR B 115 42.42 12.01 38.69
C THR B 115 42.29 13.17 39.68
N GLY B 116 41.77 12.91 40.89
CA GLY B 116 41.49 13.97 41.88
C GLY B 116 40.33 14.86 41.44
N ARG B 117 39.52 14.41 40.48
CA ARG B 117 38.34 15.17 39.99
C ARG B 117 37.09 14.73 40.78
N PRO B 118 36.02 15.56 40.83
CA PRO B 118 34.90 15.33 41.74
C PRO B 118 33.78 14.64 40.96
N MET B 119 34.11 13.50 40.35
CA MET B 119 33.33 12.96 39.21
C MET B 119 32.17 12.11 39.71
N ARG B 120 30.96 12.45 39.26
CA ARG B 120 29.73 11.67 39.52
C ARG B 120 29.07 11.37 38.17
N VAL B 121 28.17 10.40 38.13
CA VAL B 121 27.45 10.07 36.87
C VAL B 121 26.46 11.19 36.60
N VAL B 122 26.68 11.94 35.52
CA VAL B 122 25.93 13.20 35.25
C VAL B 122 24.99 13.04 34.06
N GLY B 123 25.20 12.06 33.18
CA GLY B 123 24.31 11.94 32.02
C GLY B 123 24.33 10.58 31.37
N TRP B 124 23.60 10.46 30.27
CA TRP B 124 23.51 9.23 29.47
C TRP B 124 23.35 9.60 28.00
N TYR B 125 23.72 8.68 27.13
CA TYR B 125 23.64 8.89 25.67
C TYR B 125 23.24 7.59 25.01
N HIS B 126 22.55 7.71 23.88
CA HIS B 126 22.24 6.57 23.01
C HIS B 126 22.22 7.03 21.55
N SER B 127 22.15 6.05 20.64
CA SER B 127 22.25 6.26 19.18
C SER B 127 20.88 6.07 18.55
N HIS B 128 20.59 6.91 17.55
CA HIS B 128 19.38 6.81 16.70
C HIS B 128 19.85 6.64 15.26
N PRO B 129 20.28 5.43 14.85
CA PRO B 129 20.68 5.20 13.47
C PRO B 129 19.46 5.15 12.53
N HIS B 130 19.62 5.77 11.36
CA HIS B 130 18.56 5.88 10.33
C HIS B 130 17.31 6.50 10.95
N ILE B 131 17.46 7.23 12.06
CA ILE B 131 16.31 7.81 12.81
C ILE B 131 16.68 9.25 13.20
N THR B 132 15.70 10.13 13.17
CA THR B 132 15.88 11.55 13.52
C THR B 132 16.50 11.63 14.92
N VAL B 133 17.29 12.67 15.14
CA VAL B 133 18.05 12.86 16.39
C VAL B 133 17.11 13.12 17.56
N TRP B 134 15.88 13.55 17.30
CA TRP B 134 14.98 13.95 18.41
C TRP B 134 14.64 12.76 19.28
N PRO B 135 14.37 12.98 20.59
CA PRO B 135 13.93 11.90 21.46
C PRO B 135 12.48 11.50 21.21
N SER B 136 12.19 10.21 21.34
CA SER B 136 10.80 9.67 21.36
C SER B 136 10.20 9.94 22.73
N HIS B 137 8.88 9.85 22.83
CA HIS B 137 8.14 10.00 24.12
C HIS B 137 8.70 8.98 25.12
N VAL B 138 9.14 7.82 24.66
CA VAL B 138 9.74 6.80 25.56
C VAL B 138 11.11 7.30 26.03
N ASP B 139 11.91 7.86 25.14
CA ASP B 139 13.22 8.46 25.53
C ASP B 139 12.96 9.51 26.61
N VAL B 140 11.95 10.35 26.44
CA VAL B 140 11.68 11.48 27.37
C VAL B 140 11.18 10.92 28.70
N ARG B 141 10.34 9.88 28.66
CA ARG B 141 9.81 9.25 29.90
C ARG B 141 10.99 8.65 30.67
N THR B 142 11.96 8.06 29.96
CA THR B 142 13.15 7.46 30.61
C THR B 142 14.00 8.59 31.21
N GLN B 143 14.16 9.69 30.48
CA GLN B 143 14.91 10.88 30.99
C GLN B 143 14.24 11.38 32.26
N ALA B 144 12.91 11.39 32.31
CA ALA B 144 12.15 11.84 33.50
C ALA B 144 12.36 10.84 34.64
N MET B 145 12.35 9.55 34.35
CA MET B 145 12.57 8.48 35.35
C MET B 145 13.97 8.67 35.96
N TYR B 146 14.94 9.09 35.16
CA TYR B 146 16.31 9.35 35.67
C TYR B 146 16.37 10.67 36.42
N GLN B 147 15.60 11.67 36.01
CA GLN B 147 15.56 12.99 36.71
C GLN B 147 14.96 12.81 38.10
N MET B 148 14.10 11.82 38.27
CA MET B 148 13.53 11.48 39.61
C MET B 148 14.69 11.17 40.58
N MET B 149 15.82 10.66 40.08
CA MET B 149 17.06 10.53 40.88
C MET B 149 17.59 11.92 41.23
N ASP B 150 17.74 12.79 40.23
CA ASP B 150 18.20 14.18 40.43
C ASP B 150 17.83 15.00 39.20
N GLN B 151 17.16 16.14 39.38
CA GLN B 151 16.71 17.02 38.26
C GLN B 151 17.92 17.56 37.49
N GLY B 152 19.15 17.34 37.98
CA GLY B 152 20.40 17.79 37.32
C GLY B 152 20.91 16.81 36.27
N PHE B 153 20.15 15.75 35.99
CA PHE B 153 20.55 14.71 35.01
C PHE B 153 20.13 15.15 33.61
N VAL B 154 21.04 14.97 32.65
CA VAL B 154 20.82 15.38 31.25
C VAL B 154 21.01 14.18 30.32
N GLY B 155 20.34 14.21 29.18
CA GLY B 155 20.39 13.13 28.18
C GLY B 155 21.02 13.61 26.90
N LEU B 156 21.73 12.71 26.21
CA LEU B 156 22.31 12.99 24.88
C LEU B 156 21.76 11.99 23.87
N ILE B 157 21.68 12.43 22.62
CA ILE B 157 21.27 11.55 21.50
C ILE B 157 22.16 11.85 20.31
N PHE B 158 22.63 10.80 19.65
CA PHE B 158 23.43 10.88 18.39
C PHE B 158 22.62 10.24 17.27
N SER B 159 22.32 11.02 16.23
CA SER B 159 21.71 10.54 14.98
C SER B 159 22.84 10.22 14.01
N CYS B 160 23.00 8.95 13.64
CA CYS B 160 24.18 8.47 12.89
C CYS B 160 23.92 8.58 11.40
N PHE B 161 24.61 7.74 10.61
CA PHE B 161 24.41 7.61 9.14
C PHE B 161 22.94 7.83 8.81
N ILE B 162 22.68 8.97 8.16
CA ILE B 162 21.38 9.25 7.51
C ILE B 162 21.63 9.20 6.01
N GLU B 163 20.88 8.34 5.31
CA GLU B 163 21.08 8.11 3.87
C GLU B 163 20.03 8.89 3.10
N ASP B 164 20.42 9.48 1.97
CA ASP B 164 19.52 10.32 1.17
C ASP B 164 20.08 10.43 -0.24
N LYS B 165 19.82 9.44 -1.10
CA LYS B 165 20.39 9.43 -2.47
C LYS B 165 19.83 10.60 -3.27
N ASN B 166 18.73 11.19 -2.85
CA ASN B 166 18.14 12.39 -3.53
C ASN B 166 19.13 13.54 -3.43
N THR B 167 19.63 13.82 -2.24
CA THR B 167 20.69 14.84 -2.03
C THR B 167 22.07 14.20 -2.27
N LYS B 168 22.18 12.88 -2.18
CA LYS B 168 23.45 12.10 -2.31
C LYS B 168 24.47 12.58 -1.29
N THR B 169 24.02 13.10 -0.14
CA THR B 169 24.91 13.56 0.94
C THR B 169 24.65 12.70 2.18
N GLY B 170 25.69 12.58 3.02
CA GLY B 170 25.61 11.98 4.37
C GLY B 170 25.46 13.04 5.45
N ARG B 171 24.92 12.67 6.61
CA ARG B 171 24.68 13.61 7.71
C ARG B 171 24.82 12.86 9.04
N VAL B 172 25.24 13.58 10.08
CA VAL B 172 25.36 13.06 11.47
C VAL B 172 25.10 14.22 12.43
N LEU B 173 24.21 13.99 13.40
CA LEU B 173 23.76 15.03 14.33
C LEU B 173 23.90 14.52 15.76
N TYR B 174 23.82 15.45 16.70
CA TYR B 174 23.76 15.16 18.15
C TYR B 174 23.00 16.29 18.82
N THR B 175 22.39 15.96 19.94
CA THR B 175 21.62 16.95 20.74
C THR B 175 21.61 16.53 22.19
N CYS B 176 21.31 17.50 23.05
CA CYS B 176 21.19 17.32 24.50
C CYS B 176 19.79 17.75 24.93
N PHE B 177 19.27 17.15 25.98
CA PHE B 177 17.86 17.45 26.38
C PHE B 177 17.65 17.09 27.84
N GLN B 178 16.54 17.63 28.35
CA GLN B 178 15.95 17.23 29.66
C GLN B 178 14.43 17.14 29.47
N SER B 179 13.72 16.87 30.55
CA SER B 179 12.26 16.68 30.53
C SER B 179 11.59 17.53 31.60
N ILE B 180 10.32 17.83 31.38
CA ILE B 180 9.49 18.61 32.33
C ILE B 180 8.12 17.96 32.43
N GLN B 181 7.54 18.02 33.62
CA GLN B 181 6.15 17.54 33.85
C GLN B 181 5.21 18.46 33.08
N ALA B 182 4.28 17.88 32.31
CA ALA B 182 3.34 18.66 31.48
C ALA B 182 2.38 19.45 32.39
N GLN B 183 1.63 20.37 31.79
CA GLN B 183 0.53 21.11 32.47
C GLN B 183 -0.56 20.09 32.82
N LYS B 184 -0.78 19.12 31.94
CA LYS B 184 -1.78 18.03 32.13
C LYS B 184 -1.10 16.80 32.76
N SER B 185 -1.90 15.79 33.08
CA SER B 185 -1.49 14.59 33.84
C SER B 185 -0.34 13.86 33.13
N SER B 186 0.72 13.56 33.87
CA SER B 186 1.87 12.75 33.40
C SER B 186 2.40 13.33 32.08
N GLU B 187 2.27 12.57 31.00
CA GLU B 187 2.69 12.97 29.63
C GLU B 187 3.82 14.00 29.70
N TYR B 188 5.02 13.59 30.13
CA TYR B 188 6.18 14.50 30.23
C TYR B 188 6.50 15.10 28.86
N GLU B 189 7.15 16.25 28.85
CA GLU B 189 7.53 16.93 27.58
C GLU B 189 9.04 17.17 27.55
N ARG B 190 9.59 17.28 26.34
CA ARG B 190 11.04 17.50 26.17
C ARG B 190 11.36 18.97 26.40
N ILE B 191 12.62 19.24 26.69
CA ILE B 191 13.17 20.63 26.70
C ILE B 191 14.63 20.57 26.27
N GLU B 192 15.06 21.55 25.49
CA GLU B 192 16.42 21.57 24.90
C GLU B 192 17.40 22.15 25.90
N ILE B 193 18.62 21.63 25.89
CA ILE B 193 19.75 22.13 26.70
C ILE B 193 20.86 22.52 25.76
N PRO B 194 21.41 23.75 25.86
CA PRO B 194 22.58 24.12 25.06
C PRO B 194 23.75 23.19 25.39
N ILE B 195 24.39 22.68 24.34
CA ILE B 195 25.57 21.80 24.46
C ILE B 195 26.66 22.32 23.54
N HIS B 196 27.87 22.39 24.07
CA HIS B 196 29.07 22.75 23.29
C HIS B 196 30.14 21.69 23.49
N ILE B 197 31.05 21.62 22.53
CA ILE B 197 32.23 20.72 22.62
C ILE B 197 33.46 21.56 22.95
N VAL B 198 34.11 21.21 24.05
CA VAL B 198 35.36 21.89 24.51
C VAL B 198 36.52 21.29 23.73
N PRO B 199 37.32 22.11 23.01
CA PRO B 199 38.42 21.56 22.23
C PRO B 199 39.51 20.98 23.12
N HIS B 200 39.54 19.65 23.26
CA HIS B 200 40.58 18.91 23.99
C HIS B 200 41.64 18.52 22.97
N ILE B 201 42.70 19.30 22.85
CA ILE B 201 43.59 19.26 21.65
C ILE B 201 44.17 17.85 21.49
N THR B 202 44.34 17.13 22.59
CA THR B 202 45.03 15.82 22.58
C THR B 202 44.18 14.78 23.32
N ILE B 203 44.57 13.51 23.14
CA ILE B 203 43.81 12.37 23.70
C ILE B 203 44.24 12.13 25.15
N GLY B 204 43.28 12.06 26.05
CA GLY B 204 43.49 11.57 27.42
C GLY B 204 43.57 10.06 27.44
N LYS B 205 44.35 9.49 28.35
CA LYS B 205 44.51 8.02 28.47
C LYS B 205 43.16 7.38 28.86
N VAL B 206 42.34 8.09 29.65
CA VAL B 206 41.02 7.57 30.11
C VAL B 206 40.19 7.18 28.87
N CYS B 207 40.21 8.01 27.83
CA CYS B 207 39.38 7.78 26.62
C CYS B 207 39.91 6.59 25.81
N LEU B 208 41.22 6.39 25.78
CA LEU B 208 41.81 5.18 25.14
C LEU B 208 41.36 3.94 25.92
N GLU B 209 41.45 4.00 27.26
CA GLU B 209 41.08 2.86 28.14
C GLU B 209 39.57 2.59 28.03
N SER B 210 38.76 3.60 27.65
CA SER B 210 37.31 3.45 27.43
C SER B 210 37.04 2.88 26.03
N ALA B 211 37.82 3.30 25.03
CA ALA B 211 37.60 2.91 23.62
C ALA B 211 37.99 1.44 23.44
N VAL B 212 39.02 0.98 24.14
CA VAL B 212 39.48 -0.43 24.00
C VAL B 212 38.50 -1.36 24.73
N GLU B 213 37.51 -0.84 25.45
CA GLU B 213 36.53 -1.71 26.19
C GLU B 213 35.45 -2.21 25.21
N LEU B 214 35.29 -1.54 24.06
CA LEU B 214 34.21 -1.89 23.11
C LEU B 214 34.45 -3.30 22.54
N PRO B 215 35.62 -3.62 21.94
CA PRO B 215 35.89 -5.00 21.51
C PRO B 215 35.70 -6.02 22.64
N LYS B 216 36.17 -5.69 23.85
CA LYS B 216 36.01 -6.59 25.02
C LYS B 216 34.52 -6.87 25.25
N ILE B 217 33.68 -5.83 25.21
CA ILE B 217 32.23 -5.97 25.52
C ILE B 217 31.58 -6.78 24.39
N LEU B 218 31.95 -6.54 23.14
CA LEU B 218 31.36 -7.32 22.01
C LEU B 218 31.73 -8.80 22.16
N CYS B 219 33.01 -9.08 22.43
CA CYS B 219 33.50 -10.46 22.59
C CYS B 219 32.77 -11.12 23.76
N GLN B 220 32.57 -10.37 24.85
CA GLN B 220 31.92 -10.90 26.07
C GLN B 220 30.45 -11.19 25.76
N GLU B 221 29.81 -10.35 24.96
CA GLU B 221 28.39 -10.54 24.56
C GLU B 221 28.27 -11.85 23.76
N GLU B 222 29.13 -12.03 22.77
CA GLU B 222 29.13 -13.27 21.95
C GLU B 222 29.39 -14.48 22.85
N GLN B 223 30.35 -14.36 23.77
CA GLN B 223 30.74 -15.48 24.66
C GLN B 223 29.56 -15.84 25.57
N ASP B 224 28.85 -14.85 26.09
CA ASP B 224 27.69 -15.08 26.99
C ASP B 224 26.58 -15.77 26.19
N ALA B 225 26.35 -15.33 24.95
CA ALA B 225 25.37 -15.98 24.06
C ALA B 225 25.73 -17.47 23.90
N TYR B 226 27.01 -17.76 23.62
CA TYR B 226 27.48 -19.15 23.41
C TYR B 226 27.30 -19.97 24.70
N ARG B 227 27.65 -19.38 25.85
CA ARG B 227 27.58 -20.08 27.16
C ARG B 227 26.12 -20.41 27.47
N ARG B 228 25.20 -19.47 27.24
CA ARG B 228 23.76 -19.70 27.49
C ARG B 228 23.24 -20.72 26.47
N ILE B 229 23.85 -20.79 25.29
CA ILE B 229 23.45 -21.80 24.26
C ILE B 229 23.82 -23.20 24.77
N HIS B 230 24.98 -23.34 25.41
CA HIS B 230 25.48 -24.65 25.89
C HIS B 230 24.74 -25.15 27.13
N SER B 231 23.80 -24.37 27.71
CA SER B 231 23.13 -24.74 28.98
C SER B 231 22.34 -26.05 28.78
N LEU B 232 21.63 -26.17 27.66
CA LEU B 232 20.98 -27.46 27.29
C LEU B 232 22.06 -28.35 26.68
N THR B 233 22.86 -28.99 27.53
CA THR B 233 24.03 -29.82 27.12
C THR B 233 23.53 -30.92 26.18
N HIS B 234 22.37 -31.52 26.48
CA HIS B 234 21.76 -32.60 25.66
C HIS B 234 21.30 -31.99 24.34
N LEU B 235 22.22 -31.90 23.38
CA LEU B 235 21.98 -31.23 22.07
C LEU B 235 22.81 -31.95 21.00
N ASP B 236 22.38 -31.86 19.73
CA ASP B 236 23.03 -32.58 18.62
C ASP B 236 24.47 -32.08 18.44
N SER B 237 25.37 -32.97 18.03
CA SER B 237 26.82 -32.65 17.89
C SER B 237 27.06 -31.80 16.65
N VAL B 238 26.44 -32.16 15.52
CA VAL B 238 26.57 -31.38 14.26
C VAL B 238 26.01 -29.97 14.51
N THR B 239 24.95 -29.86 15.31
CA THR B 239 24.38 -28.56 15.69
C THR B 239 25.42 -27.77 16.51
N LYS B 240 26.15 -28.44 17.39
CA LYS B 240 27.18 -27.75 18.22
C LYS B 240 28.32 -27.28 17.31
N ILE B 241 28.65 -28.06 16.29
CA ILE B 241 29.71 -27.64 15.31
C ILE B 241 29.20 -26.40 14.57
N HIS B 242 27.93 -26.41 14.15
CA HIS B 242 27.30 -25.26 13.44
C HIS B 242 27.38 -24.02 14.33
N ASN B 243 27.02 -24.16 15.61
CA ASN B 243 27.00 -23.01 16.55
C ASN B 243 28.43 -22.51 16.80
N GLY B 244 29.40 -23.42 16.86
CA GLY B 244 30.82 -23.06 17.02
C GLY B 244 31.28 -22.26 15.80
N SER B 245 30.89 -22.71 14.61
CA SER B 245 31.23 -22.03 13.34
C SER B 245 30.59 -20.64 13.36
N VAL B 246 29.36 -20.52 13.84
CA VAL B 246 28.65 -19.22 13.91
C VAL B 246 29.43 -18.31 14.86
N PHE B 247 29.86 -18.82 16.01
CA PHE B 247 30.62 -18.03 17.01
C PHE B 247 31.92 -17.52 16.38
N THR B 248 32.62 -18.41 15.69
CA THR B 248 33.91 -18.06 15.03
C THR B 248 33.66 -17.00 13.97
N LYS B 249 32.62 -17.14 13.15
CA LYS B 249 32.31 -16.18 12.07
C LYS B 249 31.96 -14.83 12.70
N ASN B 250 31.23 -14.84 13.81
CA ASN B 250 30.80 -13.59 14.49
C ASN B 250 32.05 -12.86 15.00
N LEU B 251 32.97 -13.57 15.66
CA LEU B 251 34.19 -12.92 16.20
C LEU B 251 35.09 -12.50 15.04
N CYS B 252 35.13 -13.25 13.94
CA CYS B 252 35.91 -12.86 12.74
C CYS B 252 35.36 -11.54 12.20
N SER B 253 34.05 -11.40 12.12
CA SER B 253 33.39 -10.14 11.67
C SER B 253 33.77 -9.03 12.65
N GLN B 254 33.68 -9.30 13.96
CA GLN B 254 34.01 -8.28 15.00
C GLN B 254 35.44 -7.79 14.78
N MET B 255 36.38 -8.70 14.56
CA MET B 255 37.80 -8.31 14.40
C MET B 255 38.00 -7.60 13.06
N SER B 256 37.32 -8.04 12.00
CA SER B 256 37.48 -7.45 10.64
C SER B 256 36.90 -6.03 10.62
N ALA B 257 35.84 -5.75 11.40
CA ALA B 257 35.08 -4.49 11.29
C ALA B 257 35.39 -3.53 12.46
N VAL B 258 35.88 -4.02 13.59
CA VAL B 258 36.04 -3.18 14.81
C VAL B 258 37.52 -3.17 15.22
N SER B 259 38.01 -4.26 15.80
CA SER B 259 39.37 -4.32 16.39
C SER B 259 40.41 -3.94 15.32
N GLY B 260 40.29 -4.50 14.12
CA GLY B 260 41.25 -4.26 13.03
C GLY B 260 41.32 -2.78 12.64
N PRO B 261 40.19 -2.18 12.23
CA PRO B 261 40.17 -0.74 11.92
C PRO B 261 40.60 0.14 13.11
N LEU B 262 40.20 -0.23 14.33
CA LEU B 262 40.61 0.56 15.54
C LEU B 262 42.13 0.52 15.67
N LEU B 263 42.74 -0.66 15.53
CA LEU B 263 44.21 -0.83 15.64
C LEU B 263 44.89 -0.05 14.52
N GLN B 264 44.33 -0.11 13.30
CA GLN B 264 44.88 0.66 12.15
C GLN B 264 44.85 2.15 12.50
N TRP B 265 43.75 2.62 13.07
CA TRP B 265 43.58 4.04 13.46
C TRP B 265 44.66 4.40 14.49
N LEU B 266 44.91 3.53 15.46
CA LEU B 266 45.89 3.85 16.53
C LEU B 266 47.29 3.91 15.93
N GLU B 267 47.62 2.99 15.02
CA GLU B 267 48.94 3.02 14.34
C GLU B 267 49.08 4.31 13.53
N ASP B 268 48.04 4.68 12.78
CA ASP B 268 48.04 5.91 11.93
C ASP B 268 48.23 7.12 12.85
N ARG B 269 47.60 7.10 14.02
CA ARG B 269 47.69 8.22 14.99
C ARG B 269 49.13 8.29 15.53
N LEU B 270 49.76 7.14 15.76
CA LEU B 270 51.16 7.14 16.26
C LEU B 270 52.07 7.77 15.20
N GLU B 271 51.89 7.39 13.93
CA GLU B 271 52.69 7.96 12.81
C GLU B 271 52.42 9.48 12.73
N GLN B 272 51.16 9.90 12.79
CA GLN B 272 50.77 11.32 12.76
C GLN B 272 51.47 12.05 13.90
N ASN B 273 51.51 11.46 15.09
CA ASN B 273 52.10 12.10 16.30
C ASN B 273 53.63 12.21 16.13
N GLN B 274 54.26 11.21 15.54
CA GLN B 274 55.72 11.28 15.28
C GLN B 274 56.02 12.43 14.32
N GLN B 275 55.28 12.51 13.22
CA GLN B 275 55.48 13.59 12.21
C GLN B 275 55.22 14.94 12.87
N HIS B 276 54.18 15.04 13.68
CA HIS B 276 53.77 16.31 14.33
C HIS B 276 54.84 16.71 15.36
N LEU B 277 55.38 15.74 16.08
CA LEU B 277 56.49 15.99 17.05
C LEU B 277 57.68 16.58 16.30
N GLN B 278 58.03 16.00 15.16
CA GLN B 278 59.20 16.49 14.37
C GLN B 278 58.91 17.93 13.91
N GLU B 279 57.71 18.19 13.39
CA GLU B 279 57.35 19.54 12.89
C GLU B 279 57.39 20.55 14.06
N LEU B 280 56.86 20.17 15.22
CA LEU B 280 56.78 21.08 16.38
C LEU B 280 58.19 21.32 16.94
N GLN B 281 59.08 20.34 16.87
CA GLN B 281 60.50 20.50 17.31
C GLN B 281 61.17 21.51 16.36
N GLN B 282 60.93 21.37 15.05
CA GLN B 282 61.47 22.32 14.06
C GLN B 282 60.96 23.72 14.39
N GLU B 283 59.67 23.85 14.67
CA GLU B 283 59.04 25.17 14.96
C GLU B 283 59.62 25.75 16.26
N LYS B 284 59.83 24.91 17.27
CA LYS B 284 60.41 25.33 18.57
C LYS B 284 61.83 25.87 18.33
N GLU B 285 62.64 25.16 17.53
CA GLU B 285 64.01 25.62 17.21
C GLU B 285 63.94 26.95 16.46
N GLU B 286 63.02 27.07 15.50
CA GLU B 286 62.87 28.32 14.70
C GLU B 286 62.53 29.48 15.65
N LEU B 287 61.58 29.30 16.56
CA LEU B 287 61.16 30.39 17.48
C LEU B 287 62.30 30.71 18.46
N MET B 288 63.03 29.70 18.92
CA MET B 288 64.21 29.91 19.82
C MET B 288 65.21 30.81 19.09
N GLU B 289 65.51 30.52 17.83
CA GLU B 289 66.46 31.33 17.02
C GLU B 289 65.89 32.75 16.85
N GLU B 290 64.60 32.86 16.56
CA GLU B 290 63.94 34.17 16.31
C GLU B 290 64.05 35.03 17.57
N LEU B 291 63.89 34.45 18.75
CA LEU B 291 63.91 35.23 20.01
C LEU B 291 65.35 35.48 20.48
N SER B 292 66.29 34.61 20.15
CA SER B 292 67.72 34.79 20.54
C SER B 292 68.33 35.93 19.70
N SER B 293 68.08 35.94 18.39
CA SER B 293 68.73 36.91 17.47
C SER B 293 68.04 38.27 17.56
N LEU B 294 66.72 38.31 17.78
CA LEU B 294 65.96 39.59 17.81
C LEU B 294 66.33 40.36 19.08
N GLU B 295 65.40 40.41 20.04
CA GLU B 295 65.57 41.16 21.32
C GLU B 295 64.46 40.75 22.27
N MET C 5 20.09 40.18 9.09
CA MET C 5 20.60 41.19 10.06
C MET C 5 20.93 42.49 9.32
N SER C 6 20.32 43.60 9.72
CA SER C 6 20.58 44.95 9.13
C SER C 6 22.07 45.26 9.25
N PRO C 7 22.65 46.07 8.35
CA PRO C 7 24.08 46.40 8.44
C PRO C 7 24.50 47.04 9.78
N GLU C 8 23.67 47.93 10.33
CA GLU C 8 23.96 48.60 11.62
C GLU C 8 24.00 47.55 12.74
N ILE C 9 23.34 46.40 12.57
CA ILE C 9 23.37 45.31 13.57
C ILE C 9 24.53 44.36 13.24
N ALA C 10 24.84 44.16 11.97
CA ALA C 10 25.86 43.18 11.51
C ALA C 10 27.26 43.71 11.87
N LEU C 11 27.52 45.00 11.67
CA LEU C 11 28.88 45.58 11.85
C LEU C 11 29.33 45.51 13.32
N ASN C 12 28.44 45.14 14.25
CA ASN C 12 28.81 44.98 15.68
C ASN C 12 29.18 43.53 15.98
N ARG C 13 28.90 42.59 15.07
CA ARG C 13 29.06 41.15 15.36
C ARG C 13 30.33 40.59 14.71
N ILE C 14 30.84 41.26 13.69
CA ILE C 14 32.00 40.75 12.89
C ILE C 14 33.26 40.83 13.75
N SER C 15 34.18 39.87 13.55
CA SER C 15 35.52 39.85 14.16
C SER C 15 36.21 41.17 13.83
N PRO C 16 36.86 41.81 14.83
CA PRO C 16 37.37 43.16 14.65
C PRO C 16 38.40 43.25 13.52
N MET C 17 39.25 42.24 13.37
CA MET C 17 40.33 42.25 12.37
C MET C 17 39.73 42.26 10.96
N LEU C 18 38.48 41.83 10.81
CA LEU C 18 37.83 41.74 9.47
C LEU C 18 36.77 42.82 9.30
N SER C 19 36.35 43.47 10.37
CA SER C 19 35.30 44.52 10.30
C SER C 19 35.63 45.60 9.26
N PRO C 20 36.88 46.11 9.14
CA PRO C 20 37.16 47.19 8.20
C PRO C 20 36.85 46.87 6.73
N PHE C 21 37.10 45.63 6.30
CA PHE C 21 36.85 45.24 4.89
C PHE C 21 35.37 45.41 4.57
N ILE C 22 34.55 44.73 5.35
CA ILE C 22 33.08 44.75 5.13
C ILE C 22 32.57 46.17 5.35
N SER C 23 33.16 46.93 6.26
CA SER C 23 32.76 48.33 6.55
C SER C 23 32.97 49.16 5.28
N SER C 24 34.15 49.08 4.67
CA SER C 24 34.47 49.81 3.41
C SER C 24 33.46 49.39 2.33
N VAL C 25 33.22 48.09 2.19
CA VAL C 25 32.34 47.56 1.12
C VAL C 25 30.94 48.15 1.29
N VAL C 26 30.38 48.05 2.49
CA VAL C 26 28.99 48.47 2.76
C VAL C 26 28.93 49.98 2.51
N ARG C 27 29.87 50.73 3.10
CA ARG C 27 29.85 52.22 3.07
C ARG C 27 29.97 52.69 1.62
N ASN C 28 30.69 51.95 0.78
CA ASN C 28 30.80 52.31 -0.65
C ASN C 28 29.43 52.11 -1.31
N GLY C 29 28.64 51.16 -0.81
CA GLY C 29 27.31 50.84 -1.37
C GLY C 29 27.44 50.32 -2.80
N LYS C 30 26.57 49.41 -3.23
CA LYS C 30 26.62 48.74 -4.55
C LYS C 30 28.00 48.12 -4.80
N VAL C 31 28.18 47.47 -5.94
CA VAL C 31 29.52 47.03 -6.43
C VAL C 31 29.74 47.64 -7.81
N GLY C 32 28.89 47.27 -8.77
CA GLY C 32 28.92 47.83 -10.14
C GLY C 32 27.98 49.01 -10.29
N LEU C 33 26.94 48.87 -11.10
CA LEU C 33 25.89 49.90 -11.26
C LEU C 33 24.58 49.44 -10.61
N ASP C 34 24.38 48.13 -10.40
CA ASP C 34 23.35 47.58 -9.47
C ASP C 34 21.89 47.87 -9.90
N ALA C 35 21.53 49.14 -10.13
CA ALA C 35 20.14 49.58 -10.42
C ALA C 35 19.27 49.51 -9.16
N THR C 36 19.04 48.31 -8.62
CA THR C 36 18.09 48.10 -7.50
C THR C 36 18.65 48.69 -6.20
N ASN C 37 19.98 48.74 -6.04
CA ASN C 37 20.65 49.37 -4.87
C ASN C 37 20.31 48.62 -3.57
N CYS C 38 19.83 47.38 -3.66
CA CYS C 38 19.41 46.58 -2.48
C CYS C 38 20.62 45.84 -1.88
N LEU C 39 21.76 46.51 -1.68
CA LEU C 39 22.96 45.85 -1.09
C LEU C 39 22.66 45.47 0.36
N ARG C 40 23.02 44.26 0.76
CA ARG C 40 22.74 43.73 2.13
C ARG C 40 23.67 42.57 2.45
N ILE C 41 23.89 42.36 3.74
CA ILE C 41 24.52 41.12 4.28
C ILE C 41 23.47 40.37 5.08
N THR C 42 23.26 39.09 4.79
CA THR C 42 22.15 38.31 5.37
C THR C 42 22.66 37.29 6.37
N ASP C 43 23.07 36.11 5.90
CA ASP C 43 23.50 35.01 6.80
C ASP C 43 24.92 35.30 7.26
N LEU C 44 25.15 35.26 8.57
CA LEU C 44 26.48 35.57 9.15
C LEU C 44 26.71 34.63 10.32
N LYS C 45 27.75 33.82 10.24
CA LYS C 45 27.98 32.71 11.21
C LYS C 45 29.42 32.76 11.72
N SER C 46 29.65 32.04 12.82
CA SER C 46 30.86 32.15 13.66
C SER C 46 32.07 31.61 12.89
N GLY C 47 31.93 30.47 12.22
CA GLY C 47 33.05 29.80 11.55
C GLY C 47 34.22 29.53 12.50
N CYS C 48 33.94 29.21 13.75
CA CYS C 48 34.96 28.93 14.79
C CYS C 48 34.30 28.14 15.92
N THR C 49 35.09 27.55 16.81
CA THR C 49 34.56 26.84 18.00
C THR C 49 33.55 27.74 18.70
N SER C 50 32.40 27.18 19.07
CA SER C 50 31.26 27.95 19.64
C SER C 50 31.69 28.67 20.91
N LEU C 51 32.73 28.20 21.61
CA LEU C 51 33.16 28.73 22.92
C LEU C 51 34.14 29.91 22.77
N THR C 52 34.43 30.35 21.55
CA THR C 52 35.32 31.52 21.33
C THR C 52 34.51 32.78 21.58
N PRO C 53 34.85 33.56 22.62
CA PRO C 53 33.99 34.65 23.06
C PRO C 53 34.04 35.89 22.17
N GLY C 54 33.17 36.84 22.54
CA GLY C 54 33.08 38.21 21.98
C GLY C 54 32.87 38.17 20.48
N PRO C 55 32.97 39.34 19.80
CA PRO C 55 32.84 39.39 18.35
C PRO C 55 33.76 38.35 17.69
N ASN C 56 33.22 37.58 16.75
CA ASN C 56 33.84 36.32 16.31
C ASN C 56 33.45 35.97 14.87
N CYS C 57 32.29 36.44 14.40
CA CYS C 57 31.73 36.01 13.10
C CYS C 57 32.62 36.44 11.95
N ASP C 58 32.70 35.63 10.90
CA ASP C 58 33.62 35.87 9.75
C ASP C 58 33.08 35.28 8.45
N ARG C 59 32.20 34.29 8.52
CA ARG C 59 31.48 33.77 7.34
C ARG C 59 30.26 34.69 7.11
N PHE C 60 29.90 34.94 5.87
CA PHE C 60 28.61 35.63 5.61
C PHE C 60 28.17 35.41 4.17
N LYS C 61 26.96 35.87 3.90
CA LYS C 61 26.32 35.84 2.57
C LYS C 61 26.03 37.26 2.15
N LEU C 62 26.42 37.61 0.93
CA LEU C 62 26.35 38.99 0.39
C LEU C 62 25.36 39.00 -0.77
N HIS C 63 24.43 39.95 -0.72
CA HIS C 63 23.44 40.20 -1.79
C HIS C 63 23.96 41.36 -2.64
N ILE C 64 24.57 41.06 -3.78
CA ILE C 64 25.13 42.10 -4.69
C ILE C 64 24.09 42.43 -5.74
N PRO C 65 23.52 43.64 -5.75
CA PRO C 65 22.60 44.02 -6.81
C PRO C 65 23.39 44.22 -8.10
N TYR C 66 22.92 43.57 -9.17
CA TYR C 66 23.61 43.59 -10.48
C TYR C 66 22.58 43.51 -11.60
N ALA C 67 22.58 44.48 -12.50
CA ALA C 67 21.72 44.50 -13.70
C ALA C 67 20.27 44.18 -13.33
N GLY C 68 19.69 44.92 -12.40
CA GLY C 68 18.28 44.78 -11.99
C GLY C 68 18.02 43.47 -11.26
N GLU C 69 19.01 42.58 -11.17
CA GLU C 69 18.88 41.28 -10.46
C GLU C 69 19.74 41.32 -9.20
N THR C 70 19.81 40.22 -8.48
CA THR C 70 20.58 40.14 -7.22
C THR C 70 21.39 38.84 -7.22
N LEU C 71 22.70 38.98 -7.07
CA LEU C 71 23.62 37.83 -6.96
C LEU C 71 23.76 37.49 -5.49
N LYS C 72 23.61 36.22 -5.15
CA LYS C 72 23.67 35.74 -3.75
C LYS C 72 24.98 34.97 -3.59
N TRP C 73 26.03 35.65 -3.16
CA TRP C 73 27.39 35.07 -3.07
C TRP C 73 27.78 34.86 -1.61
N ASP C 74 28.23 33.66 -1.27
CA ASP C 74 28.75 33.39 0.09
C ASP C 74 30.23 33.77 0.09
N ILE C 75 30.65 34.50 1.12
CA ILE C 75 32.08 34.89 1.30
C ILE C 75 32.56 34.34 2.65
N ILE C 76 33.77 33.82 2.66
CA ILE C 76 34.30 33.07 3.84
C ILE C 76 35.67 33.64 4.19
N PHE C 77 35.81 34.04 5.44
CA PHE C 77 37.10 34.37 6.08
C PHE C 77 37.30 33.40 7.25
N ASN C 78 38.48 33.43 7.85
CA ASN C 78 38.75 32.71 9.13
C ASN C 78 39.25 33.73 10.15
N ALA C 79 38.56 33.83 11.29
CA ALA C 79 38.83 34.88 12.30
C ALA C 79 40.23 34.70 12.85
N GLN C 80 40.64 33.45 13.11
CA GLN C 80 41.94 33.16 13.76
C GLN C 80 43.08 33.32 12.76
N TYR C 81 42.81 33.63 11.50
CA TYR C 81 43.85 33.87 10.48
C TYR C 81 43.43 35.05 9.61
N PRO C 82 43.25 36.25 10.18
CA PRO C 82 42.65 37.36 9.44
C PRO C 82 43.47 37.78 8.22
N GLU C 83 44.78 37.55 8.24
CA GLU C 83 45.67 38.00 7.15
C GLU C 83 45.29 37.27 5.86
N LEU C 84 44.68 36.08 5.96
CA LEU C 84 44.51 35.18 4.81
C LEU C 84 43.42 35.72 3.91
N PRO C 85 43.49 35.37 2.60
CA PRO C 85 42.49 35.82 1.64
C PRO C 85 41.18 35.08 1.85
N PRO C 86 40.09 35.62 1.30
CA PRO C 86 38.79 35.00 1.43
C PRO C 86 38.58 33.82 0.49
N ASP C 87 37.41 33.21 0.58
CA ASP C 87 36.94 32.20 -0.39
C ASP C 87 35.49 32.53 -0.75
N PHE C 88 35.08 32.14 -1.94
CA PHE C 88 33.79 32.57 -2.55
C PHE C 88 32.97 31.37 -2.98
N ILE C 89 31.65 31.52 -2.92
CA ILE C 89 30.68 30.56 -3.50
C ILE C 89 29.60 31.37 -4.23
N PHE C 90 29.27 30.98 -5.45
CA PHE C 90 28.43 31.80 -6.35
C PHE C 90 27.01 31.25 -6.38
N GLY C 91 26.49 30.87 -5.22
CA GLY C 91 25.12 30.35 -5.07
C GLY C 91 24.85 29.23 -6.06
N GLU C 92 23.67 29.22 -6.69
CA GLU C 92 23.24 28.11 -7.57
C GLU C 92 23.86 28.28 -8.98
N ASP C 93 24.58 29.38 -9.22
CA ASP C 93 25.19 29.67 -10.54
C ASP C 93 26.53 28.92 -10.61
N ALA C 94 26.46 27.61 -10.80
CA ALA C 94 27.64 26.71 -10.78
C ALA C 94 28.49 26.95 -12.02
N GLU C 95 27.85 27.21 -13.17
CA GLU C 95 28.53 27.34 -14.49
C GLU C 95 29.50 28.52 -14.50
N PHE C 96 29.52 29.38 -13.48
CA PHE C 96 30.40 30.57 -13.49
C PHE C 96 31.86 30.14 -13.56
N LEU C 97 32.58 30.61 -14.59
CA LEU C 97 34.02 30.33 -14.79
C LEU C 97 34.79 31.64 -14.60
N PRO C 98 35.25 31.95 -13.37
CA PRO C 98 36.08 33.13 -13.15
C PRO C 98 37.55 32.86 -13.49
N ASP C 99 38.10 33.63 -14.42
CA ASP C 99 39.52 33.49 -14.82
C ASP C 99 40.38 34.10 -13.72
N PRO C 100 41.18 33.30 -12.97
CA PRO C 100 41.96 33.83 -11.86
C PRO C 100 43.08 34.79 -12.26
N SER C 101 43.38 34.90 -13.56
CA SER C 101 44.44 35.80 -14.06
C SER C 101 44.01 37.27 -13.98
N ALA C 102 42.70 37.56 -14.04
CA ALA C 102 42.16 38.94 -14.03
C ALA C 102 42.00 39.45 -12.60
N LEU C 103 42.10 38.57 -11.60
CA LEU C 103 41.90 38.97 -10.18
C LEU C 103 43.24 39.43 -9.59
N HIS C 104 43.72 40.58 -10.04
CA HIS C 104 45.01 41.15 -9.58
C HIS C 104 44.95 41.37 -8.06
N ASN C 105 43.85 41.92 -7.56
CA ASN C 105 43.70 42.24 -6.11
C ASN C 105 43.58 40.96 -5.30
N LEU C 106 43.17 39.85 -5.93
CA LEU C 106 43.14 38.54 -5.21
C LEU C 106 44.51 37.88 -5.33
N ALA C 107 45.14 37.92 -6.50
CA ALA C 107 46.50 37.35 -6.70
C ALA C 107 47.47 38.04 -5.73
N SER C 108 47.36 39.36 -5.59
CA SER C 108 48.22 40.19 -4.72
C SER C 108 47.42 40.59 -3.48
N TRP C 109 46.69 39.66 -2.89
CA TRP C 109 45.85 39.94 -1.69
C TRP C 109 46.72 40.60 -0.62
N ASN C 110 46.24 41.71 -0.08
CA ASN C 110 46.99 42.49 0.93
C ASN C 110 45.97 43.11 1.88
N PRO C 111 45.79 42.57 3.10
CA PRO C 111 45.00 43.25 4.13
C PRO C 111 45.45 44.69 4.44
N SER C 112 46.64 45.07 3.99
CA SER C 112 47.23 46.42 4.14
C SER C 112 46.25 47.49 3.62
N ASN C 113 45.37 47.15 2.68
CA ASN C 113 44.37 48.09 2.16
C ASN C 113 43.00 47.60 2.61
N PRO C 114 42.26 48.33 3.46
CA PRO C 114 40.89 47.93 3.82
C PRO C 114 39.95 47.72 2.62
N GLU C 115 40.17 48.44 1.51
CA GLU C 115 39.34 48.32 0.29
C GLU C 115 39.62 47.01 -0.46
N CYS C 116 40.60 46.22 -0.06
CA CYS C 116 41.04 45.02 -0.83
C CYS C 116 39.83 44.16 -1.20
N LEU C 117 39.03 43.74 -0.22
CA LEU C 117 37.89 42.84 -0.51
C LEU C 117 37.03 43.49 -1.60
N LEU C 118 36.72 44.77 -1.44
CA LEU C 118 35.88 45.51 -2.42
C LEU C 118 36.54 45.42 -3.80
N LEU C 119 37.82 45.78 -3.90
CA LEU C 119 38.55 45.72 -5.20
C LEU C 119 38.48 44.30 -5.76
N VAL C 120 38.57 43.28 -4.90
CA VAL C 120 38.43 41.87 -5.35
C VAL C 120 37.02 41.69 -5.90
N VAL C 121 36.01 41.94 -5.08
CA VAL C 121 34.60 41.64 -5.47
C VAL C 121 34.28 42.42 -6.73
N LYS C 122 34.68 43.69 -6.79
CA LYS C 122 34.44 44.54 -7.98
C LYS C 122 34.99 43.83 -9.21
N GLU C 123 36.27 43.44 -9.18
CA GLU C 123 36.90 42.72 -10.32
C GLU C 123 36.12 41.44 -10.61
N LEU C 124 35.70 40.71 -9.58
CA LEU C 124 34.92 39.47 -9.78
C LEU C 124 33.66 39.77 -10.60
N VAL C 125 32.97 40.85 -10.28
CA VAL C 125 31.73 41.20 -11.01
C VAL C 125 32.10 41.50 -12.47
N GLN C 126 33.24 42.13 -12.71
CA GLN C 126 33.69 42.41 -14.09
C GLN C 126 33.82 41.09 -14.86
N GLN C 127 34.35 40.04 -14.22
CA GLN C 127 34.43 38.71 -14.87
C GLN C 127 33.01 38.17 -15.08
N TYR C 128 32.14 38.33 -14.09
CA TYR C 128 30.77 37.77 -14.18
C TYR C 128 30.05 38.38 -15.38
N HIS C 129 30.19 39.69 -15.57
CA HIS C 129 29.70 40.38 -16.78
C HIS C 129 30.14 39.60 -18.01
N GLN C 130 31.44 39.39 -18.15
CA GLN C 130 32.01 38.69 -19.33
C GLN C 130 31.37 37.31 -19.41
N PHE C 131 31.22 36.62 -18.27
CA PHE C 131 30.66 35.25 -18.24
C PHE C 131 29.24 35.29 -18.82
N GLN C 132 28.45 36.28 -18.44
CA GLN C 132 27.08 36.43 -18.99
C GLN C 132 27.17 36.53 -20.51
N CYS C 133 28.09 37.34 -21.02
CA CYS C 133 28.27 37.49 -22.48
C CYS C 133 28.52 36.12 -23.10
N GLY C 134 29.35 35.28 -22.46
CA GLY C 134 29.67 33.92 -22.93
C GLY C 134 28.40 33.11 -23.13
N ARG C 135 27.47 33.21 -22.17
CA ARG C 135 26.16 32.52 -22.30
C ARG C 135 25.33 33.28 -23.33
N LEU C 136 25.34 34.61 -23.25
CA LEU C 136 24.52 35.48 -24.14
C LEU C 136 24.89 35.16 -25.58
N ARG C 137 26.17 35.02 -25.90
CA ARG C 137 26.64 34.78 -27.29
C ARG C 137 25.94 33.53 -27.84
N GLU C 138 25.64 32.54 -26.99
CA GLU C 138 25.10 31.23 -27.45
C GLU C 138 23.64 31.39 -27.88
N SER C 139 23.02 32.54 -27.65
CA SER C 139 21.62 32.83 -28.09
C SER C 139 21.60 33.50 -29.47
N SER C 140 22.63 34.27 -29.82
CA SER C 140 22.80 34.91 -31.14
C SER C 140 21.80 36.06 -31.32
N ARG C 141 21.96 36.83 -32.40
CA ARG C 141 21.07 37.95 -32.80
C ARG C 141 21.37 39.17 -31.95
N LEU C 142 21.47 39.00 -30.63
CA LEU C 142 21.56 40.15 -29.69
C LEU C 142 22.99 40.67 -29.60
N MET C 143 23.99 39.84 -29.88
CA MET C 143 25.41 40.29 -29.87
C MET C 143 25.55 41.48 -30.82
N PHE C 144 24.76 41.50 -31.92
CA PHE C 144 24.80 42.61 -32.90
C PHE C 144 24.69 43.94 -32.16
N GLU C 145 23.89 43.99 -31.09
CA GLU C 145 23.80 45.20 -30.23
C GLU C 145 25.01 45.29 -29.32
N TYR C 146 25.30 44.24 -28.54
CA TYR C 146 26.41 44.26 -27.56
C TYR C 146 27.67 44.76 -28.27
N GLN C 147 28.03 44.12 -29.38
CA GLN C 147 29.26 44.45 -30.16
C GLN C 147 29.19 45.92 -30.55
N THR C 148 28.07 46.37 -31.11
CA THR C 148 27.88 47.77 -31.56
C THR C 148 28.15 48.73 -30.40
N LEU C 149 27.74 48.36 -29.19
CA LEU C 149 27.92 49.25 -28.02
C LEU C 149 29.33 49.10 -27.48
N LEU C 150 29.94 47.92 -27.63
CA LEU C 150 31.33 47.68 -27.13
C LEU C 150 32.30 48.58 -27.91
N GLU C 151 32.00 48.88 -29.17
CA GLU C 151 32.85 49.77 -30.01
C GLU C 151 32.67 51.22 -29.56
N GLU C 152 31.80 51.50 -28.59
CA GLU C 152 31.65 52.85 -27.99
C GLU C 152 32.08 52.78 -26.54
N PRO C 153 33.39 52.96 -26.24
CA PRO C 153 33.88 52.75 -24.89
C PRO C 153 33.15 53.56 -23.81
N GLN C 154 32.81 54.82 -24.08
CA GLN C 154 32.17 55.73 -23.08
C GLN C 154 30.86 55.10 -22.60
N TYR C 155 30.23 54.25 -23.42
CA TYR C 155 29.03 53.46 -23.00
C TYR C 155 29.43 52.02 -22.68
N GLY C 156 30.24 51.40 -23.54
CA GLY C 156 30.53 49.95 -23.49
C GLY C 156 31.20 49.56 -22.19
N GLU C 157 32.12 50.38 -21.69
CA GLU C 157 32.96 50.03 -20.51
C GLU C 157 32.27 50.53 -19.23
N ASN C 158 31.17 51.27 -19.35
CA ASN C 158 30.31 51.62 -18.18
C ASN C 158 29.01 50.83 -18.31
N MET C 159 29.12 49.51 -18.45
CA MET C 159 27.97 48.67 -18.85
C MET C 159 27.93 47.40 -18.01
N GLU C 160 26.74 46.87 -17.85
CA GLU C 160 26.53 45.52 -17.27
C GLU C 160 25.44 44.81 -18.07
N ILE C 161 25.47 43.48 -18.04
CA ILE C 161 24.61 42.66 -18.90
C ILE C 161 24.18 41.41 -18.14
N TYR C 162 22.99 40.92 -18.45
CA TYR C 162 22.47 39.67 -17.87
C TYR C 162 21.62 38.98 -18.93
N ALA C 163 21.59 37.66 -18.85
CA ALA C 163 20.74 36.81 -19.72
C ALA C 163 20.15 35.70 -18.86
N GLY C 164 18.85 35.49 -19.00
CA GLY C 164 18.10 34.48 -18.21
C GLY C 164 18.26 33.09 -18.80
N LYS C 165 18.20 32.08 -17.93
CA LYS C 165 18.26 30.66 -18.34
C LYS C 165 17.18 30.40 -19.38
N LYS C 166 17.38 29.38 -20.22
CA LYS C 166 16.43 29.04 -21.30
C LYS C 166 15.07 28.74 -20.68
N ASN C 167 14.01 29.18 -21.35
CA ASN C 167 12.62 28.86 -20.97
C ASN C 167 12.39 27.37 -21.23
N ASN C 168 11.81 26.68 -20.25
CA ASN C 168 11.53 25.22 -20.35
C ASN C 168 10.70 24.97 -21.62
N TRP C 169 9.81 25.90 -21.97
CA TRP C 169 9.00 25.84 -23.22
C TRP C 169 9.51 26.90 -24.19
N THR C 170 9.73 26.56 -25.47
CA THR C 170 10.10 27.51 -26.56
C THR C 170 11.61 27.80 -26.56
N GLY C 171 12.26 27.75 -25.40
CA GLY C 171 13.73 27.91 -25.30
C GLY C 171 14.16 29.34 -25.58
N GLU C 172 13.27 30.31 -25.31
CA GLU C 172 13.59 31.75 -25.49
C GLU C 172 14.55 32.20 -24.39
N PHE C 173 15.20 33.34 -24.63
CA PHE C 173 16.07 34.02 -23.64
C PHE C 173 15.49 35.39 -23.31
N SER C 174 15.47 35.71 -22.02
CA SER C 174 15.30 37.10 -21.53
C SER C 174 16.69 37.70 -21.35
N ALA C 175 16.85 38.98 -21.66
CA ALA C 175 18.15 39.66 -21.56
C ALA C 175 17.96 41.08 -21.06
N ARG C 176 19.00 41.61 -20.42
CA ARG C 176 18.98 43.01 -19.91
C ARG C 176 20.35 43.64 -20.08
N PHE C 177 20.35 44.84 -20.64
CA PHE C 177 21.52 45.73 -20.67
C PHE C 177 21.30 46.84 -19.65
N LEU C 178 22.39 47.26 -19.03
CA LEU C 178 22.36 48.39 -18.07
C LEU C 178 23.54 49.30 -18.36
N LEU C 179 23.26 50.60 -18.43
CA LEU C 179 24.26 51.62 -18.84
C LEU C 179 24.31 52.74 -17.82
N LYS C 180 25.51 53.23 -17.54
CA LYS C 180 25.72 54.47 -16.78
C LYS C 180 25.90 55.58 -17.81
N LEU C 181 25.04 56.59 -17.76
CA LEU C 181 25.01 57.64 -18.80
C LEU C 181 26.06 58.69 -18.46
N PRO C 182 26.83 59.17 -19.46
CA PRO C 182 27.91 60.11 -19.22
C PRO C 182 27.47 61.58 -19.24
N VAL C 183 26.64 61.95 -18.27
CA VAL C 183 26.20 63.37 -18.11
C VAL C 183 26.77 63.92 -16.80
N ASP C 184 27.05 65.22 -16.78
CA ASP C 184 27.65 65.93 -15.63
C ASP C 184 26.56 66.21 -14.59
N PHE C 185 26.28 65.23 -13.75
CA PHE C 185 25.36 65.37 -12.60
C PHE C 185 26.06 66.01 -11.41
N SER C 186 27.29 66.52 -11.54
CA SER C 186 28.10 66.93 -10.37
C SER C 186 27.45 68.13 -9.67
N ASN C 187 26.79 69.02 -10.41
CA ASN C 187 26.24 70.28 -9.86
C ASN C 187 24.77 70.11 -9.44
N ILE C 188 24.27 68.88 -9.33
CA ILE C 188 22.86 68.67 -8.89
C ILE C 188 22.78 68.95 -7.42
N PRO C 189 21.77 69.73 -6.97
CA PRO C 189 21.70 70.12 -5.56
C PRO C 189 21.31 68.96 -4.64
N THR C 190 21.51 69.21 -3.36
CA THR C 190 21.24 68.25 -2.26
C THR C 190 19.80 68.44 -1.80
N TYR C 191 19.33 67.51 -0.98
CA TYR C 191 18.10 67.68 -0.18
C TYR C 191 18.19 66.75 1.01
N LEU C 192 17.67 67.20 2.14
CA LEU C 192 17.87 66.49 3.43
C LEU C 192 16.79 65.43 3.58
N LEU C 193 17.21 64.24 4.01
CA LEU C 193 16.33 63.07 4.18
C LEU C 193 15.81 63.05 5.61
N LYS C 194 14.80 62.22 5.87
CA LYS C 194 14.19 62.11 7.21
C LYS C 194 15.21 61.52 8.18
N ASP C 195 15.87 60.44 7.78
CA ASP C 195 16.83 59.71 8.65
C ASP C 195 18.18 60.44 8.73
N VAL C 196 18.57 61.18 7.70
CA VAL C 196 19.87 61.92 7.68
C VAL C 196 21.02 60.91 7.58
N ASN C 197 21.06 59.91 8.45
CA ASN C 197 22.06 58.82 8.39
C ASN C 197 21.93 58.05 7.07
N GLU C 198 20.82 58.22 6.35
CA GLU C 198 20.65 57.67 4.98
C GLU C 198 21.61 58.41 4.04
N ASP C 199 22.10 57.70 3.02
CA ASP C 199 22.99 58.28 1.99
C ASP C 199 22.28 58.16 0.65
N PRO C 200 22.05 59.27 -0.09
CA PRO C 200 21.47 59.17 -1.42
C PRO C 200 22.33 58.35 -2.39
N GLY C 201 23.64 58.28 -2.12
CA GLY C 201 24.59 57.51 -2.96
C GLY C 201 25.12 58.39 -4.07
N GLU C 202 25.95 57.81 -4.93
CA GLU C 202 26.55 58.56 -6.06
C GLU C 202 25.41 59.06 -6.96
N ASP C 203 25.43 60.36 -7.27
CA ASP C 203 24.39 60.98 -8.14
C ASP C 203 24.65 60.50 -9.58
N VAL C 204 23.89 59.51 -10.03
CA VAL C 204 24.07 58.89 -11.36
C VAL C 204 22.69 58.59 -11.96
N ALA C 205 22.65 58.45 -13.28
CA ALA C 205 21.45 58.04 -14.03
C ALA C 205 21.77 56.76 -14.79
N LEU C 206 20.95 55.73 -14.56
CA LEU C 206 21.16 54.40 -15.18
C LEU C 206 20.04 54.11 -16.17
N LEU C 207 20.41 53.57 -17.33
CA LEU C 207 19.44 53.17 -18.37
C LEU C 207 19.41 51.65 -18.44
N SER C 208 18.26 51.06 -18.09
CA SER C 208 18.02 49.60 -18.18
C SER C 208 17.19 49.31 -19.42
N VAL C 209 17.59 48.31 -20.19
CA VAL C 209 16.82 47.87 -21.38
C VAL C 209 16.64 46.36 -21.29
N SER C 210 15.41 45.88 -21.44
CA SER C 210 15.10 44.45 -21.30
C SER C 210 14.45 43.92 -22.58
N PHE C 211 14.81 42.70 -22.95
CA PHE C 211 14.28 42.00 -24.13
C PHE C 211 13.69 40.66 -23.67
N GLU C 212 12.51 40.33 -24.16
CA GLU C 212 11.80 39.07 -23.82
C GLU C 212 12.03 38.04 -24.92
N ASP C 213 12.28 38.47 -26.14
CA ASP C 213 12.48 37.57 -27.31
C ASP C 213 13.97 37.42 -27.59
N THR C 214 14.35 36.39 -28.35
CA THR C 214 15.73 36.20 -28.85
C THR C 214 15.96 37.14 -30.05
N GLU C 215 14.99 37.98 -30.38
CA GLU C 215 15.12 38.97 -31.49
C GLU C 215 14.90 40.38 -30.93
N ALA C 216 15.00 41.39 -31.79
CA ALA C 216 14.77 42.81 -31.44
C ALA C 216 13.28 43.12 -31.60
N THR C 217 12.45 42.50 -30.76
CA THR C 217 10.99 42.74 -30.74
C THR C 217 10.49 42.74 -29.30
N GLN C 218 9.50 43.59 -29.02
CA GLN C 218 8.97 43.79 -27.64
C GLN C 218 10.14 44.10 -26.70
N VAL C 219 10.60 45.35 -26.71
CA VAL C 219 11.76 45.78 -25.89
C VAL C 219 11.25 46.81 -24.88
N TYR C 220 11.67 46.66 -23.63
CA TYR C 220 11.19 47.51 -22.51
C TYR C 220 12.35 48.36 -22.00
N PRO C 221 12.35 49.69 -22.27
CA PRO C 221 13.31 50.58 -21.62
C PRO C 221 12.78 51.18 -20.31
N LYS C 222 13.72 51.40 -19.39
CA LYS C 222 13.46 51.99 -18.06
C LYS C 222 14.65 52.87 -17.71
N LEU C 223 14.40 54.02 -17.09
CA LEU C 223 15.45 54.96 -16.65
C LEU C 223 15.38 55.07 -15.12
N TYR C 224 16.43 54.58 -14.45
CA TYR C 224 16.58 54.67 -12.98
C TYR C 224 17.39 55.93 -12.69
N LEU C 225 17.01 56.66 -11.64
CA LEU C 225 17.68 57.92 -11.27
C LEU C 225 18.04 57.85 -9.79
N SER C 226 19.24 58.34 -9.47
CA SER C 226 19.65 58.51 -8.06
C SER C 226 18.63 59.40 -7.36
N PRO C 227 18.37 59.19 -6.06
CA PRO C 227 17.38 59.98 -5.34
C PRO C 227 17.59 61.50 -5.52
N ARG C 228 18.85 61.97 -5.48
CA ARG C 228 19.16 63.42 -5.68
C ARG C 228 18.56 63.88 -7.01
N ILE C 229 18.78 63.10 -8.07
CA ILE C 229 18.38 63.52 -9.44
C ILE C 229 16.86 63.51 -9.50
N GLU C 230 16.22 62.47 -8.95
CA GLU C 230 14.76 62.36 -8.97
C GLU C 230 14.19 63.59 -8.27
N HIS C 231 14.77 63.96 -7.12
CA HIS C 231 14.25 65.10 -6.31
C HIS C 231 14.48 66.40 -7.06
N ALA C 232 15.57 66.51 -7.80
CA ALA C 232 15.94 67.77 -8.50
C ALA C 232 15.01 67.99 -9.69
N LEU C 233 14.66 66.92 -10.39
CA LEU C 233 13.90 67.03 -11.66
C LEU C 233 12.38 66.85 -11.41
N GLY C 234 11.97 66.73 -10.14
CA GLY C 234 10.56 66.86 -9.74
C GLY C 234 9.81 65.55 -9.82
N GLY C 235 10.52 64.41 -9.74
CA GLY C 235 9.90 63.08 -9.56
C GLY C 235 9.84 62.29 -10.85
N SER C 236 10.05 60.98 -10.75
CA SER C 236 10.07 60.06 -11.92
C SER C 236 8.68 60.04 -12.59
N SER C 237 7.61 60.16 -11.82
CA SER C 237 6.24 60.09 -12.39
C SER C 237 5.92 61.39 -13.14
N ALA C 238 6.85 62.33 -13.20
CA ALA C 238 6.65 63.64 -13.89
C ALA C 238 7.57 63.76 -15.11
N LEU C 239 8.13 62.65 -15.59
CA LEU C 239 9.07 62.62 -16.74
C LEU C 239 8.64 61.52 -17.70
N HIS C 240 8.71 61.81 -19.00
CA HIS C 240 8.45 60.82 -20.06
C HIS C 240 9.76 60.51 -20.78
N ILE C 241 9.77 59.38 -21.47
CA ILE C 241 10.97 58.86 -22.18
C ILE C 241 10.54 58.46 -23.58
N PRO C 242 11.41 58.60 -24.61
CA PRO C 242 11.07 58.07 -25.93
C PRO C 242 10.96 56.54 -25.84
N ALA C 243 9.80 56.01 -26.27
CA ALA C 243 9.54 54.55 -26.28
C ALA C 243 10.46 53.91 -27.31
N PHE C 244 10.74 52.62 -27.17
CA PHE C 244 11.69 51.94 -28.06
C PHE C 244 11.04 51.78 -29.44
N PRO C 245 11.66 52.30 -30.51
CA PRO C 245 10.96 52.44 -31.80
C PRO C 245 10.75 51.11 -32.52
N GLY C 246 11.76 50.23 -32.47
CA GLY C 246 11.71 48.93 -33.18
C GLY C 246 13.04 48.61 -33.83
N GLY C 247 13.28 47.33 -34.07
CA GLY C 247 14.54 46.83 -34.62
C GLY C 247 15.67 46.94 -33.61
N GLY C 248 16.90 47.11 -34.10
CA GLY C 248 18.12 47.09 -33.27
C GLY C 248 18.92 48.36 -33.49
N CYS C 249 18.94 49.25 -32.51
CA CYS C 249 19.55 50.59 -32.67
C CYS C 249 19.79 51.23 -31.31
N LEU C 250 20.34 50.49 -30.35
CA LEU C 250 20.70 51.07 -29.03
C LEU C 250 21.68 52.22 -29.25
N ILE C 251 22.55 52.09 -30.24
CA ILE C 251 23.60 53.12 -30.50
C ILE C 251 22.95 54.44 -30.94
N ASP C 252 21.72 54.38 -31.46
CA ASP C 252 20.99 55.61 -31.87
C ASP C 252 19.92 55.98 -30.83
N TYR C 253 19.55 55.07 -29.94
CA TYR C 253 18.53 55.32 -28.89
C TYR C 253 19.17 55.99 -27.68
N VAL C 254 20.34 55.53 -27.26
CA VAL C 254 20.96 56.01 -26.00
C VAL C 254 21.33 57.49 -26.13
N PRO C 255 21.95 57.94 -27.23
CA PRO C 255 22.28 59.36 -27.36
C PRO C 255 21.05 60.28 -27.22
N GLN C 256 19.88 59.87 -27.71
CA GLN C 256 18.64 60.70 -27.58
C GLN C 256 18.34 60.93 -26.09
N VAL C 257 18.30 59.86 -25.29
CA VAL C 257 17.97 59.98 -23.84
C VAL C 257 19.07 60.79 -23.16
N CYS C 258 20.32 60.59 -23.52
CA CYS C 258 21.45 61.36 -22.96
C CYS C 258 21.23 62.86 -23.24
N HIS C 259 20.97 63.22 -24.49
CA HIS C 259 20.77 64.63 -24.92
C HIS C 259 19.61 65.23 -24.13
N LEU C 260 18.48 64.51 -24.06
CA LEU C 260 17.26 65.05 -23.39
C LEU C 260 17.52 65.24 -21.89
N LEU C 261 18.14 64.25 -21.25
CA LEU C 261 18.40 64.31 -19.78
C LEU C 261 19.38 65.45 -19.51
N THR C 262 20.38 65.64 -20.37
CA THR C 262 21.35 66.75 -20.22
C THR C 262 20.60 68.07 -20.36
N ASN C 263 19.69 68.17 -21.33
CA ASN C 263 18.88 69.41 -21.53
C ASN C 263 18.14 69.73 -20.22
N LYS C 264 17.39 68.76 -19.69
CA LYS C 264 16.55 69.00 -18.48
C LYS C 264 17.45 69.35 -17.30
N VAL C 265 18.53 68.61 -17.12
CA VAL C 265 19.46 68.82 -15.98
C VAL C 265 20.06 70.22 -16.09
N GLN C 266 20.48 70.64 -17.28
CA GLN C 266 21.07 72.00 -17.51
C GLN C 266 20.01 73.04 -17.14
N TYR C 267 18.76 72.87 -17.60
CA TYR C 267 17.69 73.86 -17.32
C TYR C 267 17.59 74.03 -15.80
N VAL C 268 17.49 72.91 -15.08
CA VAL C 268 17.16 72.95 -13.63
C VAL C 268 18.37 73.47 -12.85
N ILE C 269 19.58 73.08 -13.23
CA ILE C 269 20.78 73.51 -12.47
C ILE C 269 21.07 74.97 -12.78
N GLN C 270 20.69 75.45 -13.97
CA GLN C 270 20.80 76.89 -14.30
C GLN C 270 19.90 77.67 -13.33
N GLY C 271 18.64 77.25 -13.21
CA GLY C 271 17.70 77.86 -12.24
C GLY C 271 18.28 77.82 -10.82
N TYR C 272 18.83 76.68 -10.43
CA TYR C 272 19.37 76.45 -9.08
C TYR C 272 20.53 77.42 -8.83
N HIS C 273 21.46 77.51 -9.77
CA HIS C 273 22.67 78.36 -9.64
C HIS C 273 22.26 79.82 -9.63
N LYS C 274 21.25 80.21 -10.40
CA LYS C 274 20.81 81.62 -10.40
C LYS C 274 20.17 81.95 -9.05
N ARG C 275 19.36 81.05 -8.52
CA ARG C 275 18.76 81.25 -7.18
C ARG C 275 19.88 81.34 -6.14
N ARG C 276 20.91 80.52 -6.28
CA ARG C 276 22.04 80.51 -5.32
C ARG C 276 22.78 81.84 -5.41
N GLU C 277 22.96 82.38 -6.62
CA GLU C 277 23.61 83.69 -6.82
C GLU C 277 22.76 84.76 -6.12
N TYR C 278 21.44 84.70 -6.28
CA TYR C 278 20.53 85.68 -5.64
C TYR C 278 20.71 85.61 -4.11
N ILE C 279 20.61 84.42 -3.54
CA ILE C 279 20.68 84.25 -2.07
C ILE C 279 22.08 84.67 -1.59
N ALA C 280 23.11 84.36 -2.36
CA ALA C 280 24.51 84.68 -1.98
C ALA C 280 24.68 86.20 -1.96
N ALA C 281 24.19 86.90 -2.98
CA ALA C 281 24.29 88.37 -3.07
C ALA C 281 23.51 88.97 -1.90
N PHE C 282 22.30 88.50 -1.66
CA PHE C 282 21.46 89.05 -0.58
C PHE C 282 22.09 88.78 0.78
N LEU C 283 22.75 87.65 0.96
CA LEU C 283 23.49 87.38 2.23
C LEU C 283 24.65 88.37 2.32
N SER C 284 25.54 88.41 1.34
CA SER C 284 26.67 89.36 1.28
C SER C 284 26.18 90.76 1.70
N HIS C 285 25.01 91.18 1.25
CA HIS C 285 24.52 92.57 1.48
C HIS C 285 23.87 92.70 2.87
N PHE C 286 22.91 91.85 3.21
CA PHE C 286 22.02 92.06 4.38
C PHE C 286 22.11 90.92 5.39
N GLY C 287 23.22 90.18 5.42
CA GLY C 287 23.38 88.97 6.27
C GLY C 287 23.42 89.32 7.74
N THR C 288 23.78 90.56 8.05
CA THR C 288 23.87 91.09 9.44
C THR C 288 22.52 90.88 10.14
N GLY C 289 21.42 90.71 9.40
CA GLY C 289 20.07 90.61 9.98
C GLY C 289 19.29 89.46 9.40
N VAL C 290 19.98 88.43 8.91
CA VAL C 290 19.30 87.25 8.29
C VAL C 290 18.47 86.55 9.38
N VAL C 291 17.26 86.15 9.02
CA VAL C 291 16.38 85.38 9.95
C VAL C 291 16.47 83.91 9.55
N GLU C 292 16.13 83.61 8.30
CA GLU C 292 16.15 82.20 7.84
C GLU C 292 16.22 82.15 6.32
N TYR C 293 16.65 81.02 5.76
CA TYR C 293 16.71 80.84 4.29
C TYR C 293 16.88 79.37 3.97
N ASP C 294 16.38 79.00 2.79
CA ASP C 294 16.41 77.61 2.30
C ASP C 294 17.82 77.30 1.80
N ALA C 295 18.65 76.76 2.68
CA ALA C 295 20.06 76.44 2.36
C ALA C 295 20.13 75.23 1.42
N GLU C 296 19.01 74.54 1.20
CA GLU C 296 19.03 73.28 0.40
C GLU C 296 18.67 73.53 -1.07
N GLY C 297 17.81 74.50 -1.35
CA GLY C 297 17.25 74.73 -2.70
C GLY C 297 17.20 76.19 -3.08
N PHE C 298 17.37 77.09 -2.12
CA PHE C 298 17.42 78.55 -2.38
C PHE C 298 16.11 79.01 -3.01
N THR C 299 14.98 78.59 -2.43
CA THR C 299 13.63 78.98 -2.90
C THR C 299 13.01 80.02 -1.98
N LYS C 300 13.55 80.22 -0.77
CA LYS C 300 12.99 81.15 0.21
C LYS C 300 14.11 81.88 0.96
N LEU C 301 13.80 83.09 1.38
CA LEU C 301 14.64 83.87 2.32
C LEU C 301 13.73 84.75 3.19
N THR C 302 14.16 85.01 4.41
CA THR C 302 13.39 85.83 5.37
C THR C 302 14.38 86.70 6.14
N LEU C 303 14.25 88.02 5.97
CA LEU C 303 15.16 89.02 6.57
C LEU C 303 14.38 89.90 7.56
N LEU C 304 15.07 90.38 8.58
CA LEU C 304 14.53 91.30 9.59
C LEU C 304 15.28 92.62 9.51
N LEU C 305 14.57 93.71 9.23
CA LEU C 305 15.18 95.06 9.11
C LEU C 305 14.50 96.03 10.08
N MET C 306 15.14 97.18 10.30
CA MET C 306 14.63 98.24 11.20
C MET C 306 14.61 99.58 10.46
N TRP C 307 13.48 100.27 10.54
CA TRP C 307 13.30 101.64 10.00
C TRP C 307 12.94 102.57 11.15
N LYS C 308 13.82 103.51 11.49
CA LYS C 308 13.59 104.48 12.58
C LYS C 308 13.07 103.74 13.82
N ASP C 309 13.76 102.67 14.24
CA ASP C 309 13.52 101.94 15.50
C ASP C 309 12.25 101.08 15.44
N PHE C 310 11.67 100.90 14.26
CA PHE C 310 10.50 100.00 14.06
C PHE C 310 10.94 98.81 13.23
N CYS C 311 10.75 97.60 13.76
CA CYS C 311 11.15 96.34 13.10
C CYS C 311 10.11 95.94 12.05
N PHE C 312 10.57 95.28 11.01
CA PHE C 312 9.68 94.63 10.01
C PHE C 312 10.44 93.46 9.38
N LEU C 313 9.68 92.56 8.77
CA LEU C 313 10.23 91.37 8.09
C LEU C 313 9.92 91.44 6.61
N VAL C 314 10.81 90.88 5.82
CA VAL C 314 10.60 90.70 4.35
C VAL C 314 10.86 89.24 4.04
N HIS C 315 9.88 88.57 3.45
CA HIS C 315 10.03 87.20 2.90
C HIS C 315 10.19 87.30 1.39
N ILE C 316 11.28 86.75 0.87
CA ILE C 316 11.54 86.67 -0.59
C ILE C 316 11.28 85.24 -1.01
N ASP C 317 10.31 85.05 -1.90
CA ASP C 317 9.98 83.73 -2.49
C ASP C 317 10.42 83.74 -3.95
N LEU C 318 11.24 82.76 -4.33
CA LEU C 318 11.80 82.68 -5.69
C LEU C 318 11.08 81.56 -6.43
N PRO C 319 10.44 81.85 -7.58
CA PRO C 319 9.76 80.80 -8.34
C PRO C 319 10.75 79.87 -9.06
N LEU C 320 10.24 78.74 -9.55
CA LEU C 320 11.05 77.75 -10.29
C LEU C 320 11.75 78.47 -11.45
N PHE C 321 10.97 79.22 -12.24
CA PHE C 321 11.48 79.98 -13.41
C PHE C 321 12.03 81.31 -12.92
N PHE C 322 12.99 81.26 -12.01
CA PHE C 322 13.48 82.47 -11.29
C PHE C 322 14.08 83.48 -12.27
N PRO C 323 14.96 83.08 -13.21
CA PRO C 323 15.57 84.06 -14.09
C PRO C 323 14.55 84.83 -14.96
N ARG C 324 13.33 84.31 -15.11
CA ARG C 324 12.28 84.93 -15.96
C ARG C 324 11.20 85.57 -15.09
N ASP C 325 10.57 84.80 -14.22
CA ASP C 325 9.50 85.30 -13.31
C ASP C 325 10.14 86.12 -12.18
N GLN C 326 9.43 87.13 -11.71
CA GLN C 326 9.96 88.06 -10.66
C GLN C 326 9.81 87.37 -9.31
N PRO C 327 10.79 87.52 -8.40
CA PRO C 327 10.63 86.96 -7.06
C PRO C 327 9.63 87.79 -6.25
N THR C 328 8.77 87.10 -5.50
CA THR C 328 7.68 87.74 -4.73
C THR C 328 8.25 88.23 -3.40
N LEU C 329 8.12 89.53 -3.14
CA LEU C 329 8.46 90.10 -1.81
C LEU C 329 7.19 90.11 -0.95
N THR C 330 7.35 89.91 0.34
CA THR C 330 6.21 89.92 1.29
C THR C 330 6.66 90.66 2.54
N PHE C 331 6.18 91.88 2.72
CA PHE C 331 6.48 92.69 3.92
C PHE C 331 5.51 92.28 5.02
N GLN C 332 6.03 92.14 6.23
CA GLN C 332 5.23 91.72 7.41
C GLN C 332 5.58 92.59 8.60
N SER C 333 4.57 92.98 9.36
CA SER C 333 4.73 93.72 10.63
C SER C 333 4.92 92.70 11.76
N VAL C 334 5.73 93.08 12.75
CA VAL C 334 6.02 92.20 13.91
C VAL C 334 5.15 92.59 15.10
N TYR C 335 4.36 93.66 14.99
CA TYR C 335 3.50 94.11 16.12
C TYR C 335 2.02 93.93 15.80
N HIS C 336 1.63 94.00 14.53
CA HIS C 336 0.21 93.99 14.11
C HIS C 336 -0.16 92.65 13.48
N PHE C 337 -1.30 92.10 13.88
CA PHE C 337 -1.99 91.01 13.17
C PHE C 337 -3.35 91.54 12.73
N THR C 338 -3.93 90.96 11.68
CA THR C 338 -5.20 91.44 11.09
C THR C 338 -6.39 90.93 11.90
N ASN C 339 -7.60 91.28 11.47
CA ASN C 339 -8.85 90.96 12.20
C ASN C 339 -8.99 89.44 12.30
N SER C 340 -8.56 88.72 11.28
CA SER C 340 -8.68 87.24 11.21
C SER C 340 -7.63 86.57 12.12
N GLY C 341 -6.82 87.34 12.85
CA GLY C 341 -5.76 86.78 13.71
C GLY C 341 -4.52 86.40 12.92
N GLN C 342 -4.58 86.39 11.59
CA GLN C 342 -3.39 86.13 10.75
C GLN C 342 -2.47 87.36 10.75
N LEU C 343 -1.21 87.11 10.45
CA LEU C 343 -0.13 88.14 10.46
C LEU C 343 -0.45 89.20 9.41
N TYR C 344 -0.38 90.47 9.78
CA TYR C 344 -0.57 91.59 8.84
C TYR C 344 0.59 91.55 7.86
N SER C 345 0.31 91.51 6.57
CA SER C 345 1.36 91.41 5.52
C SER C 345 0.83 91.98 4.21
N GLN C 346 1.76 92.39 3.36
CA GLN C 346 1.45 92.87 1.99
C GLN C 346 2.51 92.32 1.05
N ALA C 347 2.07 91.79 -0.08
CA ALA C 347 2.96 91.19 -1.08
C ALA C 347 3.19 92.19 -2.21
N GLN C 348 4.41 92.22 -2.73
CA GLN C 348 4.78 92.99 -3.94
C GLN C 348 5.36 92.02 -4.95
N LYS C 349 4.79 92.00 -6.15
CA LYS C 349 5.25 91.13 -7.25
C LYS C 349 5.45 91.99 -8.50
N ASN C 350 4.67 93.05 -8.66
CA ASN C 350 4.87 94.05 -9.74
C ASN C 350 5.70 95.19 -9.15
N TYR C 351 6.99 95.21 -9.48
CA TYR C 351 7.96 96.19 -8.94
C TYR C 351 9.15 96.24 -9.89
N PRO C 352 10.02 97.25 -9.77
CA PRO C 352 11.18 97.37 -10.65
C PRO C 352 12.01 96.08 -10.68
N TYR C 353 12.18 95.55 -11.89
CA TYR C 353 12.86 94.26 -12.12
C TYR C 353 13.23 94.15 -13.60
N SER C 354 14.31 93.42 -13.84
CA SER C 354 14.76 93.01 -15.18
C SER C 354 15.37 91.62 -15.03
N PRO C 355 14.92 90.63 -15.82
CA PRO C 355 15.44 89.27 -15.69
C PRO C 355 16.94 89.18 -16.03
N ARG C 356 17.48 90.19 -16.70
CA ARG C 356 18.89 90.20 -17.20
C ARG C 356 19.86 90.57 -16.06
N TRP C 357 19.35 91.03 -14.92
CA TRP C 357 20.20 91.54 -13.80
C TRP C 357 20.96 90.40 -13.14
N ASP C 358 22.02 90.76 -12.41
CA ASP C 358 22.76 89.82 -11.54
C ASP C 358 22.34 90.03 -10.08
N GLY C 359 22.86 89.20 -9.18
CA GLY C 359 22.52 89.25 -7.76
C GLY C 359 22.74 90.62 -7.16
N ASN C 360 23.86 91.26 -7.47
CA ASN C 360 24.28 92.54 -6.86
C ASN C 360 23.29 93.64 -7.26
N GLU C 361 22.96 93.74 -8.54
CA GLU C 361 22.01 94.77 -9.05
C GLU C 361 20.65 94.55 -8.37
N MET C 362 20.22 93.30 -8.25
CA MET C 362 18.93 92.96 -7.61
C MET C 362 18.96 93.40 -6.14
N ALA C 363 20.08 93.19 -5.44
CA ALA C 363 20.21 93.61 -4.02
C ALA C 363 20.14 95.14 -3.93
N LYS C 364 20.80 95.84 -4.85
CA LYS C 364 20.81 97.33 -4.87
C LYS C 364 19.36 97.82 -5.06
N ARG C 365 18.67 97.29 -6.06
CA ARG C 365 17.30 97.74 -6.36
C ARG C 365 16.37 97.35 -5.21
N ALA C 366 16.64 96.25 -4.53
CA ALA C 366 15.82 95.78 -3.39
C ALA C 366 15.99 96.75 -2.22
N LYS C 367 17.22 97.18 -1.95
CA LYS C 367 17.45 98.14 -0.84
C LYS C 367 16.74 99.46 -1.19
N ALA C 368 16.81 99.88 -2.45
CA ALA C 368 16.12 101.11 -2.92
C ALA C 368 14.61 100.97 -2.70
N TYR C 369 14.05 99.82 -3.08
CA TYR C 369 12.60 99.56 -2.95
C TYR C 369 12.22 99.59 -1.47
N PHE C 370 13.05 99.02 -0.62
CA PHE C 370 12.83 99.06 0.85
C PHE C 370 12.75 100.52 1.29
N LYS C 371 13.80 101.30 1.02
CA LYS C 371 13.86 102.71 1.46
C LYS C 371 12.63 103.47 0.96
N THR C 372 12.10 103.13 -0.22
CA THR C 372 11.01 103.91 -0.85
C THR C 372 9.64 103.44 -0.35
N PHE C 373 9.48 102.18 0.04
CA PHE C 373 8.13 101.59 0.27
C PHE C 373 7.88 101.30 1.75
N VAL C 374 8.91 101.19 2.58
CA VAL C 374 8.72 100.80 4.01
C VAL C 374 7.83 101.82 4.71
N PRO C 375 8.00 103.15 4.53
CA PRO C 375 7.10 104.12 5.18
C PRO C 375 5.61 103.91 4.84
N GLN C 376 5.30 103.62 3.57
CA GLN C 376 3.90 103.42 3.11
C GLN C 376 3.33 102.21 3.87
N PHE C 377 4.08 101.12 3.89
CA PHE C 377 3.66 99.85 4.54
C PHE C 377 3.45 100.10 6.04
N GLN C 378 4.35 100.87 6.65
CA GLN C 378 4.30 101.09 8.11
C GLN C 378 3.10 101.96 8.45
N GLU C 379 2.86 103.02 7.68
CA GLU C 379 1.67 103.91 7.85
C GLU C 379 0.41 103.05 7.71
N ALA C 380 0.36 102.18 6.71
CA ALA C 380 -0.82 101.32 6.45
C ALA C 380 -1.02 100.37 7.63
N ALA C 381 0.06 99.82 8.17
CA ALA C 381 0.00 98.85 9.27
C ALA C 381 -0.50 99.56 10.53
N PHE C 382 -0.07 100.80 10.77
CA PHE C 382 -0.58 101.60 11.92
C PHE C 382 -2.05 101.93 11.70
N ALA C 383 -2.46 102.22 10.47
CA ALA C 383 -3.84 102.65 10.17
C ALA C 383 -4.80 101.46 10.35
N ASN C 384 -4.43 100.28 9.87
CA ASN C 384 -5.37 99.14 9.70
C ASN C 384 -5.18 98.11 10.81
N GLY C 385 -3.94 97.74 11.10
CA GLY C 385 -3.62 96.64 12.04
C GLY C 385 -3.97 96.97 13.48
N LYS C 386 -4.07 95.95 14.32
CA LYS C 386 -4.29 96.10 15.79
C LYS C 386 -3.16 95.36 16.53
N LEU C 387 -2.67 95.92 17.63
CA LEU C 387 -1.59 95.31 18.46
C LEU C 387 -2.11 93.99 19.07
N ALA D 87 42.17 77.52 15.73
CA ALA D 87 41.44 77.71 17.01
C ALA D 87 41.17 79.20 17.25
N SER D 88 40.30 79.50 18.21
CA SER D 88 39.96 80.87 18.66
C SER D 88 39.11 80.77 19.93
N GLU D 89 38.78 81.92 20.54
CA GLU D 89 37.94 81.99 21.76
C GLU D 89 36.64 81.20 21.51
N VAL D 90 35.79 81.72 20.64
CA VAL D 90 34.48 81.06 20.31
C VAL D 90 34.57 80.47 18.91
N GLN D 91 34.12 79.22 18.75
CA GLN D 91 34.15 78.51 17.45
C GLN D 91 32.75 78.01 17.13
N ILE D 92 32.31 78.22 15.90
CA ILE D 92 30.96 77.77 15.43
C ILE D 92 31.19 76.72 14.35
N ARG D 93 30.94 75.45 14.70
CA ARG D 93 31.32 74.29 13.86
C ARG D 93 30.12 73.85 13.03
N THR D 94 28.90 74.08 13.52
CA THR D 94 27.68 73.54 12.89
C THR D 94 27.47 74.21 11.55
N PRO D 95 26.98 73.47 10.53
CA PRO D 95 26.58 74.08 9.26
C PRO D 95 25.39 75.04 9.45
N ARG D 96 25.21 75.92 8.47
CA ARG D 96 24.11 76.93 8.47
C ARG D 96 23.07 76.44 7.47
N VAL D 97 22.17 75.59 7.95
CA VAL D 97 21.07 75.00 7.15
C VAL D 97 19.79 75.06 7.96
N ASN D 98 18.68 75.20 7.25
CA ASN D 98 17.34 75.46 7.82
C ASN D 98 16.72 74.13 8.22
N CYS D 99 17.22 73.52 9.29
CA CYS D 99 16.62 72.30 9.86
C CYS D 99 15.37 72.69 10.62
N PRO D 100 14.38 71.79 10.74
CA PRO D 100 13.23 72.04 11.61
C PRO D 100 13.69 72.33 13.04
N GLU D 101 13.01 73.26 13.70
CA GLU D 101 13.33 73.65 15.10
C GLU D 101 12.25 73.10 16.03
N LYS D 102 12.66 72.59 17.18
CA LYS D 102 11.75 72.32 18.32
C LYS D 102 11.93 73.45 19.33
N VAL D 103 10.97 74.36 19.39
CA VAL D 103 11.12 75.65 20.12
C VAL D 103 10.29 75.57 21.40
N ILE D 104 10.96 75.57 22.54
CA ILE D 104 10.29 75.54 23.87
C ILE D 104 10.31 76.95 24.44
N ILE D 105 9.13 77.53 24.64
CA ILE D 105 9.01 78.92 25.16
C ILE D 105 8.64 78.84 26.64
N CYS D 106 9.51 79.39 27.49
CA CYS D 106 9.31 79.41 28.96
C CYS D 106 8.93 80.83 29.38
N LEU D 107 7.85 80.94 30.14
CA LEU D 107 7.37 82.25 30.64
C LEU D 107 7.48 82.28 32.16
N ASP D 108 8.15 83.31 32.67
CA ASP D 108 8.16 83.60 34.13
C ASP D 108 6.86 84.30 34.47
N LEU D 109 6.04 83.67 35.31
CA LEU D 109 4.77 84.27 35.79
C LEU D 109 5.04 84.81 37.19
N SER D 110 5.76 85.92 37.26
CA SER D 110 6.08 86.60 38.53
C SER D 110 5.09 87.75 38.70
N GLU D 111 4.81 88.10 39.96
CA GLU D 111 3.96 89.27 40.27
C GLU D 111 4.55 90.49 39.55
N GLU D 112 5.86 90.52 39.37
CA GLU D 112 6.59 91.63 38.70
C GLU D 112 6.14 91.77 37.24
N MET D 113 5.53 90.74 36.66
CA MET D 113 5.04 90.81 35.26
C MET D 113 3.73 91.60 35.19
N SER D 114 2.99 91.68 36.29
CA SER D 114 1.71 92.43 36.35
C SER D 114 1.97 93.91 36.66
N VAL D 115 3.24 94.33 36.70
CA VAL D 115 3.60 95.75 37.00
C VAL D 115 3.22 96.59 35.79
N PRO D 116 2.43 97.68 35.97
CA PRO D 116 2.10 98.55 34.83
C PRO D 116 3.17 99.60 34.48
N LYS D 117 4.45 99.22 34.55
CA LYS D 117 5.57 100.16 34.32
C LYS D 117 5.98 100.22 32.85
N LEU D 118 5.61 99.23 32.03
CA LEU D 118 6.00 99.24 30.60
C LEU D 118 5.22 100.36 29.90
N GLU D 119 5.92 101.27 29.25
CA GLU D 119 5.29 102.36 28.45
C GLU D 119 4.98 101.81 27.07
N SER D 120 3.78 102.06 26.56
CA SER D 120 3.35 101.67 25.20
C SER D 120 3.36 102.89 24.30
N PHE D 121 3.62 102.69 23.01
CA PHE D 121 3.74 103.77 22.00
C PHE D 121 2.37 104.44 21.77
N ASN D 122 1.28 103.88 22.27
CA ASN D 122 -0.05 104.53 22.20
C ASN D 122 -0.67 104.60 23.59
N GLY D 123 -0.91 103.43 24.19
CA GLY D 123 -1.76 103.26 25.38
C GLY D 123 -1.05 103.59 26.68
N SER D 124 0.04 104.37 26.64
CA SER D 124 0.78 104.79 27.86
C SER D 124 1.17 103.54 28.65
N ARG D 125 0.78 103.41 29.92
CA ARG D 125 1.17 102.26 30.77
C ARG D 125 0.65 100.94 30.16
N THR D 126 1.32 99.85 30.49
CA THR D 126 0.88 98.47 30.16
C THR D 126 1.77 97.50 30.92
N ASN D 127 1.31 96.26 31.07
CA ASN D 127 2.00 95.27 31.91
C ASN D 127 2.83 94.34 31.02
N ALA D 128 3.90 93.79 31.59
CA ALA D 128 4.86 92.93 30.88
C ALA D 128 4.16 91.69 30.33
N LEU D 129 3.17 91.13 31.03
CA LEU D 129 2.56 89.83 30.67
C LEU D 129 1.76 89.96 29.37
N ASN D 130 0.99 91.02 29.20
CA ASN D 130 0.17 91.21 27.96
C ASN D 130 1.12 91.45 26.79
N VAL D 131 2.17 92.22 27.00
CA VAL D 131 3.20 92.47 25.96
C VAL D 131 3.83 91.12 25.58
N SER D 132 4.10 90.26 26.55
CA SER D 132 4.72 88.93 26.33
C SER D 132 3.77 88.05 25.51
N GLN D 133 2.47 88.11 25.82
CA GLN D 133 1.46 87.31 25.08
C GLN D 133 1.42 87.77 23.61
N LYS D 134 1.31 89.07 23.38
CA LYS D 134 1.29 89.63 22.00
C LYS D 134 2.55 89.19 21.28
N MET D 135 3.70 89.28 21.95
CA MET D 135 5.02 88.96 21.34
C MET D 135 5.03 87.48 20.92
N VAL D 136 4.61 86.59 21.82
CA VAL D 136 4.70 85.12 21.59
C VAL D 136 3.74 84.73 20.45
N GLU D 137 2.54 85.32 20.40
CA GLU D 137 1.60 85.00 19.30
C GLU D 137 2.28 85.33 17.97
N MET D 138 2.88 86.52 17.86
CA MET D 138 3.53 86.95 16.59
C MET D 138 4.70 86.02 16.28
N PHE D 139 5.51 85.72 17.28
CA PHE D 139 6.70 84.84 17.12
C PHE D 139 6.24 83.50 16.53
N VAL D 140 5.23 82.88 17.12
CA VAL D 140 4.82 81.52 16.71
C VAL D 140 4.21 81.58 15.31
N ARG D 141 3.29 82.51 15.08
CA ARG D 141 2.63 82.61 13.75
C ARG D 141 3.69 82.85 12.67
N THR D 142 4.75 83.61 12.98
CA THR D 142 5.79 83.94 11.99
C THR D 142 6.66 82.71 11.75
N LYS D 143 7.13 82.05 12.79
CA LYS D 143 7.95 80.82 12.61
C LYS D 143 7.16 79.77 11.82
N HIS D 144 5.85 79.69 12.03
CA HIS D 144 5.01 78.68 11.33
C HIS D 144 4.95 78.98 9.84
N LYS D 145 4.85 80.26 9.45
CA LYS D 145 4.80 80.69 8.03
C LYS D 145 6.10 80.31 7.32
N ILE D 146 7.17 80.04 8.05
CA ILE D 146 8.50 79.73 7.44
C ILE D 146 8.76 78.24 7.58
N ASP D 147 8.70 77.52 6.47
CA ASP D 147 8.99 76.07 6.42
C ASP D 147 7.83 75.26 7.01
N LYS D 148 7.19 75.72 8.08
CA LYS D 148 5.96 75.10 8.63
C LYS D 148 6.35 73.89 9.47
N SER D 149 7.40 73.17 9.08
CA SER D 149 7.80 71.89 9.72
C SER D 149 8.26 72.13 11.16
N HIS D 150 8.37 73.38 11.60
CA HIS D 150 8.83 73.71 12.96
C HIS D 150 7.80 73.21 13.99
N GLU D 151 8.28 72.86 15.17
CA GLU D 151 7.45 72.38 16.30
C GLU D 151 7.65 73.32 17.49
N PHE D 152 6.61 73.49 18.28
CA PHE D 152 6.55 74.52 19.34
C PHE D 152 6.07 73.88 20.63
N ALA D 153 6.42 74.51 21.75
CA ALA D 153 6.00 74.07 23.08
C ALA D 153 5.94 75.25 24.04
N LEU D 154 5.07 75.14 25.03
CA LEU D 154 4.80 76.23 26.01
C LEU D 154 5.02 75.69 27.43
N VAL D 155 5.80 76.43 28.20
CA VAL D 155 6.13 76.05 29.60
C VAL D 155 6.05 77.31 30.45
N VAL D 156 5.55 77.14 31.67
CA VAL D 156 5.41 78.26 32.64
C VAL D 156 6.38 78.01 33.80
N VAL D 157 6.76 79.09 34.46
CA VAL D 157 7.70 79.03 35.60
C VAL D 157 7.02 79.67 36.81
N ASN D 158 6.96 78.93 37.91
CA ASN D 158 6.41 79.41 39.20
C ASN D 158 7.30 78.85 40.30
N ASP D 159 6.69 78.18 41.28
CA ASP D 159 7.45 77.45 42.33
C ASP D 159 8.21 76.30 41.68
N ASP D 160 7.68 75.68 40.62
CA ASP D 160 8.27 74.40 40.13
C ASP D 160 8.14 74.21 38.61
N SER D 161 7.69 75.21 37.85
CA SER D 161 7.58 75.15 36.37
C SER D 161 6.62 74.03 35.95
N ALA D 162 6.02 74.17 34.76
CA ALA D 162 4.96 73.26 34.30
C ALA D 162 4.83 73.31 32.78
N TRP D 163 4.68 72.14 32.16
CA TRP D 163 4.48 71.95 30.71
C TRP D 163 3.00 72.07 30.38
N LEU D 164 2.63 72.94 29.44
CA LEU D 164 1.20 73.17 29.12
C LEU D 164 0.80 72.40 27.86
N SER D 165 1.37 72.77 26.73
CA SER D 165 1.13 72.09 25.43
C SER D 165 2.38 72.24 24.57
N GLY D 166 2.84 71.15 23.98
CA GLY D 166 4.13 71.19 23.29
C GLY D 166 4.37 70.04 22.35
N LEU D 167 5.48 70.14 21.62
CA LEU D 167 5.92 69.16 20.59
C LEU D 167 4.81 69.08 19.54
N THR D 168 4.25 70.23 19.16
CA THR D 168 3.14 70.35 18.20
C THR D 168 3.55 71.33 17.10
N SER D 169 3.22 71.02 15.85
CA SER D 169 3.49 71.89 14.69
C SER D 169 2.33 72.88 14.50
N ASP D 170 1.17 72.61 15.11
CA ASP D 170 -0.02 73.49 14.99
C ASP D 170 0.03 74.52 16.12
N PRO D 171 0.09 75.82 15.80
CA PRO D 171 0.22 76.84 16.84
C PRO D 171 -1.05 77.08 17.67
N ARG D 172 -2.21 76.63 17.19
CA ARG D 172 -3.51 76.96 17.82
C ARG D 172 -3.43 76.69 19.32
N GLU D 173 -3.01 75.48 19.71
CA GLU D 173 -2.96 75.07 21.13
C GLU D 173 -2.22 76.13 21.95
N LEU D 174 -1.06 76.57 21.48
CA LEU D 174 -0.19 77.47 22.28
C LEU D 174 -0.95 78.76 22.54
N CYS D 175 -1.50 79.35 21.51
CA CYS D 175 -2.23 80.63 21.63
C CYS D 175 -3.45 80.43 22.53
N SER D 176 -4.11 79.29 22.44
CA SER D 176 -5.29 78.97 23.30
C SER D 176 -4.86 79.01 24.76
N CYS D 177 -3.70 78.43 25.07
CA CYS D 177 -3.18 78.31 26.45
C CYS D 177 -2.52 79.62 26.89
N LEU D 178 -2.18 80.51 25.96
CA LEU D 178 -1.40 81.74 26.28
C LEU D 178 -2.30 82.77 26.95
N TYR D 179 -3.50 83.00 26.41
CA TYR D 179 -4.42 84.04 26.92
C TYR D 179 -5.27 83.43 28.02
N ASP D 180 -4.62 82.89 29.05
CA ASP D 180 -5.29 82.17 30.16
C ASP D 180 -4.28 81.83 31.26
N LEU D 181 -3.73 82.84 31.92
CA LEU D 181 -2.57 82.69 32.84
C LEU D 181 -2.77 83.57 34.09
N GLU D 182 -2.29 83.08 35.23
CA GLU D 182 -2.27 83.82 36.52
C GLU D 182 -0.80 83.98 36.94
N THR D 183 -0.49 85.02 37.71
CA THR D 183 0.90 85.50 37.91
C THR D 183 1.31 85.48 39.39
N ALA D 184 0.64 84.70 40.26
CA ALA D 184 1.03 84.60 41.69
C ALA D 184 2.37 83.88 41.79
N SER D 185 3.39 84.51 42.38
CA SER D 185 4.75 83.93 42.52
C SER D 185 5.09 83.82 44.00
N CYS D 186 5.25 82.59 44.50
CA CYS D 186 5.36 82.30 45.96
C CYS D 186 6.72 81.70 46.32
N SER D 187 7.63 81.56 45.36
CA SER D 187 8.97 80.97 45.61
C SER D 187 9.93 81.30 44.48
N THR D 188 11.19 80.90 44.63
CA THR D 188 12.25 81.07 43.60
C THR D 188 12.11 79.98 42.53
N PHE D 189 12.97 80.02 41.53
CA PHE D 189 12.82 79.21 40.29
C PHE D 189 14.00 78.25 40.19
N ASN D 190 13.69 76.98 39.96
CA ASN D 190 14.70 75.90 39.86
C ASN D 190 14.95 75.58 38.39
N LEU D 191 16.12 75.90 37.87
CA LEU D 191 16.49 75.61 36.47
C LEU D 191 16.87 74.14 36.36
N GLU D 192 17.40 73.54 37.42
CA GLU D 192 17.75 72.08 37.42
C GLU D 192 16.50 71.29 37.03
N GLY D 193 15.38 71.53 37.71
CA GLY D 193 14.09 70.87 37.43
C GLY D 193 13.58 71.18 36.04
N LEU D 194 13.73 72.43 35.58
CA LEU D 194 13.20 72.87 34.26
C LEU D 194 13.96 72.14 33.15
N PHE D 195 15.28 72.14 33.21
CA PHE D 195 16.12 71.48 32.19
C PHE D 195 15.90 69.98 32.29
N SER D 196 15.70 69.42 33.49
CA SER D 196 15.38 67.98 33.66
C SER D 196 14.07 67.67 32.93
N LEU D 197 13.07 68.55 33.06
CA LEU D 197 11.76 68.39 32.37
C LEU D 197 12.00 68.42 30.87
N ILE D 198 12.78 69.38 30.37
CA ILE D 198 13.09 69.50 28.92
C ILE D 198 13.74 68.20 28.43
N GLN D 199 14.69 67.67 29.20
CA GLN D 199 15.43 66.42 28.88
C GLN D 199 14.43 65.26 28.83
N GLN D 200 13.45 65.24 29.74
CA GLN D 200 12.48 64.11 29.82
C GLN D 200 11.47 64.22 28.69
N LYS D 201 11.21 65.42 28.17
CA LYS D 201 10.15 65.64 27.16
C LYS D 201 10.69 65.51 25.74
N THR D 202 11.99 65.67 25.52
CA THR D 202 12.60 65.47 24.18
C THR D 202 14.06 65.06 24.32
N GLU D 203 14.53 64.25 23.39
CA GLU D 203 15.95 63.80 23.34
C GLU D 203 16.70 64.64 22.32
N LEU D 204 18.02 64.76 22.51
CA LEU D 204 18.88 65.52 21.58
C LEU D 204 19.32 64.60 20.46
N PRO D 205 19.44 65.15 19.23
CA PRO D 205 19.90 64.36 18.10
C PRO D 205 21.42 64.31 18.02
N VAL D 206 21.92 63.43 17.16
CA VAL D 206 23.37 63.28 16.86
C VAL D 206 23.49 62.81 15.42
N THR D 207 24.63 63.10 14.80
CA THR D 207 24.96 62.65 13.43
C THR D 207 26.42 62.17 13.41
N GLU D 208 26.74 61.34 12.41
CA GLU D 208 28.08 60.72 12.29
C GLU D 208 29.15 61.84 12.19
N ASN D 209 28.77 63.01 11.69
CA ASN D 209 29.74 64.13 11.49
C ASN D 209 28.98 65.43 11.73
N VAL D 210 29.25 66.13 12.82
CA VAL D 210 28.47 67.33 13.24
C VAL D 210 28.95 68.60 12.53
N GLN D 211 30.05 68.52 11.79
CA GLN D 211 30.61 69.71 11.10
C GLN D 211 30.05 69.82 9.67
N THR D 212 29.42 68.76 9.14
CA THR D 212 28.95 68.75 7.74
C THR D 212 27.54 68.17 7.65
N ILE D 213 27.29 67.05 8.32
CA ILE D 213 25.97 66.37 8.25
C ILE D 213 24.99 67.16 9.10
N PRO D 214 23.94 67.76 8.52
CA PRO D 214 22.98 68.53 9.28
C PRO D 214 22.10 67.58 10.11
N PRO D 215 21.73 67.98 11.33
CA PRO D 215 20.89 67.13 12.18
C PRO D 215 19.47 67.04 11.66
N PRO D 216 18.69 66.04 12.11
CA PRO D 216 17.29 65.91 11.67
C PRO D 216 16.43 67.05 12.21
N TYR D 217 16.77 67.58 13.38
CA TYR D 217 16.07 68.73 13.99
C TYR D 217 17.02 69.43 14.97
N VAL D 218 16.64 70.63 15.35
CA VAL D 218 17.38 71.46 16.33
C VAL D 218 16.46 71.77 17.50
N VAL D 219 16.96 71.66 18.72
CA VAL D 219 16.20 71.97 19.95
C VAL D 219 16.68 73.31 20.49
N ARG D 220 15.74 74.22 20.72
CA ARG D 220 16.05 75.55 21.31
C ARG D 220 14.96 75.91 22.31
N THR D 221 15.35 76.63 23.36
CA THR D 221 14.42 77.06 24.43
C THR D 221 14.54 78.57 24.59
N ILE D 222 13.41 79.26 24.54
CA ILE D 222 13.32 80.72 24.80
C ILE D 222 12.86 80.90 26.24
N LEU D 223 13.57 81.74 27.00
CA LEU D 223 13.23 81.96 28.43
C LEU D 223 13.01 83.45 28.66
N VAL D 224 11.81 83.81 29.06
CA VAL D 224 11.49 85.18 29.54
C VAL D 224 11.55 85.17 31.08
N TYR D 225 12.52 85.88 31.64
CA TYR D 225 12.86 85.86 33.08
C TYR D 225 12.75 87.28 33.64
N SER D 226 12.36 87.44 34.90
CA SER D 226 11.98 88.78 35.43
C SER D 226 12.30 88.94 36.93
N ARG D 227 12.05 87.91 37.74
CA ARG D 227 12.06 88.02 39.23
C ARG D 227 13.46 88.17 39.83
N PRO D 228 14.58 87.86 39.12
CA PRO D 228 15.91 88.10 39.69
C PRO D 228 16.18 89.56 40.02
N PRO D 229 17.18 89.90 40.87
CA PRO D 229 18.22 88.97 41.33
C PRO D 229 17.82 87.84 42.30
N CYS D 230 18.53 86.71 42.24
CA CYS D 230 18.14 85.47 42.98
C CYS D 230 19.37 84.62 43.35
N GLN D 231 20.59 85.12 43.12
CA GLN D 231 21.87 84.39 43.37
C GLN D 231 21.93 83.15 42.47
N PRO D 232 23.09 82.46 42.35
CA PRO D 232 23.27 81.46 41.30
C PRO D 232 22.24 80.31 41.30
N GLN D 233 21.63 79.98 42.45
CA GLN D 233 20.64 78.86 42.54
C GLN D 233 21.31 77.55 42.12
N PHE D 234 22.54 77.34 42.59
CA PHE D 234 23.33 76.09 42.39
C PHE D 234 23.79 76.00 40.93
N SER D 235 24.74 75.10 40.67
CA SER D 235 25.44 75.00 39.37
C SER D 235 25.26 73.60 38.76
N LEU D 236 24.58 73.53 37.61
CA LEU D 236 24.67 72.43 36.62
C LEU D 236 24.18 71.08 37.17
N THR D 237 24.15 70.11 36.26
CA THR D 237 24.16 68.65 36.50
C THR D 237 25.06 68.03 35.42
N GLU D 238 25.34 66.73 35.51
CA GLU D 238 26.15 66.06 34.45
C GLU D 238 25.33 65.96 33.17
N PRO D 239 24.08 65.43 33.19
CA PRO D 239 23.26 65.40 31.98
C PRO D 239 22.98 66.81 31.41
N MET D 240 22.83 67.81 32.27
CA MET D 240 22.60 69.21 31.83
C MET D 240 23.87 69.76 31.17
N LYS D 241 25.04 69.48 31.75
CA LYS D 241 26.35 69.89 31.17
C LYS D 241 26.50 69.23 29.79
N LYS D 242 26.03 67.98 29.66
CA LYS D 242 26.11 67.25 28.37
C LYS D 242 25.12 67.90 27.38
N MET D 243 23.93 68.27 27.85
CA MET D 243 22.93 68.98 27.01
C MET D 243 23.58 70.23 26.42
N PHE D 244 24.21 71.04 27.25
CA PHE D 244 24.87 72.29 26.79
C PHE D 244 26.05 71.95 25.88
N GLN D 245 26.74 70.85 26.15
CA GLN D 245 27.89 70.39 25.33
C GLN D 245 27.41 70.09 23.90
N CYS D 246 26.14 69.70 23.73
CA CYS D 246 25.59 69.35 22.40
C CYS D 246 25.51 70.60 21.55
N PRO D 247 26.02 70.59 20.30
CA PRO D 247 25.96 71.77 19.44
C PRO D 247 24.57 72.03 18.84
N TYR D 248 23.66 71.08 18.97
CA TYR D 248 22.30 71.17 18.40
C TYR D 248 21.30 71.66 19.44
N PHE D 249 21.76 72.00 20.65
CA PHE D 249 20.88 72.52 21.73
C PHE D 249 21.18 73.99 21.96
N PHE D 250 20.12 74.80 22.00
CA PHE D 250 20.26 76.28 22.14
C PHE D 250 19.39 76.77 23.28
N PHE D 251 19.90 77.73 24.03
CA PHE D 251 19.17 78.40 25.13
C PHE D 251 19.24 79.91 24.90
N ASP D 252 18.11 80.53 24.54
CA ASP D 252 18.03 82.00 24.39
C ASP D 252 17.22 82.58 25.55
N ILE D 253 17.59 83.78 25.98
CA ILE D 253 17.03 84.37 27.21
C ILE D 253 16.77 85.86 26.99
N VAL D 254 15.65 86.32 27.52
CA VAL D 254 15.34 87.77 27.67
C VAL D 254 15.06 88.06 29.14
N TYR D 255 15.75 89.05 29.71
CA TYR D 255 15.72 89.37 31.15
C TYR D 255 15.10 90.75 31.33
N ILE D 256 13.98 90.78 32.03
CA ILE D 256 13.22 92.03 32.31
C ILE D 256 13.49 92.39 33.78
N HIS D 257 14.08 93.55 34.04
CA HIS D 257 14.65 93.85 35.37
C HIS D 257 14.34 95.27 35.84
N ASN D 258 14.53 95.47 37.14
CA ASN D 258 14.46 96.78 37.83
C ASN D 258 15.84 97.16 38.36
N GLY D 259 16.92 96.52 37.87
CA GLY D 259 18.29 96.79 38.34
C GLY D 259 18.73 98.22 38.03
N THR D 260 18.30 98.76 36.89
CA THR D 260 18.61 100.14 36.46
C THR D 260 17.50 101.11 36.92
N GLU D 261 16.36 100.60 37.38
CA GLU D 261 15.26 101.43 37.92
C GLU D 261 15.52 101.74 39.41
N GLU D 262 15.71 100.71 40.22
CA GLU D 262 16.04 100.85 41.65
C GLU D 262 17.46 101.42 41.79
N LYS D 263 18.39 100.97 40.94
CA LYS D 263 19.85 101.21 41.08
C LYS D 263 20.33 100.58 42.40
N GLU D 264 19.52 99.68 42.98
CA GLU D 264 19.88 98.91 44.19
C GLU D 264 20.06 97.44 43.79
N GLU D 265 21.06 96.77 44.35
CA GLU D 265 21.44 95.38 44.00
C GLU D 265 21.86 95.32 42.52
N ASP D 266 22.42 96.39 41.97
CA ASP D 266 22.89 96.43 40.56
C ASP D 266 24.10 95.49 40.40
N MET D 267 24.97 95.38 41.41
CA MET D 267 26.16 94.48 41.35
C MET D 267 25.66 93.04 41.22
N SER D 268 24.71 92.65 42.08
CA SER D 268 24.11 91.29 42.06
C SER D 268 23.31 91.11 40.76
N TRP D 269 22.71 92.17 40.24
CA TRP D 269 22.01 92.15 38.94
C TRP D 269 22.98 91.76 37.82
N LYS D 270 24.15 92.41 37.77
CA LYS D 270 25.20 92.10 36.76
C LYS D 270 25.65 90.65 36.95
N ASP D 271 25.80 90.22 38.21
CA ASP D 271 26.25 88.84 38.54
C ASP D 271 25.23 87.83 38.00
N MET D 272 23.95 88.11 38.16
CA MET D 272 22.85 87.19 37.75
C MET D 272 22.79 87.16 36.22
N PHE D 273 22.91 88.31 35.56
CA PHE D 273 22.85 88.37 34.08
C PHE D 273 24.06 87.62 33.51
N ALA D 274 25.22 87.75 34.15
CA ALA D 274 26.45 87.04 33.71
C ALA D 274 26.29 85.54 33.97
N PHE D 275 25.58 85.15 35.04
CA PHE D 275 25.31 83.73 35.32
C PHE D 275 24.43 83.15 34.22
N MET D 276 23.47 83.94 33.73
CA MET D 276 22.59 83.50 32.63
C MET D 276 23.39 83.48 31.31
N GLY D 277 24.34 84.39 31.12
CA GLY D 277 25.14 84.49 29.88
C GLY D 277 26.32 83.53 29.85
N SER D 278 26.62 82.87 30.97
CA SER D 278 27.86 82.06 31.13
C SER D 278 27.54 80.56 31.15
N LEU D 279 26.34 80.16 30.70
CA LEU D 279 25.95 78.73 30.77
C LEU D 279 26.30 78.03 29.44
N ASP D 280 27.60 78.00 29.14
CA ASP D 280 28.21 77.15 28.08
C ASP D 280 27.53 77.43 26.74
N THR D 281 27.43 76.41 25.88
CA THR D 281 26.94 76.54 24.46
C THR D 281 28.00 77.26 23.62
N LYS D 282 29.07 77.78 24.24
CA LYS D 282 30.23 78.40 23.57
C LYS D 282 29.75 79.19 22.35
N GLY D 283 29.40 80.47 22.59
CA GLY D 283 28.69 81.32 21.64
C GLY D 283 27.28 80.83 21.45
N ALA D 284 26.86 80.59 20.21
CA ALA D 284 25.56 79.96 19.88
C ALA D 284 24.40 80.76 20.47
N SER D 285 24.24 80.73 21.79
CA SER D 285 23.07 81.28 22.49
C SER D 285 22.96 82.80 22.29
N TYR D 286 21.73 83.30 22.39
CA TYR D 286 21.38 84.73 22.33
C TYR D 286 20.95 85.21 23.72
N LYS D 287 21.22 86.45 24.03
CA LYS D 287 20.88 87.07 25.34
C LYS D 287 20.31 88.47 25.09
N TYR D 288 19.30 88.86 25.85
CA TYR D 288 18.71 90.21 25.76
C TYR D 288 18.31 90.68 27.15
N GLU D 289 18.41 91.99 27.38
CA GLU D 289 18.13 92.63 28.69
C GLU D 289 17.30 93.88 28.44
N VAL D 290 16.23 94.03 29.22
CA VAL D 290 15.32 95.21 29.13
C VAL D 290 14.87 95.60 30.53
N ALA D 291 14.71 96.89 30.77
CA ALA D 291 14.21 97.43 32.06
C ALA D 291 12.68 97.49 32.01
N LEU D 292 12.05 97.39 33.18
CA LEU D 292 10.57 97.41 33.28
C LEU D 292 10.01 98.79 32.93
N ALA D 293 10.84 99.82 32.75
CA ALA D 293 10.41 101.14 32.24
C ALA D 293 10.06 101.04 30.74
N GLY D 294 10.55 100.00 30.06
CA GLY D 294 10.28 99.75 28.63
C GLY D 294 10.93 100.80 27.76
N PRO D 295 10.22 101.42 26.80
CA PRO D 295 8.82 101.11 26.51
C PRO D 295 8.59 99.66 26.06
N ALA D 296 7.32 99.27 25.85
CA ALA D 296 6.94 97.90 25.42
C ALA D 296 7.58 97.60 24.06
N LEU D 297 7.82 98.63 23.24
CA LEU D 297 8.43 98.47 21.90
C LEU D 297 9.68 97.60 22.01
N GLU D 298 10.59 97.96 22.92
CA GLU D 298 11.90 97.28 23.06
C GLU D 298 11.70 95.78 23.31
N LEU D 299 10.55 95.36 23.83
CA LEU D 299 10.29 93.90 24.02
C LEU D 299 9.92 93.28 22.67
N HIS D 300 8.99 93.86 21.92
CA HIS D 300 8.62 93.35 20.59
C HIS D 300 9.87 93.32 19.71
N ASN D 301 10.55 94.48 19.58
CA ASN D 301 11.81 94.60 18.81
C ASN D 301 12.78 93.51 19.28
N CYS D 302 12.66 93.04 20.53
CA CYS D 302 13.54 91.98 21.05
C CYS D 302 13.07 90.61 20.51
N MET D 303 11.80 90.28 20.69
CA MET D 303 11.28 88.93 20.32
C MET D 303 11.53 88.69 18.82
N ALA D 304 11.33 89.70 17.99
CA ALA D 304 11.55 89.59 16.53
C ALA D 304 12.97 89.02 16.29
N LYS D 305 13.96 89.53 17.01
CA LYS D 305 15.37 89.17 16.75
C LYS D 305 15.61 87.69 17.08
N LEU D 306 14.75 87.07 17.90
CA LEU D 306 14.89 85.64 18.25
C LEU D 306 14.30 84.75 17.16
N LEU D 307 13.65 85.31 16.13
CA LEU D 307 13.06 84.48 15.05
C LEU D 307 14.17 83.76 14.29
N ALA D 308 15.36 84.36 14.21
CA ALA D 308 16.47 83.82 13.40
C ALA D 308 16.71 82.35 13.74
N HIS D 309 16.90 81.53 12.72
CA HIS D 309 17.24 80.09 12.87
C HIS D 309 18.58 79.96 13.59
N PRO D 310 18.68 79.16 14.66
CA PRO D 310 19.89 79.15 15.49
C PRO D 310 21.13 78.71 14.72
N LEU D 311 20.98 77.89 13.68
CA LEU D 311 22.14 77.40 12.90
C LEU D 311 22.54 78.42 11.83
N GLN D 312 21.59 79.24 11.36
CA GLN D 312 21.87 80.22 10.27
C GLN D 312 22.13 81.62 10.85
N ARG D 313 21.78 81.84 12.12
CA ARG D 313 21.94 83.19 12.75
C ARG D 313 23.40 83.39 13.12
N PRO D 314 24.05 84.50 12.71
CA PRO D 314 25.43 84.76 13.13
C PRO D 314 25.48 84.99 14.65
N CYS D 315 26.67 85.22 15.19
CA CYS D 315 26.84 85.58 16.63
C CYS D 315 26.10 86.89 16.89
N GLN D 316 25.56 87.04 18.10
CA GLN D 316 24.73 88.21 18.46
C GLN D 316 25.47 89.51 18.15
N THR D 317 26.77 89.55 18.45
CA THR D 317 27.61 90.76 18.28
C THR D 317 27.73 91.15 16.80
N HIS D 318 27.45 90.25 15.86
CA HIS D 318 27.52 90.53 14.41
C HIS D 318 26.17 91.00 13.86
N ALA D 319 25.07 90.75 14.57
CA ALA D 319 23.70 90.98 14.05
C ALA D 319 23.40 92.48 14.05
N SER D 320 23.08 93.04 12.88
CA SER D 320 22.65 94.45 12.69
C SER D 320 21.51 94.46 11.67
N TYR D 321 20.50 95.29 11.88
CA TYR D 321 19.22 95.21 11.13
C TYR D 321 18.94 96.51 10.37
N SER D 322 19.50 97.62 10.82
CA SER D 322 19.18 98.97 10.31
C SER D 322 20.04 99.23 9.08
N LEU D 323 20.10 98.29 8.15
CA LEU D 323 20.97 98.44 6.95
C LEU D 323 20.21 99.20 5.87
N LEU D 324 19.68 100.39 6.20
CA LEU D 324 19.01 101.29 5.22
C LEU D 324 19.67 102.67 5.26
N GLU D 325 20.92 102.76 5.75
CA GLU D 325 21.63 104.04 6.00
C GLU D 325 20.76 104.99 6.83
N GLY E 2 38.59 88.14 22.08
CA GLY E 2 39.39 87.56 20.97
C GLY E 2 38.59 87.42 19.68
N GLY E 3 38.83 86.33 18.96
CA GLY E 3 38.25 86.08 17.63
C GLY E 3 36.98 85.25 17.72
N ARG E 4 36.10 85.37 16.73
CA ARG E 4 34.97 84.42 16.49
C ARG E 4 35.24 83.69 15.18
N HIS E 5 35.22 82.36 15.25
CA HIS E 5 35.69 81.46 14.18
C HIS E 5 34.49 80.76 13.56
N TYR E 6 34.39 80.83 12.24
CA TYR E 6 33.31 80.17 11.45
C TYR E 6 33.95 79.06 10.64
N TYR E 7 33.55 77.82 10.93
CA TYR E 7 34.06 76.63 10.22
C TYR E 7 33.74 76.79 8.72
N TRP E 8 32.55 77.31 8.42
CA TRP E 8 32.01 77.37 7.04
C TRP E 8 32.11 78.77 6.47
N GLY E 9 33.09 79.57 6.89
CA GLY E 9 33.31 80.92 6.36
C GLY E 9 32.34 81.93 6.94
N ILE E 10 32.64 83.20 6.73
CA ILE E 10 31.84 84.32 7.31
C ILE E 10 30.57 84.45 6.49
N PRO E 11 29.37 84.52 7.13
CA PRO E 11 28.12 84.57 6.38
C PRO E 11 27.62 85.97 5.98
N PHE E 12 28.47 86.99 6.03
CA PHE E 12 28.08 88.38 5.67
C PHE E 12 29.32 89.14 5.22
N CYS E 13 29.11 90.28 4.57
CA CYS E 13 30.19 91.18 4.11
C CYS E 13 30.78 91.89 5.31
N PRO E 14 32.05 91.63 5.69
CA PRO E 14 32.66 92.32 6.81
C PRO E 14 33.05 93.76 6.47
N ALA E 15 33.54 94.49 7.45
CA ALA E 15 34.00 95.89 7.32
C ALA E 15 35.21 95.93 6.39
N GLY E 16 35.23 96.93 5.50
CA GLY E 16 36.36 97.23 4.61
C GLY E 16 36.32 96.38 3.34
N VAL E 17 35.24 95.64 3.10
CA VAL E 17 35.13 94.77 1.89
C VAL E 17 33.93 95.23 1.06
N ASP E 18 34.09 95.21 -0.26
CA ASP E 18 32.98 95.49 -1.20
C ASP E 18 32.06 94.29 -1.22
N PRO E 19 30.79 94.40 -0.80
CA PRO E 19 29.89 93.24 -0.81
C PRO E 19 29.62 92.69 -2.21
N ASN E 20 29.65 93.54 -3.23
CA ASN E 20 29.43 93.10 -4.63
C ASN E 20 30.48 92.04 -5.00
N GLN E 21 31.67 92.11 -4.41
CA GLN E 21 32.76 91.15 -4.71
C GLN E 21 32.80 90.04 -3.66
N TYR E 22 32.22 90.24 -2.48
CA TYR E 22 32.12 89.18 -1.44
C TYR E 22 30.95 88.24 -1.75
N THR E 23 30.06 88.65 -2.66
CA THR E 23 28.98 87.76 -3.16
C THR E 23 29.62 86.45 -3.64
N ASN E 24 30.70 86.53 -4.39
CA ASN E 24 31.37 85.33 -4.96
C ASN E 24 32.00 84.54 -3.82
N VAL E 25 32.48 85.20 -2.76
CA VAL E 25 33.08 84.48 -1.60
C VAL E 25 32.00 83.61 -0.96
N ILE E 26 30.83 84.18 -0.73
CA ILE E 26 29.74 83.40 -0.07
C ILE E 26 29.23 82.33 -1.05
N LEU E 27 29.24 82.62 -2.36
CA LEU E 27 28.93 81.59 -3.37
C LEU E 27 29.90 80.42 -3.24
N CYS E 28 31.19 80.70 -3.06
CA CYS E 28 32.24 79.67 -2.87
C CYS E 28 31.93 78.89 -1.59
N GLN E 29 31.51 79.58 -0.53
CA GLN E 29 31.11 78.90 0.73
C GLN E 29 30.03 77.87 0.40
N LEU E 30 28.98 78.30 -0.31
CA LEU E 30 27.82 77.43 -0.61
C LEU E 30 28.27 76.24 -1.47
N GLU E 31 29.08 76.49 -2.51
CA GLU E 31 29.52 75.42 -3.44
C GLU E 31 30.34 74.40 -2.66
N VAL E 32 31.24 74.88 -1.80
CA VAL E 32 32.13 73.99 -1.02
C VAL E 32 31.26 73.17 -0.07
N TYR E 33 30.24 73.78 0.52
CA TYR E 33 29.33 73.04 1.43
C TYR E 33 28.61 71.96 0.64
N GLN E 34 28.07 72.29 -0.52
CA GLN E 34 27.35 71.30 -1.38
C GLN E 34 28.27 70.10 -1.60
N LYS E 35 29.47 70.34 -2.12
CA LYS E 35 30.38 69.24 -2.54
C LYS E 35 30.85 68.48 -1.31
N SER E 36 31.08 69.17 -0.20
CA SER E 36 31.61 68.54 1.04
C SER E 36 30.52 67.66 1.66
N LEU E 37 29.29 68.12 1.68
CA LEU E 37 28.15 67.34 2.23
C LEU E 37 27.95 66.11 1.36
N LYS E 38 28.07 66.25 0.04
CA LYS E 38 27.85 65.11 -0.87
C LYS E 38 28.94 64.08 -0.63
N MET E 39 30.19 64.52 -0.49
CA MET E 39 31.32 63.59 -0.24
C MET E 39 31.14 62.93 1.13
N ALA E 40 30.68 63.68 2.12
CA ALA E 40 30.59 63.22 3.53
C ALA E 40 29.45 62.22 3.66
N GLN E 41 28.38 62.37 2.88
CA GLN E 41 27.18 61.49 3.03
C GLN E 41 27.51 60.08 2.56
N ARG E 42 28.37 59.93 1.57
CA ARG E 42 28.71 58.60 1.01
C ARG E 42 29.47 57.75 2.04
N GLN E 43 29.89 58.31 3.17
CA GLN E 43 30.51 57.52 4.26
C GLN E 43 29.45 56.88 5.14
N LEU E 44 28.16 57.21 4.99
CA LEU E 44 27.09 56.66 5.86
C LEU E 44 26.81 55.21 5.49
N VAL E 45 26.39 54.41 6.46
CA VAL E 45 26.21 52.95 6.25
C VAL E 45 24.87 52.75 5.53
N LYS E 46 23.81 53.34 6.07
CA LYS E 46 22.44 53.21 5.52
C LYS E 46 22.37 53.92 4.17
N LYS E 47 22.01 53.18 3.13
CA LYS E 47 21.86 53.71 1.76
C LYS E 47 20.37 53.83 1.44
N ARG E 48 19.98 54.93 0.83
CA ARG E 48 18.57 55.16 0.43
C ARG E 48 18.25 54.37 -0.83
N GLY E 49 17.06 53.76 -0.86
CA GLY E 49 16.53 53.04 -2.03
C GLY E 49 16.64 53.90 -3.28
N PHE E 50 16.59 53.29 -4.45
CA PHE E 50 16.82 54.03 -5.72
C PHE E 50 15.51 54.54 -6.31
N GLY E 51 14.40 54.39 -5.58
CA GLY E 51 13.09 54.89 -6.03
C GLY E 51 12.68 54.23 -7.34
N GLU E 52 11.74 54.86 -8.07
CA GLU E 52 11.09 54.23 -9.23
C GLU E 52 11.67 54.81 -10.51
N PRO E 53 11.66 54.02 -11.60
CA PRO E 53 12.21 54.49 -12.87
C PRO E 53 11.21 55.34 -13.68
N VAL E 54 11.75 56.05 -14.64
CA VAL E 54 10.96 56.83 -15.64
C VAL E 54 10.60 55.88 -16.77
N LEU E 55 9.33 55.72 -17.06
CA LEU E 55 8.88 54.82 -18.15
C LEU E 55 8.48 55.67 -19.35
N PRO E 56 8.49 55.10 -20.57
CA PRO E 56 8.12 55.85 -21.76
C PRO E 56 6.64 56.24 -21.83
N ARG E 57 6.34 57.14 -22.76
CA ARG E 57 4.99 57.62 -23.14
C ARG E 57 4.07 56.42 -23.38
N PRO E 58 2.98 56.28 -22.58
CA PRO E 58 2.00 55.21 -22.81
C PRO E 58 1.33 55.31 -24.18
N PRO E 59 1.47 54.28 -25.05
CA PRO E 59 0.94 54.36 -26.40
C PRO E 59 -0.55 54.02 -26.52
N PHE E 60 -1.08 54.17 -27.72
CA PHE E 60 -2.46 53.78 -28.13
C PHE E 60 -3.51 54.26 -27.13
N MET F 5 -0.46 -19.39 33.86
CA MET F 5 0.28 -19.57 32.57
C MET F 5 -0.64 -20.28 31.56
N GLU F 6 -0.43 -21.57 31.28
CA GLU F 6 -1.25 -22.39 30.33
C GLU F 6 -1.27 -21.73 28.93
N GLY F 7 -0.32 -20.85 28.62
CA GLY F 7 -0.10 -20.37 27.24
C GLY F 7 0.54 -21.49 26.41
N GLU F 8 -0.26 -22.26 25.67
CA GLU F 8 0.24 -23.49 25.01
C GLU F 8 -0.11 -23.48 23.52
N SER F 9 0.89 -23.75 22.68
CA SER F 9 0.72 -24.00 21.23
C SER F 9 1.08 -25.46 20.94
N THR F 10 0.73 -25.97 19.75
CA THR F 10 0.97 -27.39 19.39
C THR F 10 1.41 -27.47 17.93
N LEU F 11 2.53 -26.87 17.59
CA LEU F 11 3.10 -26.97 16.22
C LEU F 11 3.37 -28.45 15.86
N GLY F 12 3.17 -28.78 14.60
CA GLY F 12 3.56 -30.07 14.00
C GLY F 12 4.70 -29.91 13.02
N VAL F 13 5.65 -30.84 13.03
CA VAL F 13 6.88 -30.77 12.18
C VAL F 13 7.07 -32.10 11.45
N LEU F 14 7.52 -32.02 10.20
CA LEU F 14 7.86 -33.21 9.37
C LEU F 14 9.14 -32.94 8.59
N SER F 15 9.64 -33.95 7.89
CA SER F 15 10.75 -33.82 6.93
C SER F 15 10.20 -34.10 5.53
N GLY F 16 10.76 -33.42 4.53
CA GLY F 16 10.37 -33.58 3.12
C GLY F 16 10.30 -35.06 2.74
N PHE F 17 11.27 -35.84 3.21
CA PHE F 17 11.46 -37.25 2.80
C PHE F 17 10.33 -38.10 3.38
N VAL F 18 9.87 -37.80 4.58
CA VAL F 18 8.79 -38.60 5.22
C VAL F 18 7.50 -38.36 4.44
N LEU F 19 7.23 -37.11 4.08
CA LEU F 19 6.03 -36.79 3.27
C LEU F 19 6.16 -37.49 1.91
N GLY F 20 7.35 -37.46 1.31
CA GLY F 20 7.61 -38.19 0.05
C GLY F 20 7.30 -39.66 0.19
N ALA F 21 7.72 -40.29 1.28
CA ALA F 21 7.55 -41.74 1.52
C ALA F 21 6.06 -42.05 1.69
N LEU F 22 5.34 -41.21 2.45
CA LEU F 22 3.88 -41.40 2.59
C LEU F 22 3.22 -41.30 1.21
N THR F 23 3.58 -40.28 0.44
CA THR F 23 3.00 -40.05 -0.90
C THR F 23 3.30 -41.27 -1.78
N PHE F 24 4.49 -41.83 -1.68
CA PHE F 24 4.90 -42.96 -2.53
C PHE F 24 4.08 -44.20 -2.14
N HIS F 25 4.00 -44.50 -0.85
CA HIS F 25 3.21 -45.65 -0.33
C HIS F 25 1.76 -45.50 -0.81
N HIS F 26 1.24 -44.28 -0.80
CA HIS F 26 -0.15 -44.04 -1.23
C HIS F 26 -0.29 -44.27 -2.73
N LEU F 27 0.55 -43.63 -3.54
CA LEU F 27 0.44 -43.67 -5.01
C LEU F 27 0.51 -45.12 -5.49
N ASN F 28 1.16 -46.00 -4.74
CA ASN F 28 1.24 -47.44 -5.10
C ASN F 28 -0.06 -48.16 -4.73
N THR F 29 -0.82 -47.63 -3.77
CA THR F 29 -2.08 -48.26 -3.31
C THR F 29 -3.26 -47.72 -4.13
N ASP F 30 -3.96 -48.58 -4.86
CA ASP F 30 -5.13 -48.17 -5.69
C ASP F 30 -6.38 -48.15 -4.81
N SER F 31 -6.32 -47.44 -3.69
CA SER F 31 -7.43 -47.32 -2.71
C SER F 31 -6.99 -46.45 -1.55
N ASP F 32 -7.90 -46.20 -0.60
CA ASP F 32 -7.53 -45.54 0.67
C ASP F 32 -6.42 -46.36 1.32
N THR F 33 -5.59 -45.69 2.11
CA THR F 33 -4.57 -46.34 2.95
C THR F 33 -4.40 -45.55 4.23
N GLU F 34 -3.68 -46.12 5.18
CA GLU F 34 -3.57 -45.54 6.54
C GLU F 34 -2.37 -46.15 7.25
N GLY F 35 -2.01 -45.57 8.37
CA GLY F 35 -0.88 -46.05 9.17
C GLY F 35 -0.66 -45.18 10.39
N PHE F 36 0.46 -45.39 11.06
CA PHE F 36 0.80 -44.75 12.36
C PHE F 36 2.00 -43.84 12.17
N LEU F 37 2.07 -42.81 13.01
CA LEU F 37 3.16 -41.81 13.00
C LEU F 37 3.94 -41.90 14.31
N LEU F 38 5.24 -42.16 14.20
CA LEU F 38 6.12 -42.28 15.38
C LEU F 38 7.12 -41.13 15.39
N GLY F 39 7.35 -40.58 16.58
CA GLY F 39 8.27 -39.45 16.79
C GLY F 39 8.34 -39.04 18.25
N GLU F 40 8.62 -37.77 18.54
CA GLU F 40 8.64 -37.29 19.94
C GLU F 40 8.01 -35.91 20.02
N MET F 41 7.33 -35.63 21.13
CA MET F 41 6.68 -34.33 21.40
C MET F 41 7.43 -33.64 22.55
N LYS F 42 7.88 -32.41 22.31
CA LYS F 42 8.71 -31.64 23.28
C LYS F 42 8.16 -30.22 23.41
N GLY F 43 7.98 -29.77 24.66
CA GLY F 43 7.55 -28.41 25.00
C GLY F 43 8.72 -27.47 25.18
N GLU F 44 8.66 -26.29 24.58
CA GLU F 44 9.70 -25.23 24.70
C GLU F 44 9.08 -23.97 25.28
N ALA F 45 9.80 -23.32 26.20
CA ALA F 45 9.33 -22.12 26.93
C ALA F 45 10.01 -20.88 26.35
N LYS F 46 9.23 -19.84 26.05
CA LYS F 46 9.74 -18.50 25.66
C LYS F 46 9.20 -17.46 26.64
N ASN F 47 10.10 -16.84 27.41
CA ASN F 47 9.76 -15.81 28.42
C ASN F 47 9.74 -14.45 27.71
N SER F 48 8.76 -14.23 26.84
CA SER F 48 8.64 -12.96 26.07
C SER F 48 8.73 -11.76 27.02
N ILE F 49 9.31 -10.66 26.54
CA ILE F 49 9.35 -9.37 27.29
C ILE F 49 8.40 -8.39 26.61
N THR F 50 7.64 -7.64 27.39
CA THR F 50 6.63 -6.67 26.89
C THR F 50 7.03 -5.27 27.37
N ASP F 51 7.55 -4.44 26.47
CA ASP F 51 7.95 -3.04 26.80
C ASP F 51 9.01 -3.10 27.91
N SER F 52 8.63 -2.93 29.18
CA SER F 52 9.56 -3.03 30.33
C SER F 52 8.82 -3.62 31.53
N GLN F 53 9.58 -4.08 32.52
CA GLN F 53 9.07 -4.43 33.88
C GLN F 53 7.80 -5.28 33.77
N MET F 54 7.67 -6.07 32.70
CA MET F 54 6.54 -7.01 32.46
C MET F 54 6.99 -8.03 31.43
N ASP F 55 6.58 -9.29 31.58
CA ASP F 55 6.89 -10.38 30.61
C ASP F 55 5.67 -11.28 30.49
N ASN F 56 5.71 -12.22 29.55
CA ASN F 56 4.62 -13.23 29.37
C ASN F 56 5.25 -14.56 28.97
N VAL F 57 5.42 -15.47 29.94
CA VAL F 57 6.02 -16.81 29.69
C VAL F 57 4.99 -17.66 28.93
N LYS F 58 5.38 -18.19 27.77
CA LYS F 58 4.51 -19.05 26.93
C LYS F 58 5.26 -20.33 26.56
N VAL F 59 4.51 -21.35 26.14
CA VAL F 59 5.06 -22.68 25.80
C VAL F 59 4.52 -23.13 24.45
N VAL F 60 5.38 -23.70 23.63
CA VAL F 60 5.00 -24.36 22.34
C VAL F 60 5.35 -25.83 22.46
N TYR F 61 4.38 -26.72 22.27
CA TYR F 61 4.57 -28.19 22.29
C TYR F 61 4.79 -28.69 20.86
N THR F 62 6.04 -28.69 20.42
CA THR F 62 6.41 -29.10 19.04
C THR F 62 6.42 -30.63 18.95
N ILE F 63 5.72 -31.18 17.96
CA ILE F 63 5.71 -32.64 17.67
C ILE F 63 6.61 -32.92 16.47
N ASP F 64 7.67 -33.69 16.68
CA ASP F 64 8.61 -34.09 15.61
C ASP F 64 8.23 -35.49 15.14
N ILE F 65 7.76 -35.57 13.90
CA ILE F 65 7.38 -36.86 13.24
C ILE F 65 8.61 -37.41 12.55
N GLN F 66 9.00 -38.63 12.91
CA GLN F 66 10.28 -39.22 12.46
C GLN F 66 10.01 -40.31 11.42
N LYS F 67 9.10 -41.25 11.71
CA LYS F 67 8.85 -42.39 10.80
C LYS F 67 7.36 -42.69 10.78
N TYR F 68 6.95 -43.42 9.77
CA TYR F 68 5.55 -43.88 9.59
C TYR F 68 5.55 -45.41 9.46
N ILE F 69 4.48 -46.02 9.95
CA ILE F 69 4.26 -47.48 9.79
C ILE F 69 2.98 -47.66 8.98
N PRO F 70 3.05 -48.15 7.73
CA PRO F 70 1.84 -48.44 6.96
C PRO F 70 1.25 -49.80 7.32
N CYS F 71 -0.06 -49.85 7.57
CA CYS F 71 -0.81 -51.11 7.75
C CYS F 71 -1.43 -51.44 6.39
N TYR F 72 -1.10 -52.61 5.84
CA TYR F 72 -1.32 -52.99 4.43
C TYR F 72 -2.81 -53.24 4.11
N ARG F 73 -3.70 -53.25 5.11
CA ARG F 73 -5.15 -53.52 4.88
C ARG F 73 -5.98 -52.58 5.76
N LEU F 74 -7.13 -52.18 5.25
CA LEU F 74 -8.09 -51.35 6.03
C LEU F 74 -8.75 -52.22 7.10
N PHE F 75 -9.15 -51.60 8.20
CA PHE F 75 -9.81 -52.28 9.34
C PHE F 75 -8.93 -53.38 9.91
N SER F 76 -7.63 -53.34 9.63
CA SER F 76 -6.66 -54.35 10.11
C SER F 76 -6.60 -54.30 11.63
N PHE F 77 -6.89 -53.17 12.26
CA PHE F 77 -6.76 -53.02 13.73
C PHE F 77 -7.99 -52.37 14.34
N TYR F 78 -9.15 -52.51 13.70
CA TYR F 78 -10.42 -51.95 14.23
C TYR F 78 -11.59 -52.59 13.49
N ASN F 79 -12.79 -52.39 14.04
CA ASN F 79 -14.06 -52.93 13.48
C ASN F 79 -14.82 -51.81 12.77
N SER F 80 -16.08 -52.06 12.42
CA SER F 80 -16.96 -51.09 11.72
C SER F 80 -17.19 -49.83 12.57
N LEU F 81 -17.13 -49.92 13.89
CA LEU F 81 -17.44 -48.78 14.80
C LEU F 81 -16.14 -48.20 15.39
N GLY F 82 -14.98 -48.58 14.86
CA GLY F 82 -13.69 -48.01 15.28
C GLY F 82 -13.14 -48.66 16.54
N GLU F 83 -13.78 -49.70 17.06
CA GLU F 83 -13.31 -50.41 18.28
C GLU F 83 -12.05 -51.20 17.92
N VAL F 84 -11.03 -51.13 18.76
CA VAL F 84 -9.63 -51.46 18.34
C VAL F 84 -9.34 -52.96 18.53
N ASN F 85 -9.83 -53.59 19.59
CA ASN F 85 -9.47 -54.99 19.95
C ASN F 85 -7.99 -55.06 20.38
N GLU F 86 -7.64 -56.11 21.13
CA GLU F 86 -6.29 -56.21 21.77
C GLU F 86 -5.25 -56.60 20.71
N HIS F 87 -5.55 -57.55 19.83
CA HIS F 87 -4.58 -58.03 18.83
C HIS F 87 -4.05 -56.86 18.01
N ALA F 88 -4.89 -55.84 17.79
CA ALA F 88 -4.46 -54.59 17.13
C ALA F 88 -3.24 -54.01 17.86
N LEU F 89 -3.39 -53.85 19.17
CA LEU F 89 -2.33 -53.33 20.07
C LEU F 89 -1.10 -54.25 19.93
N LYS F 90 -1.30 -55.56 20.04
CA LYS F 90 -0.18 -56.54 19.93
C LYS F 90 0.53 -56.29 18.60
N LYS F 91 -0.21 -56.13 17.51
CA LYS F 91 0.36 -55.96 16.16
C LYS F 91 1.20 -54.68 16.14
N VAL F 92 0.64 -53.57 16.60
CA VAL F 92 1.34 -52.25 16.47
C VAL F 92 2.54 -52.23 17.42
N LEU F 93 2.53 -53.01 18.49
CA LEU F 93 3.65 -53.05 19.47
C LEU F 93 4.76 -53.96 18.94
N SER F 94 4.40 -55.07 18.28
CA SER F 94 5.37 -56.03 17.68
C SER F 94 6.23 -55.28 16.67
N ASN F 95 5.63 -54.33 15.94
CA ASN F 95 6.37 -53.33 15.14
C ASN F 95 7.14 -52.45 16.13
N VAL F 96 8.17 -53.02 16.75
CA VAL F 96 8.88 -52.40 17.89
C VAL F 96 9.19 -50.94 17.53
N ARG F 97 8.86 -50.04 18.45
CA ARG F 97 8.92 -48.57 18.25
C ARG F 97 9.44 -47.94 19.54
N LYS F 98 9.61 -46.61 19.56
CA LYS F 98 9.98 -45.87 20.78
C LYS F 98 8.80 -45.03 21.27
N THR F 99 8.27 -44.12 20.45
CA THR F 99 7.17 -43.23 20.87
C THR F 99 6.21 -43.00 19.71
N VAL F 100 4.92 -43.20 19.98
CA VAL F 100 3.82 -42.86 19.04
C VAL F 100 3.49 -41.38 19.21
N VAL F 101 3.03 -40.73 18.16
CA VAL F 101 2.65 -39.29 18.23
C VAL F 101 1.36 -39.05 17.46
N GLY F 102 1.03 -39.93 16.51
CA GLY F 102 -0.25 -39.86 15.82
C GLY F 102 -0.46 -40.98 14.83
N TRP F 103 -1.37 -40.75 13.90
CA TRP F 103 -1.73 -41.70 12.84
C TRP F 103 -2.24 -40.94 11.63
N TYR F 104 -2.15 -41.56 10.46
CA TYR F 104 -2.44 -40.87 9.19
C TYR F 104 -3.45 -41.69 8.39
N LYS F 105 -4.10 -40.99 7.46
CA LYS F 105 -5.11 -41.59 6.55
C LYS F 105 -5.09 -40.84 5.22
N PHE F 106 -5.20 -41.59 4.14
CA PHE F 106 -5.39 -41.09 2.76
C PHE F 106 -6.83 -41.35 2.34
N ARG F 107 -7.58 -40.28 2.06
CA ARG F 107 -8.96 -40.38 1.47
C ARG F 107 -8.94 -39.74 0.08
N ARG F 108 -8.98 -40.56 -0.97
CA ARG F 108 -8.92 -40.04 -2.35
C ARG F 108 -10.24 -39.32 -2.64
N HIS F 109 -10.17 -38.05 -3.03
CA HIS F 109 -11.37 -37.21 -3.31
C HIS F 109 -12.29 -37.16 -2.10
N SER F 110 -12.01 -36.27 -1.16
CA SER F 110 -12.76 -36.19 0.12
C SER F 110 -12.57 -34.81 0.74
N ASP F 111 -13.56 -34.39 1.50
CA ASP F 111 -13.58 -33.08 2.22
C ASP F 111 -12.51 -33.15 3.31
N GLN F 112 -11.87 -32.02 3.59
CA GLN F 112 -10.84 -31.94 4.66
C GLN F 112 -11.58 -31.78 5.99
N ILE F 113 -12.17 -32.86 6.48
CA ILE F 113 -12.69 -32.93 7.86
C ILE F 113 -12.86 -34.39 8.24
N MET F 114 -12.41 -34.75 9.43
CA MET F 114 -12.33 -36.16 9.86
C MET F 114 -13.74 -36.73 9.94
N THR F 115 -13.86 -38.01 9.59
CA THR F 115 -15.16 -38.71 9.40
C THR F 115 -15.73 -39.14 10.75
N PHE F 116 -16.90 -39.78 10.70
CA PHE F 116 -17.57 -40.43 11.84
C PHE F 116 -16.63 -41.48 12.44
N ARG F 117 -16.21 -42.45 11.64
CA ARG F 117 -15.36 -43.57 12.10
C ARG F 117 -14.04 -43.01 12.63
N GLU F 118 -13.50 -41.98 11.99
CA GLU F 118 -12.13 -41.51 12.29
C GLU F 118 -12.11 -40.92 13.71
N GLN F 119 -13.11 -40.14 14.08
CA GLN F 119 -13.14 -39.50 15.42
C GLN F 119 -13.19 -40.60 16.49
N LEU F 120 -14.12 -41.55 16.35
CA LEU F 120 -14.27 -42.65 17.33
C LEU F 120 -12.94 -43.42 17.40
N LEU F 121 -12.33 -43.71 16.27
CA LEU F 121 -11.09 -44.54 16.23
C LEU F 121 -9.94 -43.76 16.88
N HIS F 122 -9.82 -42.47 16.59
CA HIS F 122 -8.74 -41.63 17.16
C HIS F 122 -8.91 -41.57 18.68
N ARG F 123 -10.13 -41.42 19.18
CA ARG F 123 -10.33 -41.34 20.64
C ARG F 123 -10.08 -42.71 21.26
N ASN F 124 -10.49 -43.80 20.63
CA ASN F 124 -10.22 -45.18 21.15
C ASN F 124 -8.70 -45.41 21.20
N LEU F 125 -7.96 -44.93 20.21
CA LEU F 125 -6.47 -45.06 20.20
C LEU F 125 -5.90 -44.20 21.31
N GLN F 126 -6.40 -42.99 21.49
CA GLN F 126 -6.00 -42.07 22.58
C GLN F 126 -6.20 -42.80 23.91
N THR F 127 -7.28 -43.57 24.05
CA THR F 127 -7.60 -44.30 25.29
C THR F 127 -6.58 -45.43 25.47
N HIS F 128 -6.44 -46.30 24.47
CA HIS F 128 -5.63 -47.55 24.59
C HIS F 128 -4.14 -47.23 24.68
N LEU F 129 -3.67 -46.19 24.01
CA LEU F 129 -2.22 -45.83 23.99
C LEU F 129 -1.92 -44.79 25.07
N SER F 130 -2.94 -44.28 25.78
CA SER F 130 -2.76 -43.34 26.90
C SER F 130 -1.90 -42.15 26.44
N SER F 131 -2.33 -41.50 25.35
CA SER F 131 -1.63 -40.34 24.77
C SER F 131 -2.66 -39.30 24.35
N PRO F 132 -3.13 -38.44 25.28
CA PRO F 132 -4.07 -37.38 24.91
C PRO F 132 -3.43 -36.23 24.12
N GLU F 133 -2.23 -36.45 23.58
CA GLU F 133 -1.55 -35.47 22.70
C GLU F 133 -1.32 -36.09 21.32
N LEU F 134 -2.19 -37.00 20.89
CA LEU F 134 -2.07 -37.63 19.56
C LEU F 134 -2.41 -36.62 18.47
N VAL F 135 -2.00 -36.94 17.26
CA VAL F 135 -2.35 -36.15 16.06
C VAL F 135 -2.87 -37.08 14.98
N PHE F 136 -3.69 -36.53 14.09
CA PHE F 136 -4.28 -37.26 12.95
C PHE F 136 -3.91 -36.50 11.68
N LEU F 137 -3.14 -37.14 10.82
CA LEU F 137 -2.70 -36.55 9.54
C LEU F 137 -3.65 -37.02 8.44
N LEU F 138 -4.54 -36.12 8.03
CA LEU F 138 -5.55 -36.45 7.00
C LEU F 138 -5.08 -35.87 5.67
N LEU F 139 -4.91 -36.73 4.67
CA LEU F 139 -4.52 -36.32 3.31
C LEU F 139 -5.68 -36.62 2.36
N THR F 140 -6.03 -35.65 1.53
CA THR F 140 -6.98 -35.83 0.41
C THR F 140 -6.23 -35.50 -0.87
N PRO F 141 -5.85 -36.49 -1.69
CA PRO F 141 -5.46 -36.22 -3.06
C PRO F 141 -6.69 -36.13 -3.97
N SER F 142 -6.59 -35.26 -4.96
CA SER F 142 -7.71 -34.97 -5.88
C SER F 142 -7.16 -34.49 -7.21
N ILE F 143 -8.02 -34.44 -8.20
CA ILE F 143 -7.67 -33.95 -9.56
C ILE F 143 -8.44 -32.65 -9.79
N THR F 144 -7.79 -31.71 -10.44
CA THR F 144 -8.21 -30.29 -10.50
C THR F 144 -8.87 -29.98 -11.84
N THR F 145 -8.73 -30.84 -12.85
CA THR F 145 -9.44 -30.69 -14.14
C THR F 145 -9.87 -32.05 -14.65
N GLU F 146 -10.81 -32.04 -15.60
CA GLU F 146 -11.36 -33.26 -16.23
C GLU F 146 -10.22 -33.97 -16.99
N SER F 147 -9.27 -33.19 -17.53
CA SER F 147 -8.17 -33.71 -18.39
C SER F 147 -7.16 -34.50 -17.55
N CYS F 148 -7.22 -34.40 -16.22
CA CYS F 148 -6.23 -35.03 -15.30
C CYS F 148 -4.84 -34.49 -15.57
N SER F 149 -4.73 -33.24 -16.03
CA SER F 149 -3.44 -32.56 -16.29
C SER F 149 -2.94 -31.84 -15.03
N THR F 150 -3.78 -31.67 -14.02
CA THR F 150 -3.41 -30.95 -12.78
C THR F 150 -3.99 -31.70 -11.56
N HIS F 151 -3.16 -31.99 -10.58
CA HIS F 151 -3.55 -32.74 -9.36
C HIS F 151 -3.22 -31.90 -8.12
N CYS F 152 -3.94 -32.15 -7.03
CA CYS F 152 -3.76 -31.39 -5.77
C CYS F 152 -3.81 -32.35 -4.60
N LEU F 153 -2.75 -32.37 -3.80
CA LEU F 153 -2.71 -33.11 -2.52
C LEU F 153 -2.84 -32.12 -1.36
N GLU F 154 -4.00 -32.14 -0.69
CA GLU F 154 -4.30 -31.22 0.43
C GLU F 154 -4.27 -32.05 1.72
N HIS F 155 -3.40 -31.67 2.63
CA HIS F 155 -3.17 -32.41 3.89
C HIS F 155 -3.30 -31.47 5.07
N ALA F 156 -3.73 -32.01 6.21
CA ALA F 156 -3.90 -31.21 7.44
C ALA F 156 -3.81 -32.12 8.66
N LEU F 157 -3.34 -31.54 9.77
CA LEU F 157 -3.27 -32.25 11.07
C LEU F 157 -4.46 -31.85 11.93
N TYR F 158 -4.98 -32.81 12.68
CA TYR F 158 -6.10 -32.58 13.63
C TYR F 158 -5.71 -33.17 14.98
N LYS F 159 -6.17 -32.56 16.06
CA LYS F 159 -5.96 -33.14 17.42
C LYS F 159 -7.17 -32.76 18.26
N PRO F 160 -7.60 -33.64 19.19
CA PRO F 160 -8.68 -33.30 20.11
C PRO F 160 -8.20 -32.28 21.15
N GLN F 161 -9.10 -31.36 21.51
CA GLN F 161 -8.76 -30.29 22.46
C GLN F 161 -9.94 -30.06 23.40
N ARG F 162 -11.06 -29.59 22.88
CA ARG F 162 -12.20 -29.16 23.73
C ARG F 162 -13.32 -30.19 23.65
N GLY F 163 -12.96 -31.48 23.55
CA GLY F 163 -13.85 -32.52 22.99
C GLY F 163 -14.00 -32.27 21.52
N LEU F 164 -14.05 -30.99 21.12
CA LEU F 164 -13.88 -30.57 19.70
C LEU F 164 -12.43 -30.83 19.26
N PHE F 165 -12.29 -31.17 17.99
CA PHE F 165 -11.00 -31.36 17.30
C PHE F 165 -10.69 -30.10 16.50
N HIS F 166 -9.47 -29.59 16.63
CA HIS F 166 -9.03 -28.39 15.89
C HIS F 166 -7.92 -28.78 14.92
N ARG F 167 -7.84 -28.08 13.78
CA ARG F 167 -6.71 -28.22 12.85
C ARG F 167 -5.44 -27.72 13.52
N VAL F 168 -4.31 -28.27 13.10
CA VAL F 168 -3.00 -27.98 13.71
C VAL F 168 -2.07 -27.52 12.61
N PRO F 169 -1.29 -26.44 12.82
CA PRO F 169 -0.32 -26.02 11.81
C PRO F 169 0.76 -27.09 11.62
N LEU F 170 1.24 -27.23 10.40
CA LEU F 170 2.29 -28.20 10.04
C LEU F 170 3.35 -27.51 9.21
N VAL F 171 4.61 -27.79 9.51
CA VAL F 171 5.76 -27.27 8.73
C VAL F 171 6.63 -28.45 8.30
N VAL F 172 7.21 -28.33 7.13
CA VAL F 172 8.10 -29.38 6.55
C VAL F 172 9.51 -28.80 6.48
N THR F 173 10.43 -29.46 7.16
CA THR F 173 11.85 -29.02 7.24
C THR F 173 12.49 -29.13 5.86
N ASN F 174 13.31 -28.16 5.51
CA ASN F 174 14.03 -28.16 4.22
C ASN F 174 15.33 -27.37 4.36
N LEU F 175 16.22 -27.52 3.39
CA LEU F 175 17.55 -26.86 3.41
C LEU F 175 17.38 -25.35 3.26
N GLY F 176 16.31 -24.91 2.60
CA GLY F 176 16.08 -23.48 2.28
C GLY F 176 15.98 -22.61 3.53
N MET F 177 15.68 -23.22 4.67
CA MET F 177 15.44 -22.48 5.93
C MET F 177 16.78 -21.93 6.44
N SER F 178 17.21 -20.80 5.88
CA SER F 178 18.36 -20.01 6.39
C SER F 178 19.65 -20.85 6.32
N ASP F 179 19.94 -21.37 5.13
CA ASP F 179 21.23 -22.05 4.83
C ASP F 179 22.36 -21.02 4.94
N GLN F 180 22.11 -19.78 4.54
CA GLN F 180 23.06 -18.64 4.72
C GLN F 180 24.37 -19.01 3.99
N LEU F 181 24.32 -19.10 2.66
CA LEU F 181 25.53 -19.17 1.80
C LEU F 181 26.40 -17.94 2.13
N GLY F 182 26.40 -16.91 1.27
CA GLY F 182 26.92 -15.57 1.64
C GLY F 182 28.43 -15.49 1.45
N TYR F 183 29.21 -15.98 2.41
CA TYR F 183 30.68 -15.83 2.43
C TYR F 183 31.00 -14.35 2.44
N LYS F 184 32.18 -13.96 1.97
CA LYS F 184 32.63 -12.55 1.94
C LYS F 184 33.76 -12.43 0.92
N THR F 185 33.63 -11.50 -0.02
CA THR F 185 34.67 -11.22 -1.04
C THR F 185 35.40 -9.91 -0.68
N GLU F 186 36.42 -9.56 -1.47
CA GLU F 186 37.16 -8.27 -1.36
C GLU F 186 37.34 -7.86 0.11
N PRO F 187 38.51 -8.11 0.72
CA PRO F 187 38.73 -7.80 2.13
C PRO F 187 38.86 -6.29 2.40
N ALA F 188 38.36 -5.85 3.56
CA ALA F 188 38.47 -4.45 4.01
C ALA F 188 39.89 -4.22 4.55
N SER F 189 40.85 -4.20 3.64
CA SER F 189 42.32 -4.23 3.92
C SER F 189 42.70 -3.14 4.93
N CYS F 190 43.58 -3.50 5.85
CA CYS F 190 44.11 -2.60 6.91
C CYS F 190 45.63 -2.49 6.78
N THR F 191 46.16 -1.28 6.95
CA THR F 191 47.61 -0.98 6.90
C THR F 191 48.24 -1.26 8.27
N SER F 192 47.65 -2.17 9.05
CA SER F 192 48.07 -2.44 10.44
C SER F 192 49.15 -3.52 10.46
N THR F 193 50.35 -3.17 10.93
CA THR F 193 51.46 -4.13 11.13
C THR F 193 51.14 -5.02 12.32
N VAL F 194 50.54 -4.45 13.36
CA VAL F 194 50.29 -5.18 14.63
C VAL F 194 49.13 -6.15 14.40
N PHE F 195 48.11 -5.75 13.67
CA PHE F 195 46.97 -6.63 13.33
C PHE F 195 47.52 -7.84 12.55
N SER F 196 48.33 -7.57 11.53
CA SER F 196 49.02 -8.63 10.74
C SER F 196 49.82 -9.51 11.68
N ARG F 197 50.58 -8.93 12.60
CA ARG F 197 51.48 -9.69 13.49
C ARG F 197 50.64 -10.63 14.36
N ALA F 198 49.52 -10.19 14.91
CA ALA F 198 48.70 -11.01 15.83
C ALA F 198 48.02 -12.14 15.03
N VAL F 199 47.30 -11.78 13.98
CA VAL F 199 46.61 -12.79 13.11
C VAL F 199 47.65 -13.77 12.60
N ARG F 200 48.86 -13.28 12.32
CA ARG F 200 49.93 -14.08 11.70
C ARG F 200 50.51 -15.05 12.73
N THR F 201 50.74 -14.58 13.95
CA THR F 201 51.23 -15.44 15.06
C THR F 201 50.27 -16.62 15.23
N HIS F 202 48.97 -16.36 15.22
CA HIS F 202 47.94 -17.40 15.45
C HIS F 202 47.48 -18.04 14.14
N SER F 203 48.08 -17.69 13.00
CA SER F 203 47.81 -18.39 11.70
C SER F 203 48.33 -19.82 11.79
N SER F 204 49.57 -19.98 12.23
CA SER F 204 50.25 -21.30 12.39
C SER F 204 49.39 -22.25 13.25
N GLN F 205 48.45 -21.72 14.04
CA GLN F 205 47.72 -22.50 15.06
C GLN F 205 46.71 -23.43 14.37
N PHE F 206 46.25 -23.11 13.16
CA PHE F 206 45.28 -23.99 12.48
C PHE F 206 45.21 -23.77 10.97
N PHE F 207 45.83 -22.73 10.42
CA PHE F 207 45.70 -22.43 8.97
C PHE F 207 46.47 -23.47 8.15
N ASN F 208 47.41 -24.23 8.73
CA ASN F 208 48.10 -25.30 7.96
C ASN F 208 49.07 -24.65 6.95
N GLU F 209 49.74 -25.45 6.13
CA GLU F 209 50.75 -24.93 5.16
C GLU F 209 50.17 -24.99 3.74
N ASP F 210 50.68 -24.13 2.86
CA ASP F 210 50.25 -24.04 1.45
C ASP F 210 48.74 -23.79 1.39
N GLY F 211 48.26 -22.76 2.08
CA GLY F 211 46.82 -22.39 2.09
C GLY F 211 45.98 -23.47 2.76
N SER F 212 44.75 -23.70 2.28
CA SER F 212 43.82 -24.70 2.84
C SER F 212 43.44 -24.30 4.27
N LEU F 213 42.49 -25.00 4.87
CA LEU F 213 42.13 -24.82 6.30
C LEU F 213 41.82 -26.18 6.89
N LYS F 214 42.15 -26.38 8.16
CA LYS F 214 42.02 -27.69 8.84
C LYS F 214 40.54 -28.05 8.96
N GLU F 215 39.70 -27.07 9.28
CA GLU F 215 38.24 -27.29 9.37
C GLU F 215 37.69 -27.74 8.02
N VAL F 216 38.13 -27.11 6.93
CA VAL F 216 37.62 -27.42 5.57
C VAL F 216 37.79 -28.93 5.35
N HIS F 217 39.00 -29.45 5.56
CA HIS F 217 39.32 -30.86 5.23
C HIS F 217 38.66 -31.79 6.25
N LYS F 218 38.67 -31.42 7.53
CA LYS F 218 38.00 -32.27 8.57
C LYS F 218 36.54 -32.47 8.17
N ILE F 219 35.84 -31.37 7.86
CA ILE F 219 34.38 -31.41 7.58
C ILE F 219 34.14 -32.12 6.25
N ASN F 220 35.01 -31.91 5.26
CA ASN F 220 34.86 -32.57 3.94
C ASN F 220 34.99 -34.08 4.13
N GLU F 221 35.95 -34.51 4.94
CA GLU F 221 36.19 -35.96 5.19
C GLU F 221 35.02 -36.53 5.98
N MET F 222 34.47 -35.77 6.94
CA MET F 222 33.27 -36.22 7.71
C MET F 222 32.11 -36.42 6.74
N TYR F 223 31.93 -35.48 5.81
CA TYR F 223 30.81 -35.53 4.83
C TYR F 223 31.03 -36.74 3.92
N ALA F 224 32.27 -37.00 3.52
CA ALA F 224 32.63 -38.14 2.64
C ALA F 224 32.32 -39.45 3.38
N ALA F 225 32.60 -39.52 4.69
CA ALA F 225 32.31 -40.72 5.51
C ALA F 225 30.79 -40.94 5.54
N VAL F 226 30.02 -39.87 5.76
CA VAL F 226 28.54 -39.99 5.82
C VAL F 226 28.03 -40.40 4.43
N GLN F 227 28.66 -39.88 3.37
CA GLN F 227 28.26 -40.18 1.97
C GLN F 227 28.49 -41.66 1.69
N GLU F 228 29.61 -42.22 2.16
CA GLU F 228 29.93 -43.66 1.94
C GLU F 228 28.94 -44.49 2.76
N GLU F 229 28.59 -44.06 3.98
CA GLU F 229 27.56 -44.78 4.77
C GLU F 229 26.27 -44.82 3.97
N LEU F 230 25.87 -43.69 3.38
CA LEU F 230 24.62 -43.61 2.59
C LEU F 230 24.75 -44.52 1.37
N LYS F 231 25.91 -44.56 0.71
CA LYS F 231 26.12 -45.41 -0.48
C LYS F 231 25.92 -46.88 -0.09
N SER F 232 26.51 -47.31 1.03
CA SER F 232 26.41 -48.72 1.51
C SER F 232 24.93 -49.04 1.80
N ILE F 233 24.26 -48.15 2.54
CA ILE F 233 22.84 -48.40 2.93
C ILE F 233 21.98 -48.41 1.67
N CYS F 234 22.31 -47.58 0.69
CA CYS F 234 21.57 -47.53 -0.60
C CYS F 234 21.70 -48.86 -1.32
N GLN F 235 22.93 -49.37 -1.43
CA GLN F 235 23.19 -50.68 -2.08
C GLN F 235 22.33 -51.76 -1.40
N LYS F 236 22.38 -51.84 -0.07
CA LYS F 236 21.75 -52.97 0.66
C LYS F 236 20.23 -52.83 0.58
N VAL F 237 19.70 -51.62 0.64
CA VAL F 237 18.23 -51.39 0.55
C VAL F 237 17.77 -51.74 -0.88
N GLU F 238 18.59 -51.44 -1.88
CA GLU F 238 18.27 -51.80 -3.29
C GLU F 238 18.17 -53.33 -3.38
N GLN F 239 19.11 -54.04 -2.77
CA GLN F 239 19.11 -55.53 -2.76
C GLN F 239 17.81 -56.01 -2.09
N SER F 240 17.42 -55.41 -0.97
CA SER F 240 16.18 -55.78 -0.24
C SER F 240 14.98 -55.58 -1.17
N GLU F 241 14.98 -54.50 -1.95
CA GLU F 241 13.86 -54.18 -2.88
C GLU F 241 13.81 -55.27 -3.97
N ARG F 242 14.96 -55.70 -4.47
CA ARG F 242 15.01 -56.77 -5.50
C ARG F 242 14.40 -58.06 -4.92
N GLU F 243 14.80 -58.42 -3.70
CA GLU F 243 14.28 -59.65 -3.03
C GLU F 243 12.75 -59.51 -2.89
N VAL F 244 12.28 -58.33 -2.50
CA VAL F 244 10.81 -58.11 -2.32
C VAL F 244 10.11 -58.30 -3.67
N GLU F 245 10.68 -57.75 -4.75
CA GLU F 245 10.10 -57.92 -6.11
C GLU F 245 9.95 -59.41 -6.44
N LYS F 246 11.02 -60.17 -6.25
CA LYS F 246 11.05 -61.63 -6.57
C LYS F 246 9.92 -62.32 -5.79
N LEU F 247 9.90 -62.13 -4.47
CA LEU F 247 8.95 -62.85 -3.58
C LEU F 247 7.52 -62.45 -3.97
N LEU F 248 7.30 -61.18 -4.29
CA LEU F 248 5.94 -60.68 -4.60
C LEU F 248 5.47 -61.29 -5.93
N MET F 249 6.35 -61.35 -6.93
CA MET F 249 5.98 -61.98 -8.22
C MET F 249 5.59 -63.44 -7.98
N ASP F 250 6.36 -64.17 -7.17
CA ASP F 250 6.05 -65.59 -6.84
C ASP F 250 4.65 -65.67 -6.22
N VAL F 251 4.40 -64.85 -5.20
CA VAL F 251 3.11 -64.91 -4.44
C VAL F 251 1.96 -64.62 -5.41
N ASN F 252 2.11 -63.61 -6.27
CA ASN F 252 1.00 -63.20 -7.17
C ASN F 252 0.74 -64.29 -8.21
N GLN F 253 1.79 -64.90 -8.74
CA GLN F 253 1.63 -66.00 -9.73
C GLN F 253 0.89 -67.17 -9.06
N LEU F 254 1.25 -67.51 -7.81
CA LEU F 254 0.60 -68.64 -7.10
C LEU F 254 -0.88 -68.29 -6.84
N LYS F 255 -1.17 -67.03 -6.52
CA LYS F 255 -2.58 -66.59 -6.32
C LYS F 255 -3.35 -66.72 -7.64
N GLU F 256 -2.73 -66.35 -8.76
CA GLU F 256 -3.37 -66.49 -10.09
C GLU F 256 -3.69 -67.96 -10.34
N VAL F 257 -2.75 -68.87 -10.07
CA VAL F 257 -2.97 -70.33 -10.27
C VAL F 257 -4.14 -70.79 -9.39
N ARG F 258 -4.20 -70.33 -8.15
CA ARG F 258 -5.31 -70.69 -7.23
C ARG F 258 -6.65 -70.21 -7.82
N ARG F 259 -6.70 -68.96 -8.27
CA ARG F 259 -7.93 -68.36 -8.85
C ARG F 259 -8.35 -69.16 -10.09
N THR F 260 -7.40 -69.58 -10.93
CA THR F 260 -7.70 -70.37 -12.16
C THR F 260 -8.34 -71.70 -11.76
N GLN F 261 -7.74 -72.40 -10.78
CA GLN F 261 -8.30 -73.70 -10.32
C GLN F 261 -9.70 -73.48 -9.75
N GLN F 262 -9.92 -72.40 -9.00
CA GLN F 262 -11.25 -72.10 -8.40
C GLN F 262 -12.27 -71.81 -9.52
N ALA F 263 -11.87 -71.11 -10.58
CA ALA F 263 -12.76 -70.73 -11.69
C ALA F 263 -13.16 -72.00 -12.46
N ARG F 264 -12.19 -72.87 -12.76
CA ARG F 264 -12.47 -74.10 -13.55
C ARG F 264 -13.21 -75.13 -12.68
N ALA F 265 -13.13 -75.02 -11.35
CA ALA F 265 -13.80 -75.96 -10.41
C ALA F 265 -15.31 -75.75 -10.41
N THR F 266 -15.80 -74.57 -10.82
CA THR F 266 -17.25 -74.26 -10.91
C THR F 266 -17.82 -74.18 -9.49
N GLY F 267 -17.23 -73.30 -8.66
CA GLY F 267 -17.57 -73.11 -7.23
C GLY F 267 -19.01 -72.67 -7.02
N GLN F 278 -42.51 -69.70 -13.74
CA GLN F 278 -42.60 -68.36 -14.39
C GLN F 278 -44.08 -67.93 -14.46
N GLU F 279 -44.87 -68.36 -13.49
CA GLU F 279 -46.32 -68.04 -13.36
C GLU F 279 -46.46 -66.76 -12.54
N ASN F 280 -47.67 -66.17 -12.57
CA ASN F 280 -48.04 -65.04 -11.69
C ASN F 280 -48.29 -65.60 -10.29
N ILE F 281 -47.21 -65.80 -9.55
CA ILE F 281 -47.23 -66.56 -8.26
C ILE F 281 -48.13 -65.82 -7.27
N LEU F 282 -48.04 -64.50 -7.21
CA LEU F 282 -48.88 -63.70 -6.27
C LEU F 282 -50.35 -63.95 -6.57
N LEU F 283 -50.75 -63.84 -7.83
CA LEU F 283 -52.16 -63.99 -8.23
C LEU F 283 -52.61 -65.40 -7.86
N CYS F 284 -51.81 -66.42 -8.19
CA CYS F 284 -52.20 -67.84 -7.97
C CYS F 284 -52.36 -68.10 -6.46
N GLN F 285 -51.42 -67.64 -5.65
CA GLN F 285 -51.43 -67.90 -4.19
C GLN F 285 -52.61 -67.14 -3.58
N ALA F 286 -52.85 -65.89 -3.99
CA ALA F 286 -53.98 -65.08 -3.46
C ALA F 286 -55.29 -65.76 -3.83
N LEU F 287 -55.38 -66.29 -5.05
CA LEU F 287 -56.62 -66.93 -5.55
C LEU F 287 -56.85 -68.23 -4.77
N ARG F 288 -55.80 -69.00 -4.51
CA ARG F 288 -55.91 -70.31 -3.82
C ARG F 288 -56.25 -70.06 -2.36
N THR F 289 -55.71 -69.01 -1.74
CA THR F 289 -55.95 -68.70 -0.31
C THR F 289 -57.35 -68.10 -0.14
N PHE F 290 -57.89 -67.44 -1.16
CA PHE F 290 -59.23 -66.85 -1.13
C PHE F 290 -60.26 -67.94 -1.41
N PHE F 291 -60.88 -68.49 -0.37
CA PHE F 291 -62.04 -69.41 -0.52
C PHE F 291 -61.57 -70.64 -1.29
N PRO F 292 -60.76 -71.53 -0.67
CA PRO F 292 -60.34 -72.75 -1.33
C PRO F 292 -61.49 -73.73 -1.59
N GLU F 293 -62.69 -73.41 -1.11
CA GLU F 293 -63.93 -74.20 -1.37
C GLU F 293 -64.11 -74.43 -2.88
N SER F 294 -63.54 -73.56 -3.74
CA SER F 294 -63.71 -73.62 -5.21
C SER F 294 -62.80 -74.70 -5.82
N GLU F 295 -61.94 -75.34 -5.01
CA GLU F 295 -61.12 -76.51 -5.43
C GLU F 295 -60.26 -76.13 -6.66
N VAL F 296 -60.48 -76.74 -7.83
CA VAL F 296 -59.61 -76.54 -9.02
C VAL F 296 -59.91 -75.19 -9.67
N LEU F 297 -60.87 -74.40 -9.16
CA LEU F 297 -61.27 -73.10 -9.77
C LEU F 297 -60.03 -72.21 -9.94
N HIS F 298 -58.98 -72.44 -9.17
CA HIS F 298 -57.74 -71.63 -9.23
C HIS F 298 -57.00 -72.00 -10.51
N SER F 299 -57.09 -71.17 -11.55
CA SER F 299 -56.46 -71.45 -12.85
C SER F 299 -56.26 -70.16 -13.64
N CYS F 300 -55.53 -70.26 -14.74
CA CYS F 300 -55.24 -69.13 -15.65
C CYS F 300 -54.95 -69.65 -17.07
N VAL F 301 -55.34 -70.88 -17.39
CA VAL F 301 -55.16 -71.46 -18.74
C VAL F 301 -56.53 -71.91 -19.25
N ILE F 302 -56.76 -71.74 -20.55
CA ILE F 302 -58.05 -72.13 -21.20
C ILE F 302 -57.75 -72.77 -22.55
N SER F 303 -58.64 -73.64 -22.99
CA SER F 303 -58.60 -74.25 -24.34
C SER F 303 -58.78 -73.14 -25.38
N LEU F 304 -57.91 -73.14 -26.41
CA LEU F 304 -57.99 -72.15 -27.52
C LEU F 304 -59.34 -72.27 -28.24
N LYS F 305 -59.96 -73.46 -28.23
CA LYS F 305 -61.25 -73.70 -28.89
C LYS F 305 -62.39 -73.31 -27.95
N ASN F 306 -62.72 -74.18 -27.00
CA ASN F 306 -63.88 -74.01 -26.09
C ASN F 306 -63.45 -73.22 -24.85
N ARG F 307 -64.42 -72.56 -24.21
CA ARG F 307 -64.19 -71.73 -23.02
C ARG F 307 -64.28 -72.60 -21.77
N HIS F 308 -63.50 -73.67 -21.69
CA HIS F 308 -63.41 -74.53 -20.49
C HIS F 308 -61.99 -74.50 -19.95
N ILE F 309 -61.85 -74.77 -18.66
CA ILE F 309 -60.56 -74.63 -17.93
C ILE F 309 -59.64 -75.79 -18.26
N SER F 310 -58.34 -75.49 -18.30
CA SER F 310 -57.24 -76.46 -18.44
C SER F 310 -56.51 -76.56 -17.10
N PRO F 311 -55.82 -77.68 -16.82
CA PRO F 311 -55.08 -77.81 -15.56
C PRO F 311 -53.90 -76.82 -15.49
N SER F 312 -53.47 -76.51 -14.27
CA SER F 312 -52.44 -75.46 -14.00
C SER F 312 -51.33 -76.04 -13.13
N GLY F 313 -50.08 -75.63 -13.41
CA GLY F 313 -48.86 -76.22 -12.84
C GLY F 313 -48.25 -75.37 -11.74
N CYS F 314 -48.80 -74.17 -11.49
CA CYS F 314 -48.28 -73.20 -10.50
C CYS F 314 -48.12 -73.85 -9.12
N ASN F 315 -48.71 -75.04 -8.92
CA ASN F 315 -48.56 -75.84 -7.67
C ASN F 315 -49.35 -75.18 -6.54
N VAL F 316 -49.35 -75.82 -5.36
CA VAL F 316 -50.11 -75.36 -4.16
C VAL F 316 -49.13 -74.85 -3.08
N ASN F 317 -47.83 -74.87 -3.33
CA ASN F 317 -46.80 -74.77 -2.27
C ASN F 317 -45.96 -73.51 -2.44
N HIS F 318 -46.26 -72.53 -1.59
CA HIS F 318 -45.52 -71.24 -1.45
C HIS F 318 -46.16 -70.46 -0.30
N HIS F 319 -45.39 -69.58 0.35
CA HIS F 319 -45.82 -68.90 1.61
C HIS F 319 -46.62 -67.64 1.29
N VAL F 320 -46.22 -66.89 0.24
CA VAL F 320 -46.85 -65.61 -0.21
C VAL F 320 -46.82 -64.57 0.91
N ASP F 321 -46.85 -63.29 0.57
CA ASP F 321 -46.86 -62.17 1.54
C ASP F 321 -47.83 -61.09 1.05
N VAL F 322 -48.26 -60.21 1.95
CA VAL F 322 -49.14 -59.05 1.65
C VAL F 322 -50.45 -59.59 1.05
N VAL F 323 -51.21 -60.34 1.83
CA VAL F 323 -52.62 -60.68 1.48
C VAL F 323 -53.51 -59.57 2.04
N ASP F 324 -54.24 -58.88 1.16
CA ASP F 324 -54.88 -57.58 1.49
C ASP F 324 -56.32 -57.55 0.98
N GLN F 325 -57.04 -56.46 1.28
CA GLN F 325 -58.53 -56.43 1.26
C GLN F 325 -59.06 -56.59 -0.17
N LEU F 326 -60.13 -57.36 -0.33
CA LEU F 326 -60.77 -57.67 -1.65
C LEU F 326 -61.81 -56.60 -1.95
N THR F 327 -62.61 -56.20 -0.97
CA THR F 327 -63.63 -55.14 -1.09
C THR F 327 -63.93 -54.60 0.31
N LEU F 328 -64.16 -53.31 0.41
CA LEU F 328 -64.42 -52.62 1.70
C LEU F 328 -65.85 -52.98 2.13
N MET F 329 -65.97 -53.72 3.23
CA MET F 329 -67.27 -54.23 3.72
C MET F 329 -67.84 -53.23 4.73
N VAL F 330 -68.38 -52.13 4.23
CA VAL F 330 -69.00 -51.06 5.07
C VAL F 330 -70.22 -50.51 4.34
N GLU F 331 -71.18 -50.00 5.10
CA GLU F 331 -72.46 -49.49 4.57
C GLU F 331 -72.95 -48.36 5.47
N TYR F 332 -73.12 -47.17 4.91
CA TYR F 332 -73.62 -45.98 5.65
C TYR F 332 -74.64 -45.25 4.77
N VAL F 333 -75.25 -44.20 5.30
CA VAL F 333 -76.26 -43.39 4.57
C VAL F 333 -75.89 -41.91 4.72
N TYR F 334 -76.87 -41.00 4.53
CA TYR F 334 -76.69 -39.53 4.61
C TYR F 334 -75.78 -39.05 3.48
N ALA G 12 0.40 -33.66 -31.28
CA ALA G 12 0.87 -35.05 -31.62
C ALA G 12 0.78 -35.93 -30.38
N VAL G 13 1.52 -35.62 -29.30
CA VAL G 13 1.48 -36.40 -28.04
C VAL G 13 0.07 -36.31 -27.43
N GLN G 14 -0.39 -37.39 -26.82
CA GLN G 14 -1.77 -37.48 -26.30
C GLN G 14 -1.79 -37.66 -24.77
N ALA G 15 -0.78 -38.26 -24.16
CA ALA G 15 -0.80 -38.47 -22.69
C ALA G 15 0.58 -38.78 -22.13
N VAL G 16 0.71 -38.67 -20.81
CA VAL G 16 1.98 -38.98 -20.11
C VAL G 16 1.67 -39.85 -18.90
N HIS G 17 2.37 -40.98 -18.80
CA HIS G 17 2.36 -41.86 -17.60
C HIS G 17 3.70 -41.70 -16.91
N LEU G 18 3.68 -41.46 -15.59
CA LEU G 18 4.93 -41.30 -14.80
C LEU G 18 4.97 -42.39 -13.73
N GLU G 19 6.06 -43.17 -13.70
CA GLU G 19 6.23 -44.20 -12.66
C GLU G 19 6.48 -43.50 -11.32
N SER G 20 5.64 -43.79 -10.34
CA SER G 20 5.77 -43.26 -8.95
C SER G 20 7.22 -43.39 -8.50
N ASP G 21 7.92 -44.42 -8.96
CA ASP G 21 9.37 -44.62 -8.67
C ASP G 21 10.12 -43.29 -8.85
N ALA G 22 9.85 -42.56 -9.92
CA ALA G 22 10.54 -41.29 -10.24
C ALA G 22 9.78 -40.11 -9.62
N PHE G 23 8.46 -40.24 -9.48
CA PHE G 23 7.62 -39.18 -8.86
C PHE G 23 8.17 -38.91 -7.47
N LEU G 24 8.63 -39.95 -6.77
CA LEU G 24 9.13 -39.78 -5.38
C LEU G 24 10.41 -38.95 -5.43
N VAL G 25 11.29 -39.24 -6.38
CA VAL G 25 12.57 -38.47 -6.50
C VAL G 25 12.21 -37.02 -6.80
N CYS G 26 11.29 -36.78 -7.74
CA CYS G 26 10.86 -35.41 -8.11
C CYS G 26 10.33 -34.68 -6.87
N LEU G 27 9.44 -35.30 -6.11
CA LEU G 27 8.77 -34.67 -4.95
C LEU G 27 9.83 -34.39 -3.87
N ASN G 28 10.71 -35.32 -3.58
CA ASN G 28 11.75 -35.16 -2.52
C ASN G 28 12.73 -34.07 -2.96
N HIS G 29 12.94 -33.90 -4.27
CA HIS G 29 13.81 -32.81 -4.78
C HIS G 29 13.07 -31.49 -4.62
N ALA G 30 11.77 -31.46 -4.82
CA ALA G 30 10.95 -30.23 -4.68
C ALA G 30 10.90 -29.83 -3.20
N LEU G 31 10.78 -30.80 -2.28
CA LEU G 31 10.69 -30.53 -0.83
C LEU G 31 12.08 -30.30 -0.22
N SER G 32 13.14 -30.31 -1.02
CA SER G 32 14.53 -30.13 -0.50
C SER G 32 14.71 -28.69 -0.04
N THR G 33 14.10 -27.73 -0.73
CA THR G 33 14.28 -26.29 -0.44
C THR G 33 13.06 -25.50 -0.90
N GLU G 34 12.67 -24.50 -0.12
CA GLU G 34 11.54 -23.61 -0.44
C GLU G 34 12.04 -22.26 -0.94
N LYS G 35 13.31 -21.92 -0.65
CA LYS G 35 13.86 -20.57 -0.89
C LYS G 35 14.18 -20.38 -2.37
N GLU G 36 14.35 -21.45 -3.15
CA GLU G 36 14.64 -21.31 -4.60
C GLU G 36 13.92 -22.39 -5.41
N GLU G 37 13.90 -22.21 -6.72
CA GLU G 37 13.32 -23.18 -7.67
C GLU G 37 14.42 -24.16 -8.12
N VAL G 38 14.08 -25.44 -8.16
CA VAL G 38 15.04 -26.51 -8.58
C VAL G 38 14.48 -27.19 -9.81
N MET G 39 15.31 -27.98 -10.48
CA MET G 39 14.98 -28.50 -11.82
C MET G 39 15.62 -29.87 -12.01
N GLY G 40 15.14 -30.59 -13.01
CA GLY G 40 15.69 -31.88 -13.42
C GLY G 40 15.08 -32.37 -14.71
N LEU G 41 15.58 -33.50 -15.21
CA LEU G 41 15.16 -34.07 -16.50
C LEU G 41 14.47 -35.42 -16.27
N CYS G 42 13.65 -35.80 -17.24
CA CYS G 42 12.78 -37.00 -17.17
C CYS G 42 13.09 -37.92 -18.35
N ILE G 43 13.43 -39.15 -18.04
CA ILE G 43 13.81 -40.18 -19.05
C ILE G 43 12.65 -41.15 -19.23
N GLY G 44 12.42 -41.59 -20.47
CA GLY G 44 11.31 -42.52 -20.74
C GLY G 44 11.31 -43.05 -22.16
N GLU G 45 10.11 -43.38 -22.64
CA GLU G 45 9.92 -43.98 -23.98
C GLU G 45 8.61 -43.50 -24.59
N LEU G 46 8.50 -43.67 -25.89
CA LEU G 46 7.27 -43.39 -26.65
C LEU G 46 6.46 -44.69 -26.76
N ASN G 47 5.14 -44.60 -26.63
CA ASN G 47 4.24 -45.77 -26.72
C ASN G 47 2.98 -45.37 -27.49
N ASP G 48 2.32 -46.35 -28.10
CA ASP G 48 1.16 -46.12 -28.99
C ASP G 48 -0.02 -46.99 -28.53
N ASP G 49 -1.22 -46.49 -28.76
CA ASP G 49 -2.49 -47.22 -28.49
C ASP G 49 -3.58 -46.68 -29.42
N ILE G 50 -4.64 -47.47 -29.63
CA ILE G 50 -5.76 -47.10 -30.53
C ILE G 50 -5.21 -46.69 -31.91
N ILE G 73 -3.77 -42.73 -30.18
CA ILE G 73 -3.28 -42.27 -28.84
C ILE G 73 -1.76 -42.47 -28.76
N ARG G 74 -1.03 -41.39 -28.54
CA ARG G 74 0.43 -41.41 -28.34
C ARG G 74 0.71 -41.03 -26.90
N ILE G 75 1.51 -41.84 -26.22
CA ILE G 75 1.77 -41.68 -24.76
C ILE G 75 3.27 -41.70 -24.49
N VAL G 76 3.68 -40.99 -23.46
CA VAL G 76 5.10 -40.99 -23.01
C VAL G 76 5.16 -41.66 -21.64
N HIS G 77 5.89 -42.76 -21.56
CA HIS G 77 6.11 -43.50 -20.29
C HIS G 77 7.42 -43.02 -19.68
N ILE G 78 7.36 -42.32 -18.56
CA ILE G 78 8.54 -41.81 -17.85
C ILE G 78 8.90 -42.82 -16.76
N HIS G 79 10.14 -43.31 -16.80
CA HIS G 79 10.61 -44.40 -15.91
C HIS G 79 11.51 -43.84 -14.81
N SER G 80 12.38 -42.90 -15.15
CA SER G 80 13.40 -42.38 -14.21
C SER G 80 13.68 -40.91 -14.51
N VAL G 81 14.34 -40.24 -13.57
CA VAL G 81 14.69 -38.80 -13.72
C VAL G 81 16.15 -38.60 -13.33
N ILE G 82 16.71 -37.50 -13.81
CA ILE G 82 18.08 -37.08 -13.46
C ILE G 82 17.98 -35.71 -12.79
N ILE G 83 18.55 -35.60 -11.60
CA ILE G 83 18.54 -34.36 -10.79
C ILE G 83 19.64 -33.44 -11.34
N LEU G 84 19.37 -32.15 -11.40
CA LEU G 84 20.31 -31.16 -11.96
C LEU G 84 20.55 -30.05 -10.94
N ARG G 85 21.74 -29.45 -11.03
CA ARG G 85 22.10 -28.24 -10.26
C ARG G 85 21.89 -27.02 -11.17
N ARG G 86 21.16 -26.02 -10.68
CA ARG G 86 20.83 -24.81 -11.46
C ARG G 86 21.90 -23.76 -11.20
N SER G 87 22.45 -23.20 -12.28
CA SER G 87 23.59 -22.26 -12.25
C SER G 87 23.08 -20.82 -12.24
N ASP G 88 22.10 -20.51 -13.08
CA ASP G 88 21.57 -19.13 -13.27
C ASP G 88 20.83 -18.68 -12.00
N LYS G 89 20.08 -19.58 -11.36
CA LYS G 89 19.27 -19.29 -10.16
C LYS G 89 18.31 -18.15 -10.48
N ARG G 90 18.06 -17.24 -9.53
CA ARG G 90 17.08 -16.12 -9.67
C ARG G 90 15.66 -16.67 -9.82
N LYS G 91 14.65 -15.81 -9.72
CA LYS G 91 13.23 -16.24 -9.82
C LYS G 91 12.87 -16.45 -11.29
N ASP G 92 12.20 -17.56 -11.57
CA ASP G 92 11.49 -17.80 -12.86
C ASP G 92 12.48 -18.06 -13.99
N ARG G 93 13.78 -17.87 -13.77
CA ARG G 93 14.80 -18.07 -14.84
C ARG G 93 15.31 -19.51 -14.75
N VAL G 94 14.57 -20.44 -15.32
CA VAL G 94 14.96 -21.88 -15.35
C VAL G 94 15.19 -22.29 -16.81
N GLU G 95 16.43 -22.61 -17.15
CA GLU G 95 16.80 -23.10 -18.50
C GLU G 95 17.82 -24.22 -18.36
N ILE G 96 17.88 -25.07 -19.37
CA ILE G 96 18.80 -26.25 -19.39
C ILE G 96 19.84 -26.00 -20.46
N SER G 97 21.11 -26.17 -20.10
CA SER G 97 22.25 -26.01 -21.04
C SER G 97 22.31 -27.23 -21.95
N PRO G 98 22.61 -27.07 -23.25
CA PRO G 98 22.91 -28.21 -24.12
C PRO G 98 23.96 -29.17 -23.54
N GLU G 99 24.78 -28.70 -22.60
CA GLU G 99 25.75 -29.53 -21.84
C GLU G 99 24.96 -30.55 -21.02
N GLN G 100 23.96 -30.09 -20.29
CA GLN G 100 23.10 -31.00 -19.48
C GLN G 100 22.29 -31.88 -20.42
N LEU G 101 21.95 -31.39 -21.63
CA LEU G 101 21.22 -32.22 -22.61
C LEU G 101 22.13 -33.36 -23.10
N SER G 102 23.41 -33.08 -23.31
CA SER G 102 24.42 -34.11 -23.70
C SER G 102 24.54 -35.13 -22.56
N ALA G 103 24.64 -34.65 -21.32
CA ALA G 103 24.71 -35.54 -20.13
C ALA G 103 23.46 -36.42 -20.08
N ALA G 104 22.29 -35.86 -20.35
CA ALA G 104 21.00 -36.58 -20.28
C ALA G 104 20.94 -37.64 -21.39
N SER G 105 21.44 -37.33 -22.59
CA SER G 105 21.45 -38.30 -23.71
C SER G 105 22.43 -39.43 -23.38
N THR G 106 23.56 -39.10 -22.74
CA THR G 106 24.55 -40.11 -22.28
C THR G 106 23.87 -41.03 -21.26
N GLU G 107 23.18 -40.47 -20.28
CA GLU G 107 22.44 -41.26 -19.25
C GLU G 107 21.39 -42.13 -19.97
N ALA G 108 20.73 -41.60 -21.00
CA ALA G 108 19.67 -42.32 -21.73
C ALA G 108 20.29 -43.54 -22.41
N GLU G 109 21.42 -43.36 -23.08
CA GLU G 109 22.12 -44.49 -23.76
C GLU G 109 22.55 -45.51 -22.70
N ARG G 110 23.12 -45.04 -21.59
CA ARG G 110 23.63 -45.93 -20.52
C ARG G 110 22.46 -46.79 -20.00
N LEU G 111 21.32 -46.17 -19.72
CA LEU G 111 20.16 -46.88 -19.14
C LEU G 111 19.54 -47.80 -20.20
N ALA G 112 19.55 -47.39 -21.47
CA ALA G 112 18.98 -48.22 -22.56
C ALA G 112 19.80 -49.50 -22.69
N GLU G 113 21.14 -49.39 -22.57
CA GLU G 113 22.02 -50.59 -22.70
C GLU G 113 21.96 -51.42 -21.42
N LEU G 114 21.88 -50.79 -20.25
CA LEU G 114 21.88 -51.48 -18.93
C LEU G 114 20.56 -52.25 -18.79
N THR G 115 19.43 -51.64 -19.18
CA THR G 115 18.08 -52.22 -18.96
C THR G 115 17.58 -52.89 -20.24
N GLY G 116 18.20 -52.62 -21.39
CA GLY G 116 17.75 -53.12 -22.69
C GLY G 116 16.44 -52.46 -23.14
N ARG G 117 16.06 -51.35 -22.50
CA ARG G 117 14.85 -50.58 -22.88
C ARG G 117 15.25 -49.46 -23.85
N PRO G 118 14.30 -48.92 -24.64
CA PRO G 118 14.62 -47.92 -25.65
C PRO G 118 14.44 -46.51 -25.07
N MET G 119 15.24 -46.20 -24.06
CA MET G 119 15.05 -45.01 -23.20
C MET G 119 15.71 -43.77 -23.83
N ARG G 120 14.92 -42.71 -23.93
CA ARG G 120 15.37 -41.39 -24.42
C ARG G 120 14.96 -40.32 -23.41
N VAL G 121 15.61 -39.18 -23.48
CA VAL G 121 15.28 -38.01 -22.61
C VAL G 121 13.97 -37.42 -23.15
N VAL G 122 12.91 -37.48 -22.35
CA VAL G 122 11.54 -37.18 -22.84
C VAL G 122 11.00 -35.89 -22.23
N GLY G 123 11.52 -35.42 -21.10
CA GLY G 123 10.91 -34.24 -20.48
C GLY G 123 11.78 -33.55 -19.47
N TRP G 124 11.21 -32.54 -18.82
CA TRP G 124 11.88 -31.74 -17.78
C TRP G 124 10.86 -31.37 -16.71
N TYR G 125 11.35 -31.07 -15.52
CA TYR G 125 10.50 -30.64 -14.39
C TYR G 125 11.22 -29.58 -13.59
N HIS G 126 10.45 -28.70 -12.97
CA HIS G 126 10.96 -27.72 -12.00
C HIS G 126 9.91 -27.46 -10.92
N SER G 127 10.33 -26.76 -9.87
CA SER G 127 9.53 -26.55 -8.64
C SER G 127 9.09 -25.09 -8.54
N HIS G 128 7.88 -24.87 -8.07
CA HIS G 128 7.30 -23.53 -7.83
C HIS G 128 6.91 -23.42 -6.36
N PRO G 129 7.87 -23.19 -5.44
CA PRO G 129 7.51 -23.01 -4.03
C PRO G 129 6.87 -21.64 -3.78
N HIS G 130 5.83 -21.63 -2.95
CA HIS G 130 5.05 -20.43 -2.60
C HIS G 130 4.55 -19.76 -3.89
N ILE G 131 4.46 -20.51 -4.98
CA ILE G 131 4.09 -19.94 -6.30
C ILE G 131 3.05 -20.84 -6.96
N THR G 132 2.12 -20.24 -7.70
CA THR G 132 1.01 -20.99 -8.35
C THR G 132 1.60 -22.13 -9.19
N VAL G 133 0.86 -23.23 -9.27
CA VAL G 133 1.33 -24.46 -9.96
C VAL G 133 1.42 -24.21 -11.45
N TRP G 134 0.71 -23.23 -11.98
CA TRP G 134 0.62 -23.01 -13.44
C TRP G 134 1.96 -22.54 -13.96
N PRO G 135 2.27 -22.78 -15.25
CA PRO G 135 3.49 -22.23 -15.84
C PRO G 135 3.38 -20.73 -16.13
N SER G 136 4.48 -20.01 -15.94
CA SER G 136 4.61 -18.59 -16.33
C SER G 136 4.84 -18.52 -17.85
N HIS G 137 4.68 -17.32 -18.41
CA HIS G 137 4.97 -17.03 -19.84
C HIS G 137 6.41 -17.45 -20.14
N VAL G 138 7.33 -17.31 -19.17
CA VAL G 138 8.75 -17.71 -19.35
C VAL G 138 8.81 -19.23 -19.39
N ASP G 139 8.08 -19.91 -18.50
CA ASP G 139 8.04 -21.39 -18.50
C ASP G 139 7.56 -21.85 -19.88
N VAL G 140 6.52 -21.22 -20.41
CA VAL G 140 5.91 -21.67 -21.70
C VAL G 140 6.88 -21.37 -22.84
N ARG G 141 7.56 -20.23 -22.81
CA ARG G 141 8.52 -19.87 -23.89
C ARG G 141 9.67 -20.89 -23.84
N THR G 142 10.09 -21.30 -22.66
CA THR G 142 11.18 -22.29 -22.50
C THR G 142 10.70 -23.64 -23.03
N GLN G 143 9.46 -24.01 -22.73
CA GLN G 143 8.87 -25.28 -23.25
C GLN G 143 8.86 -25.24 -24.77
N ALA G 144 8.56 -24.08 -25.36
CA ALA G 144 8.54 -23.92 -26.84
C ALA G 144 9.98 -24.05 -27.37
N MET G 145 10.94 -23.44 -26.68
CA MET G 145 12.37 -23.50 -27.09
C MET G 145 12.82 -24.97 -27.06
N TYR G 146 12.35 -25.76 -26.11
CA TYR G 146 12.70 -27.20 -26.04
C TYR G 146 11.93 -27.99 -27.11
N GLN G 147 10.69 -27.61 -27.43
CA GLN G 147 9.90 -28.31 -28.47
C GLN G 147 10.55 -28.09 -29.83
N MET G 148 11.19 -26.93 -30.03
CA MET G 148 11.91 -26.67 -31.30
C MET G 148 13.01 -27.73 -31.47
N MET G 149 13.54 -28.25 -30.37
CA MET G 149 14.49 -29.40 -30.41
C MET G 149 13.72 -30.64 -30.84
N ASP G 150 12.60 -30.94 -30.18
CA ASP G 150 11.81 -32.16 -30.45
C ASP G 150 10.38 -31.95 -29.96
N GLN G 151 9.41 -32.16 -30.85
CA GLN G 151 7.97 -31.92 -30.57
C GLN G 151 7.48 -32.92 -29.51
N GLY G 152 8.27 -33.96 -29.19
CA GLY G 152 7.90 -35.02 -28.22
C GLY G 152 8.22 -34.64 -26.79
N PHE G 153 8.75 -33.44 -26.58
CA PHE G 153 9.22 -32.98 -25.24
C PHE G 153 8.05 -32.36 -24.48
N VAL G 154 7.92 -32.74 -23.22
CA VAL G 154 6.82 -32.29 -22.33
C VAL G 154 7.44 -31.73 -21.05
N GLY G 155 6.72 -30.83 -20.40
CA GLY G 155 7.18 -30.16 -19.18
C GLY G 155 6.35 -30.54 -17.98
N LEU G 156 6.98 -30.61 -16.81
CA LEU G 156 6.30 -30.87 -15.52
C LEU G 156 6.57 -29.71 -14.56
N ILE G 157 5.64 -29.49 -13.66
CA ILE G 157 5.76 -28.45 -12.61
C ILE G 157 5.20 -29.01 -11.31
N PHE G 158 5.93 -28.80 -10.23
CA PHE G 158 5.53 -29.16 -8.85
C PHE G 158 5.37 -27.87 -8.04
N SER G 159 4.17 -27.62 -7.52
CA SER G 159 3.88 -26.52 -6.59
C SER G 159 4.09 -27.01 -5.15
N CYS G 160 5.07 -26.44 -4.47
CA CYS G 160 5.57 -26.94 -3.17
C CYS G 160 4.82 -26.27 -2.02
N PHE G 161 5.48 -26.12 -0.88
CA PHE G 161 5.00 -25.37 0.31
C PHE G 161 4.06 -24.24 -0.09
N ILE G 162 2.76 -24.44 0.10
CA ILE G 162 1.74 -23.38 -0.02
C ILE G 162 1.18 -23.17 1.38
N GLU G 163 1.25 -21.93 1.86
CA GLU G 163 0.83 -21.60 3.24
C GLU G 163 -0.56 -20.95 3.21
N ASP G 164 -1.37 -21.25 4.23
CA ASP G 164 -2.71 -20.65 4.38
C ASP G 164 -3.14 -20.79 5.84
N LYS G 165 -2.69 -19.86 6.69
CA LYS G 165 -2.98 -19.89 8.15
C LYS G 165 -4.48 -19.84 8.41
N ASN G 166 -5.29 -19.34 7.46
CA ASN G 166 -6.76 -19.26 7.65
C ASN G 166 -7.32 -20.67 7.76
N THR G 167 -6.98 -21.53 6.81
CA THR G 167 -7.45 -22.93 6.78
C THR G 167 -6.50 -23.80 7.62
N LYS G 168 -5.27 -23.37 7.86
CA LYS G 168 -4.21 -24.18 8.54
C LYS G 168 -3.96 -25.48 7.76
N THR G 169 -4.16 -25.44 6.44
CA THR G 169 -3.96 -26.61 5.58
C THR G 169 -2.77 -26.37 4.67
N GLY G 170 -2.06 -27.46 4.39
CA GLY G 170 -0.94 -27.50 3.43
C GLY G 170 -1.40 -28.05 2.10
N ARG G 171 -0.67 -27.73 1.05
CA ARG G 171 -0.96 -28.26 -0.29
C ARG G 171 0.34 -28.52 -1.02
N VAL G 172 0.29 -29.53 -1.90
CA VAL G 172 1.36 -29.81 -2.88
C VAL G 172 0.70 -30.29 -4.15
N LEU G 173 1.06 -29.68 -5.27
CA LEU G 173 0.36 -29.91 -6.56
C LEU G 173 1.38 -30.24 -7.64
N TYR G 174 0.91 -30.76 -8.76
CA TYR G 174 1.76 -31.01 -9.94
C TYR G 174 0.89 -30.93 -11.18
N THR G 175 1.54 -30.61 -12.29
CA THR G 175 0.88 -30.53 -13.61
C THR G 175 1.89 -30.80 -14.71
N CYS G 176 1.37 -31.19 -15.87
CA CYS G 176 2.15 -31.44 -17.09
C CYS G 176 1.62 -30.54 -18.20
N PHE G 177 2.47 -30.12 -19.11
CA PHE G 177 2.06 -29.16 -20.15
C PHE G 177 2.99 -29.21 -21.35
N GLN G 178 2.49 -28.61 -22.43
CA GLN G 178 3.27 -28.33 -23.66
C GLN G 178 2.87 -26.92 -24.13
N SER G 179 3.38 -26.51 -25.27
CA SER G 179 3.09 -25.17 -25.84
C SER G 179 2.64 -25.30 -27.30
N ILE G 180 1.87 -24.31 -27.75
CA ILE G 180 1.33 -24.28 -29.14
C ILE G 180 1.28 -22.83 -29.59
N GLN G 181 1.41 -22.57 -30.88
CA GLN G 181 1.28 -21.21 -31.45
C GLN G 181 -0.11 -20.66 -31.10
N ALA G 182 -0.19 -19.40 -30.68
CA ALA G 182 -1.43 -18.72 -30.23
C ALA G 182 -2.53 -18.81 -31.31
N GLN G 183 -3.74 -18.36 -30.99
CA GLN G 183 -4.90 -18.41 -31.91
C GLN G 183 -4.59 -17.58 -33.15
N LYS G 184 -4.02 -16.38 -32.98
CA LYS G 184 -3.51 -15.59 -34.12
C LYS G 184 -1.99 -15.71 -34.19
N SER G 185 -1.39 -15.28 -35.30
CA SER G 185 0.05 -15.47 -35.59
C SER G 185 0.89 -14.58 -34.66
N SER G 186 0.79 -14.76 -33.35
CA SER G 186 1.58 -14.01 -32.35
C SER G 186 2.70 -14.92 -31.82
N GLU G 187 2.65 -15.32 -30.55
CA GLU G 187 3.71 -16.16 -29.94
C GLU G 187 3.07 -17.30 -29.13
N TYR G 188 3.89 -18.22 -28.64
CA TYR G 188 3.42 -19.49 -28.03
C TYR G 188 2.53 -19.21 -26.83
N GLU G 189 1.63 -20.16 -26.58
CA GLU G 189 0.70 -20.20 -25.42
C GLU G 189 0.74 -21.61 -24.83
N ARG G 190 0.23 -21.74 -23.61
CA ARG G 190 0.24 -23.01 -22.84
C ARG G 190 -0.80 -23.99 -23.40
N ILE G 191 -0.60 -25.29 -23.17
CA ILE G 191 -1.64 -26.33 -23.39
C ILE G 191 -1.42 -27.46 -22.39
N GLU G 192 -2.50 -28.02 -21.87
CA GLU G 192 -2.42 -29.05 -20.80
C GLU G 192 -2.30 -30.43 -21.44
N ILE G 193 -1.56 -31.31 -20.78
CA ILE G 193 -1.41 -32.74 -21.18
C ILE G 193 -1.91 -33.61 -20.04
N PRO G 194 -2.79 -34.59 -20.30
CA PRO G 194 -3.17 -35.56 -19.28
C PRO G 194 -1.94 -36.31 -18.73
N ILE G 195 -1.85 -36.39 -17.41
CA ILE G 195 -0.74 -37.09 -16.70
C ILE G 195 -1.34 -38.03 -15.68
N HIS G 196 -0.80 -39.26 -15.63
CA HIS G 196 -1.22 -40.27 -14.63
C HIS G 196 0.02 -40.80 -13.93
N ILE G 197 -0.16 -41.34 -12.73
CA ILE G 197 0.94 -41.95 -11.96
C ILE G 197 0.76 -43.47 -11.95
N VAL G 198 1.77 -44.17 -12.46
CA VAL G 198 1.78 -45.66 -12.51
C VAL G 198 2.34 -46.18 -11.20
N PRO G 199 1.61 -47.05 -10.48
CA PRO G 199 2.15 -47.64 -9.25
C PRO G 199 3.32 -48.60 -9.54
N HIS G 200 4.54 -48.17 -9.25
CA HIS G 200 5.75 -49.05 -9.23
C HIS G 200 5.91 -49.55 -7.80
N ILE G 201 5.50 -50.78 -7.54
CA ILE G 201 5.29 -51.30 -6.15
C ILE G 201 6.59 -51.12 -5.34
N THR G 202 7.75 -51.19 -5.98
CA THR G 202 9.05 -51.14 -5.26
C THR G 202 9.96 -50.11 -5.91
N ILE G 203 11.02 -49.74 -5.19
CA ILE G 203 11.96 -48.69 -5.67
C ILE G 203 13.01 -49.35 -6.57
N GLY G 204 13.19 -48.81 -7.78
CA GLY G 204 14.21 -49.23 -8.75
C GLY G 204 15.59 -48.76 -8.35
N LYS G 205 16.62 -49.53 -8.70
CA LYS G 205 18.03 -49.19 -8.41
C LYS G 205 18.39 -47.84 -9.05
N VAL G 206 17.90 -47.57 -10.26
CA VAL G 206 18.22 -46.30 -10.97
C VAL G 206 17.76 -45.14 -10.08
N CYS G 207 16.57 -45.25 -9.52
CA CYS G 207 15.93 -44.13 -8.77
C CYS G 207 16.62 -43.96 -7.43
N LEU G 208 17.05 -45.04 -6.77
CA LEU G 208 17.82 -44.90 -5.52
C LEU G 208 19.16 -44.23 -5.83
N GLU G 209 19.86 -44.68 -6.88
CA GLU G 209 21.17 -44.12 -7.27
C GLU G 209 20.99 -42.65 -7.69
N SER G 210 19.80 -42.25 -8.14
CA SER G 210 19.51 -40.84 -8.52
C SER G 210 19.15 -40.03 -7.27
N ALA G 211 18.42 -40.61 -6.31
CA ALA G 211 17.94 -39.89 -5.11
C ALA G 211 19.12 -39.62 -4.15
N VAL G 212 20.09 -40.52 -4.10
CA VAL G 212 21.27 -40.35 -3.21
C VAL G 212 22.22 -39.30 -3.81
N GLU G 213 21.93 -38.78 -5.01
CA GLU G 213 22.76 -37.74 -5.66
C GLU G 213 22.52 -36.37 -5.04
N LEU G 214 21.42 -36.17 -4.31
CA LEU G 214 21.07 -34.83 -3.79
C LEU G 214 22.13 -34.31 -2.83
N PRO G 215 22.48 -35.01 -1.72
CA PRO G 215 23.51 -34.50 -0.82
C PRO G 215 24.85 -34.29 -1.53
N LYS G 216 25.21 -35.22 -2.42
CA LYS G 216 26.46 -35.12 -3.20
C LYS G 216 26.43 -33.82 -4.02
N ILE G 217 25.32 -33.52 -4.68
CA ILE G 217 25.23 -32.34 -5.57
C ILE G 217 25.26 -31.07 -4.71
N LEU G 218 24.60 -31.08 -3.56
CA LEU G 218 24.62 -29.88 -2.66
C LEU G 218 26.06 -29.65 -2.18
N CYS G 219 26.75 -30.71 -1.75
CA CYS G 219 28.15 -30.61 -1.27
C CYS G 219 29.03 -30.09 -2.41
N GLN G 220 28.79 -30.55 -3.64
CA GLN G 220 29.58 -30.10 -4.82
C GLN G 220 29.31 -28.63 -5.09
N GLU G 221 28.08 -28.17 -4.91
CA GLU G 221 27.69 -26.75 -5.11
C GLU G 221 28.45 -25.89 -4.10
N GLU G 222 28.42 -26.27 -2.83
CA GLU G 222 29.14 -25.54 -1.76
C GLU G 222 30.64 -25.53 -2.09
N GLN G 223 31.18 -26.67 -2.52
CA GLN G 223 32.63 -26.81 -2.80
C GLN G 223 33.00 -25.90 -3.96
N ASP G 224 32.18 -25.84 -5.02
CA ASP G 224 32.49 -25.00 -6.20
C ASP G 224 32.43 -23.53 -5.81
N ALA G 225 31.44 -23.14 -5.00
CA ALA G 225 31.35 -21.75 -4.51
C ALA G 225 32.61 -21.42 -3.71
N TYR G 226 33.03 -22.33 -2.84
CA TYR G 226 34.22 -22.12 -1.99
C TYR G 226 35.48 -22.05 -2.86
N ARG G 227 35.59 -22.88 -3.90
CA ARG G 227 36.76 -22.87 -4.82
C ARG G 227 36.81 -21.53 -5.55
N ARG G 228 35.67 -21.02 -5.99
CA ARG G 228 35.61 -19.68 -6.65
C ARG G 228 36.00 -18.60 -5.64
N ILE G 229 35.72 -18.81 -4.36
CA ILE G 229 36.14 -17.86 -3.29
C ILE G 229 37.67 -17.93 -3.15
N HIS G 230 38.23 -19.13 -3.14
CA HIS G 230 39.68 -19.39 -2.91
C HIS G 230 40.46 -19.03 -4.17
N SER G 231 39.80 -18.85 -5.32
CA SER G 231 40.47 -18.52 -6.60
C SER G 231 41.09 -17.13 -6.49
N LEU G 232 40.41 -16.20 -5.82
CA LEU G 232 40.90 -14.82 -5.59
C LEU G 232 42.03 -14.88 -4.55
N THR G 233 43.22 -15.21 -5.03
CA THR G 233 44.44 -15.37 -4.17
C THR G 233 44.66 -14.07 -3.39
N HIS G 234 44.47 -12.92 -4.04
CA HIS G 234 44.63 -11.59 -3.40
C HIS G 234 43.54 -11.41 -2.36
N LEU G 235 43.71 -11.99 -1.18
CA LEU G 235 42.61 -12.05 -0.17
C LEU G 235 43.19 -12.09 1.25
N ASP G 236 42.46 -11.52 2.19
CA ASP G 236 42.86 -11.46 3.62
C ASP G 236 42.76 -12.86 4.22
N SER G 237 43.59 -13.13 5.22
CA SER G 237 43.59 -14.39 5.99
C SER G 237 42.38 -14.47 6.92
N VAL G 238 42.08 -13.38 7.64
CA VAL G 238 40.92 -13.36 8.58
C VAL G 238 39.64 -13.60 7.78
N THR G 239 39.58 -13.06 6.56
CA THR G 239 38.44 -13.28 5.65
C THR G 239 38.36 -14.77 5.31
N LYS G 240 39.49 -15.42 5.10
CA LYS G 240 39.53 -16.87 4.78
C LYS G 240 39.03 -17.66 5.98
N ILE G 241 39.37 -17.23 7.20
CA ILE G 241 38.89 -17.92 8.43
C ILE G 241 37.36 -17.76 8.49
N HIS G 242 36.88 -16.55 8.22
CA HIS G 242 35.42 -16.26 8.22
C HIS G 242 34.72 -17.17 7.21
N ASN G 243 35.28 -17.28 6.01
CA ASN G 243 34.69 -18.08 4.92
C ASN G 243 34.73 -19.56 5.31
N GLY G 244 35.79 -20.01 5.97
CA GLY G 244 35.89 -21.40 6.45
C GLY G 244 34.81 -21.69 7.46
N SER G 245 34.57 -20.75 8.38
CA SER G 245 33.50 -20.90 9.40
C SER G 245 32.16 -21.00 8.68
N VAL G 246 31.96 -20.15 7.67
CA VAL G 246 30.69 -20.13 6.89
C VAL G 246 30.52 -21.49 6.21
N PHE G 247 31.57 -22.02 5.60
CA PHE G 247 31.54 -23.30 4.86
C PHE G 247 31.18 -24.42 5.83
N THR G 248 31.80 -24.42 7.01
CA THR G 248 31.55 -25.46 8.03
C THR G 248 30.08 -25.43 8.44
N LYS G 249 29.55 -24.23 8.72
CA LYS G 249 28.15 -24.12 9.19
C LYS G 249 27.21 -24.55 8.05
N ASN G 250 27.55 -24.22 6.80
CA ASN G 250 26.72 -24.57 5.62
C ASN G 250 26.64 -26.10 5.51
N LEU G 251 27.78 -26.79 5.60
CA LEU G 251 27.77 -28.27 5.45
C LEU G 251 27.10 -28.90 6.68
N CYS G 252 27.23 -28.30 7.85
CA CYS G 252 26.52 -28.77 9.06
C CYS G 252 25.01 -28.69 8.83
N SER G 253 24.54 -27.59 8.27
CA SER G 253 23.10 -27.41 7.91
C SER G 253 22.71 -28.48 6.89
N GLN G 254 23.53 -28.69 5.86
CA GLN G 254 23.23 -29.71 4.81
C GLN G 254 23.05 -31.08 5.47
N MET G 255 23.94 -31.44 6.39
CA MET G 255 23.88 -32.77 7.05
C MET G 255 22.66 -32.82 7.98
N SER G 256 22.37 -31.74 8.70
CA SER G 256 21.25 -31.71 9.68
C SER G 256 19.90 -31.80 8.95
N ALA G 257 19.81 -31.25 7.74
CA ALA G 257 18.51 -31.08 7.04
C ALA G 257 18.32 -32.12 5.93
N VAL G 258 19.39 -32.68 5.38
CA VAL G 258 19.30 -33.52 4.15
C VAL G 258 19.84 -34.92 4.43
N SER G 259 21.15 -35.05 4.56
CA SER G 259 21.83 -36.36 4.65
C SER G 259 21.24 -37.17 5.82
N GLY G 260 21.10 -36.54 6.99
CA GLY G 260 20.63 -37.22 8.21
C GLY G 260 19.23 -37.79 8.02
N PRO G 261 18.23 -36.96 7.68
CA PRO G 261 16.88 -37.46 7.42
C PRO G 261 16.83 -38.49 6.29
N LEU G 262 17.63 -38.30 5.23
CA LEU G 262 17.65 -39.25 4.09
C LEU G 262 18.11 -40.63 4.61
N LEU G 263 19.20 -40.66 5.39
CA LEU G 263 19.77 -41.91 5.94
C LEU G 263 18.74 -42.53 6.90
N GLN G 264 18.09 -41.71 7.73
CA GLN G 264 17.08 -42.20 8.70
C GLN G 264 15.94 -42.85 7.92
N TRP G 265 15.49 -42.22 6.84
CA TRP G 265 14.39 -42.76 6.02
C TRP G 265 14.82 -44.10 5.42
N LEU G 266 16.05 -44.21 4.95
CA LEU G 266 16.53 -45.47 4.34
C LEU G 266 16.58 -46.57 5.42
N GLU G 267 17.02 -46.24 6.63
CA GLU G 267 17.03 -47.24 7.75
C GLU G 267 15.59 -47.70 8.03
N ASP G 268 14.66 -46.75 8.15
CA ASP G 268 13.24 -47.08 8.46
C ASP G 268 12.67 -47.93 7.32
N ARG G 269 13.05 -47.64 6.08
CA ARG G 269 12.55 -48.41 4.91
C ARG G 269 13.16 -49.81 4.94
N LEU G 270 14.40 -49.96 5.40
CA LEU G 270 15.01 -51.31 5.53
C LEU G 270 14.21 -52.10 6.56
N GLU G 271 13.84 -51.48 7.68
CA GLU G 271 12.99 -52.15 8.71
C GLU G 271 11.66 -52.56 8.08
N GLN G 272 11.00 -51.64 7.36
CA GLN G 272 9.70 -51.93 6.68
C GLN G 272 9.89 -53.10 5.72
N ASN G 273 10.99 -53.11 4.97
CA ASN G 273 11.24 -54.15 3.93
C ASN G 273 11.47 -55.50 4.60
N GLN G 274 12.19 -55.51 5.72
CA GLN G 274 12.47 -56.76 6.48
C GLN G 274 11.12 -57.32 6.95
N GLN G 275 10.27 -56.48 7.56
CA GLN G 275 8.96 -56.93 8.08
C GLN G 275 8.11 -57.45 6.92
N HIS G 276 8.12 -56.73 5.80
CA HIS G 276 7.26 -57.07 4.63
C HIS G 276 7.76 -58.40 4.03
N LEU G 277 9.08 -58.57 3.96
CA LEU G 277 9.67 -59.83 3.44
C LEU G 277 9.25 -60.98 4.35
N GLN G 278 9.30 -60.80 5.67
CA GLN G 278 8.91 -61.86 6.64
C GLN G 278 7.44 -62.23 6.40
N GLU G 279 6.56 -61.22 6.30
CA GLU G 279 5.11 -61.47 6.13
C GLU G 279 4.87 -62.18 4.79
N LEU G 280 5.53 -61.74 3.72
CA LEU G 280 5.32 -62.31 2.36
C LEU G 280 5.89 -63.74 2.32
N GLN G 281 6.97 -64.02 3.03
CA GLN G 281 7.54 -65.39 3.10
C GLN G 281 6.55 -66.29 3.83
N GLN G 282 5.97 -65.79 4.93
CA GLN G 282 4.93 -66.54 5.68
C GLN G 282 3.76 -66.85 4.73
N GLU G 283 3.30 -65.84 3.97
CA GLU G 283 2.14 -66.00 3.05
C GLU G 283 2.50 -66.99 1.94
N LYS G 284 3.72 -66.93 1.41
CA LYS G 284 4.18 -67.84 0.34
C LYS G 284 4.17 -69.27 0.88
N GLU G 285 4.68 -69.48 2.10
CA GLU G 285 4.70 -70.83 2.72
C GLU G 285 3.25 -71.31 2.91
N GLU G 286 2.36 -70.42 3.39
CA GLU G 286 0.94 -70.79 3.61
C GLU G 286 0.32 -71.24 2.28
N LEU G 287 0.52 -70.48 1.21
CA LEU G 287 -0.12 -70.79 -0.09
C LEU G 287 0.51 -72.07 -0.66
N MET G 288 1.82 -72.24 -0.50
CA MET G 288 2.53 -73.46 -0.97
C MET G 288 1.92 -74.67 -0.27
N GLU G 289 1.72 -74.60 1.05
CA GLU G 289 1.15 -75.72 1.83
C GLU G 289 -0.29 -75.97 1.36
N GLU G 290 -1.06 -74.90 1.13
CA GLU G 290 -2.49 -75.04 0.71
C GLU G 290 -2.54 -75.77 -0.64
N LEU G 291 -1.63 -75.45 -1.57
CA LEU G 291 -1.78 -75.94 -2.97
C LEU G 291 -1.03 -77.26 -3.20
N SER G 292 0.03 -77.54 -2.44
CA SER G 292 0.96 -78.66 -2.77
C SER G 292 0.31 -80.02 -2.47
N SER G 293 -0.41 -80.14 -1.36
CA SER G 293 -0.98 -81.42 -0.88
C SER G 293 -2.12 -81.89 -1.77
N LEU G 294 -2.78 -80.98 -2.51
CA LEU G 294 -3.90 -81.31 -3.44
C LEU G 294 -3.45 -82.24 -4.58
N GLU G 295 -2.18 -82.67 -4.61
CA GLU G 295 -1.65 -83.47 -5.75
C GLU G 295 -0.36 -84.20 -5.33
N MET H 5 -27.14 -34.93 -11.54
CA MET H 5 -27.04 -36.11 -12.46
C MET H 5 -28.12 -37.14 -12.11
N SER H 6 -28.94 -37.52 -13.08
CA SER H 6 -30.01 -38.53 -12.90
C SER H 6 -29.39 -39.83 -12.40
N PRO H 7 -30.10 -40.61 -11.55
CA PRO H 7 -29.54 -41.86 -11.03
C PRO H 7 -29.15 -42.87 -12.11
N GLU H 8 -29.95 -42.99 -13.17
CA GLU H 8 -29.67 -43.95 -14.28
C GLU H 8 -28.35 -43.58 -14.96
N ILE H 9 -27.90 -42.33 -14.85
CA ILE H 9 -26.61 -41.90 -15.45
C ILE H 9 -25.47 -42.17 -14.45
N ALA H 10 -25.73 -42.04 -13.14
CA ALA H 10 -24.70 -42.28 -12.10
C ALA H 10 -24.38 -43.78 -12.02
N LEU H 11 -25.42 -44.61 -12.08
CA LEU H 11 -25.30 -46.08 -11.87
C LEU H 11 -24.47 -46.74 -12.99
N ASN H 12 -24.06 -46.00 -14.03
CA ASN H 12 -23.17 -46.56 -15.09
C ASN H 12 -21.70 -46.36 -14.73
N ARG H 13 -21.38 -45.55 -13.72
CA ARG H 13 -19.98 -45.24 -13.36
C ARG H 13 -19.54 -46.04 -12.14
N ILE H 14 -20.48 -46.48 -11.30
CA ILE H 14 -20.13 -47.15 -10.02
C ILE H 14 -19.56 -48.54 -10.31
N SER H 15 -18.62 -48.98 -9.47
CA SER H 15 -18.03 -50.33 -9.53
C SER H 15 -19.17 -51.34 -9.42
N PRO H 16 -19.18 -52.40 -10.26
CA PRO H 16 -20.33 -53.30 -10.31
C PRO H 16 -20.62 -53.96 -8.96
N MET H 17 -19.57 -54.26 -8.20
CA MET H 17 -19.68 -54.97 -6.90
C MET H 17 -20.44 -54.08 -5.90
N LEU H 18 -20.56 -52.78 -6.16
CA LEU H 18 -21.21 -51.82 -5.22
C LEU H 18 -22.60 -51.39 -5.73
N SER H 19 -22.96 -51.69 -6.97
CA SER H 19 -24.23 -51.24 -7.59
C SER H 19 -25.44 -51.56 -6.71
N PRO H 20 -25.59 -52.78 -6.14
CA PRO H 20 -26.82 -53.13 -5.43
C PRO H 20 -27.15 -52.23 -4.23
N PHE H 21 -26.15 -51.79 -3.48
CA PHE H 21 -26.38 -50.94 -2.27
C PHE H 21 -27.06 -49.65 -2.72
N ILE H 22 -26.40 -48.94 -3.63
CA ILE H 22 -26.90 -47.63 -4.11
C ILE H 22 -28.23 -47.85 -4.83
N SER H 23 -28.40 -48.98 -5.51
CA SER H 23 -29.65 -49.31 -6.23
C SER H 23 -30.80 -49.39 -5.23
N SER H 24 -30.62 -50.14 -4.15
CA SER H 24 -31.65 -50.28 -3.09
C SER H 24 -31.97 -48.89 -2.51
N VAL H 25 -30.95 -48.10 -2.21
CA VAL H 25 -31.13 -46.78 -1.57
C VAL H 25 -31.95 -45.89 -2.52
N VAL H 26 -31.53 -45.80 -3.78
CA VAL H 26 -32.19 -44.95 -4.80
C VAL H 26 -33.65 -45.42 -4.94
N ARG H 27 -33.86 -46.72 -5.12
CA ARG H 27 -35.21 -47.28 -5.42
C ARG H 27 -36.13 -47.03 -4.22
N ASN H 28 -35.60 -46.98 -3.00
CA ASN H 28 -36.43 -46.60 -1.84
C ASN H 28 -36.84 -45.12 -1.97
N GLY H 29 -36.03 -44.30 -2.61
CA GLY H 29 -36.39 -42.91 -2.97
C GLY H 29 -36.48 -42.00 -1.75
N LYS H 30 -36.26 -42.52 -0.55
CA LYS H 30 -36.22 -41.70 0.69
C LYS H 30 -35.51 -42.47 1.80
N VAL H 31 -35.36 -41.85 2.96
CA VAL H 31 -34.90 -42.56 4.18
C VAL H 31 -35.95 -42.40 5.27
N GLY H 32 -36.23 -41.15 5.66
CA GLY H 32 -37.20 -40.83 6.71
C GLY H 32 -38.59 -40.59 6.16
N LEU H 33 -39.10 -39.38 6.35
CA LEU H 33 -40.42 -38.97 5.81
C LEU H 33 -40.24 -37.98 4.65
N ASP H 34 -39.08 -37.33 4.53
CA ASP H 34 -38.63 -36.58 3.33
C ASP H 34 -39.52 -35.35 3.07
N ALA H 35 -40.84 -35.51 2.96
CA ALA H 35 -41.82 -34.46 2.61
C ALA H 35 -41.65 -34.06 1.14
N THR H 36 -40.51 -33.46 0.79
CA THR H 36 -40.25 -32.93 -0.57
C THR H 36 -40.06 -34.10 -1.54
N ASN H 37 -39.53 -35.23 -1.08
CA ASN H 37 -39.37 -36.47 -1.86
C ASN H 37 -38.33 -36.28 -2.98
N CYS H 38 -37.56 -35.20 -2.97
CA CYS H 38 -36.62 -34.88 -4.08
C CYS H 38 -35.23 -35.40 -3.73
N LEU H 39 -35.13 -36.70 -3.42
CA LEU H 39 -33.81 -37.33 -3.12
C LEU H 39 -32.91 -37.29 -4.35
N ARG H 40 -31.61 -37.07 -4.16
CA ARG H 40 -30.63 -37.04 -5.26
C ARG H 40 -29.26 -37.55 -4.80
N ILE H 41 -28.46 -38.09 -5.71
CA ILE H 41 -27.00 -38.30 -5.52
C ILE H 41 -26.26 -37.37 -6.47
N THR H 42 -25.35 -36.58 -5.94
CA THR H 42 -24.72 -35.46 -6.70
C THR H 42 -23.28 -35.81 -7.04
N ASP H 43 -22.37 -35.59 -6.09
CA ASP H 43 -20.91 -35.69 -6.33
C ASP H 43 -20.51 -37.15 -6.37
N LEU H 44 -19.79 -37.55 -7.40
CA LEU H 44 -19.33 -38.95 -7.60
C LEU H 44 -17.88 -38.88 -8.06
N LYS H 45 -16.98 -39.51 -7.32
CA LYS H 45 -15.52 -39.45 -7.64
C LYS H 45 -14.94 -40.86 -7.69
N SER H 46 -13.79 -41.00 -8.33
CA SER H 46 -13.16 -42.31 -8.67
C SER H 46 -12.75 -43.05 -7.38
N GLY H 47 -12.14 -42.35 -6.44
CA GLY H 47 -11.68 -42.95 -5.17
C GLY H 47 -10.72 -44.11 -5.40
N CYS H 48 -9.92 -44.06 -6.46
CA CYS H 48 -8.90 -45.10 -6.77
C CYS H 48 -7.89 -44.52 -7.77
N THR H 49 -6.78 -45.20 -8.01
CA THR H 49 -5.80 -44.80 -9.05
C THR H 49 -6.55 -44.47 -10.35
N SER H 50 -6.20 -43.35 -10.96
CA SER H 50 -6.90 -42.81 -12.16
C SER H 50 -6.88 -43.84 -13.31
N LEU H 51 -5.94 -44.79 -13.31
CA LEU H 51 -5.78 -45.78 -14.42
C LEU H 51 -6.69 -47.01 -14.25
N THR H 52 -7.58 -47.03 -13.26
CA THR H 52 -8.50 -48.18 -13.07
C THR H 52 -9.61 -48.11 -14.11
N PRO H 53 -9.67 -49.07 -15.06
CA PRO H 53 -10.61 -48.95 -16.17
C PRO H 53 -12.06 -49.30 -15.79
N GLY H 54 -12.96 -49.09 -16.76
CA GLY H 54 -14.40 -49.37 -16.71
C GLY H 54 -15.05 -48.73 -15.49
N PRO H 55 -16.29 -49.15 -15.14
CA PRO H 55 -16.96 -48.69 -13.93
C PRO H 55 -16.03 -48.81 -12.71
N ASN H 56 -15.92 -47.74 -11.93
CA ASN H 56 -14.81 -47.59 -10.95
C ASN H 56 -15.21 -46.70 -9.78
N CYS H 57 -16.20 -45.82 -9.94
CA CYS H 57 -16.58 -44.82 -8.91
C CYS H 57 -17.09 -45.53 -7.65
N ASP H 58 -16.82 -44.95 -6.48
CA ASP H 58 -17.20 -45.55 -5.18
C ASP H 58 -17.40 -44.47 -4.11
N ARG H 59 -16.79 -43.30 -4.26
CA ARG H 59 -17.08 -42.15 -3.39
C ARG H 59 -18.31 -41.42 -3.92
N PHE H 60 -19.15 -40.88 -3.06
CA PHE H 60 -20.28 -40.06 -3.53
C PHE H 60 -20.81 -39.18 -2.41
N LYS H 61 -21.71 -38.29 -2.79
CA LYS H 61 -22.45 -37.40 -1.88
C LYS H 61 -23.94 -37.66 -2.08
N LEU H 62 -24.66 -37.83 -0.98
CA LEU H 62 -26.09 -38.19 -0.98
C LEU H 62 -26.89 -37.04 -0.35
N HIS H 63 -27.94 -36.61 -1.02
CA HIS H 63 -28.87 -35.56 -0.53
C HIS H 63 -30.09 -36.24 0.08
N ILE H 64 -30.12 -36.31 1.40
CA ILE H 64 -31.20 -36.99 2.16
C ILE H 64 -32.23 -35.95 2.56
N PRO H 65 -33.46 -36.01 2.03
CA PRO H 65 -34.51 -35.10 2.49
C PRO H 65 -34.95 -35.49 3.90
N TYR H 66 -35.00 -34.50 4.79
CA TYR H 66 -35.36 -34.71 6.21
C TYR H 66 -36.21 -33.55 6.69
N ALA H 67 -37.35 -33.86 7.32
CA ALA H 67 -38.30 -32.85 7.81
C ALA H 67 -38.66 -31.94 6.63
N GLY H 68 -38.18 -30.70 6.61
CA GLY H 68 -38.46 -29.77 5.49
C GLY H 68 -37.21 -29.47 4.69
N GLU H 69 -36.04 -29.86 5.19
CA GLU H 69 -34.72 -29.45 4.64
C GLU H 69 -34.03 -30.67 4.03
N THR H 70 -32.80 -30.48 3.57
CA THR H 70 -32.04 -31.53 2.86
C THR H 70 -30.61 -31.60 3.40
N LEU H 71 -30.23 -32.77 3.90
CA LEU H 71 -28.88 -33.01 4.47
C LEU H 71 -27.98 -33.53 3.37
N LYS H 72 -26.77 -32.97 3.26
CA LYS H 72 -25.76 -33.34 2.24
C LYS H 72 -24.67 -34.16 2.91
N TRP H 73 -24.78 -35.49 2.85
CA TRP H 73 -23.85 -36.42 3.55
C TRP H 73 -22.95 -37.10 2.54
N ASP H 74 -21.64 -37.05 2.77
CA ASP H 74 -20.67 -37.74 1.90
C ASP H 74 -20.53 -39.18 2.40
N ILE H 75 -20.56 -40.13 1.47
CA ILE H 75 -20.38 -41.57 1.79
C ILE H 75 -19.21 -42.11 0.99
N ILE H 76 -18.42 -42.96 1.62
CA ILE H 76 -17.14 -43.46 1.04
C ILE H 76 -17.11 -44.97 1.10
N PHE H 77 -16.87 -45.59 -0.05
CA PHE H 77 -16.52 -47.02 -0.17
C PHE H 77 -15.13 -47.13 -0.79
N ASN H 78 -14.60 -48.34 -0.81
CA ASN H 78 -13.36 -48.68 -1.54
C ASN H 78 -13.69 -49.84 -2.49
N ALA H 79 -13.49 -49.63 -3.79
CA ALA H 79 -13.94 -50.54 -4.85
C ALA H 79 -13.23 -51.89 -4.70
N GLN H 80 -11.93 -51.88 -4.43
CA GLN H 80 -11.13 -53.14 -4.40
C GLN H 80 -11.32 -53.85 -3.06
N TYR H 81 -12.19 -53.34 -2.18
CA TYR H 81 -12.55 -54.02 -0.91
C TYR H 81 -14.05 -53.85 -0.69
N PRO H 82 -14.89 -54.39 -1.60
CA PRO H 82 -16.33 -54.13 -1.55
C PRO H 82 -16.99 -54.62 -0.26
N GLU H 83 -16.44 -55.65 0.37
CA GLU H 83 -17.07 -56.26 1.57
C GLU H 83 -17.03 -55.24 2.72
N LEU H 84 -16.12 -54.28 2.69
CA LEU H 84 -15.88 -53.39 3.85
C LEU H 84 -17.01 -52.37 3.96
N PRO H 85 -17.29 -51.90 5.19
CA PRO H 85 -18.35 -50.93 5.40
C PRO H 85 -17.92 -49.56 4.89
N PRO H 86 -18.90 -48.65 4.71
CA PRO H 86 -18.59 -47.31 4.25
C PRO H 86 -18.09 -46.40 5.38
N ASP H 87 -17.83 -45.16 5.04
CA ASP H 87 -17.54 -44.09 6.02
C ASP H 87 -18.37 -42.86 5.66
N PHE H 88 -18.66 -42.03 6.65
CA PHE H 88 -19.66 -40.95 6.53
C PHE H 88 -19.06 -39.60 6.93
N ILE H 89 -19.54 -38.56 6.26
CA ILE H 89 -19.22 -37.15 6.61
C ILE H 89 -20.53 -36.36 6.55
N PHE H 90 -20.79 -35.54 7.56
CA PHE H 90 -22.11 -34.91 7.77
C PHE H 90 -22.06 -33.43 7.38
N GLY H 91 -21.36 -33.10 6.29
CA GLY H 91 -21.26 -31.72 5.78
C GLY H 91 -20.90 -30.74 6.89
N GLU H 92 -21.54 -29.58 6.93
CA GLU H 92 -21.19 -28.49 7.88
C GLU H 92 -21.86 -28.72 9.24
N ASP H 93 -22.63 -29.80 9.40
CA ASP H 93 -23.32 -30.12 10.68
C ASP H 93 -22.33 -30.80 11.62
N ALA H 94 -21.43 -30.01 12.20
CA ALA H 94 -20.27 -30.50 13.00
C ALA H 94 -20.76 -31.09 14.32
N GLU H 95 -21.73 -30.44 14.97
CA GLU H 95 -22.16 -30.80 16.36
C GLU H 95 -22.87 -32.16 16.35
N PHE H 96 -23.12 -32.76 15.18
CA PHE H 96 -23.88 -34.03 15.08
C PHE H 96 -23.14 -35.12 15.86
N LEU H 97 -23.82 -35.73 16.84
CA LEU H 97 -23.28 -36.81 17.69
C LEU H 97 -24.00 -38.11 17.38
N PRO H 98 -23.50 -38.92 16.43
CA PRO H 98 -24.10 -40.24 16.17
C PRO H 98 -23.62 -41.29 17.18
N ASP H 99 -24.55 -41.87 17.94
CA ASP H 99 -24.21 -42.88 18.97
C ASP H 99 -23.88 -44.20 18.28
N PRO H 100 -22.62 -44.68 18.31
CA PRO H 100 -22.28 -45.91 17.61
C PRO H 100 -22.92 -47.18 18.20
N SER H 101 -23.49 -47.10 19.39
CA SER H 101 -24.06 -48.28 20.09
C SER H 101 -25.42 -48.64 19.49
N ALA H 102 -26.13 -47.66 18.91
CA ALA H 102 -27.49 -47.85 18.36
C ALA H 102 -27.42 -48.33 16.91
N LEU H 103 -26.24 -48.30 16.29
CA LEU H 103 -26.10 -48.65 14.84
C LEU H 103 -25.83 -50.15 14.73
N HIS H 104 -26.84 -50.95 15.04
CA HIS H 104 -26.75 -52.43 15.01
C HIS H 104 -26.41 -52.87 13.59
N ASN H 105 -27.07 -52.29 12.57
CA ASN H 105 -26.90 -52.70 11.16
C ASN H 105 -25.52 -52.28 10.66
N LEU H 106 -24.86 -51.32 11.30
CA LEU H 106 -23.47 -50.95 10.93
C LEU H 106 -22.49 -51.88 11.65
N ALA H 107 -22.74 -52.17 12.93
CA ALA H 107 -21.94 -53.13 13.72
C ALA H 107 -21.94 -54.49 13.00
N SER H 108 -23.10 -54.91 12.50
CA SER H 108 -23.27 -56.23 11.81
C SER H 108 -23.32 -56.01 10.29
N TRP H 109 -22.45 -55.14 9.78
CA TRP H 109 -22.39 -54.86 8.32
C TRP H 109 -22.27 -56.16 7.54
N ASN H 110 -23.09 -56.33 6.51
CA ASN H 110 -23.14 -57.58 5.72
C ASN H 110 -23.36 -57.23 4.25
N PRO H 111 -22.31 -57.32 3.40
CA PRO H 111 -22.46 -56.97 1.98
C PRO H 111 -23.40 -57.93 1.25
N SER H 112 -23.64 -59.13 1.81
CA SER H 112 -24.50 -60.14 1.15
C SER H 112 -25.94 -59.62 1.07
N ASN H 113 -26.29 -58.61 1.86
CA ASN H 113 -27.67 -58.05 1.88
C ASN H 113 -27.64 -56.67 1.23
N PRO H 114 -28.24 -56.49 0.04
CA PRO H 114 -28.18 -55.19 -0.63
C PRO H 114 -28.78 -54.03 0.19
N GLU H 115 -29.79 -54.28 1.02
CA GLU H 115 -30.49 -53.21 1.78
C GLU H 115 -29.63 -52.72 2.94
N CYS H 116 -28.50 -53.35 3.22
CA CYS H 116 -27.66 -52.99 4.39
C CYS H 116 -27.41 -51.48 4.44
N LEU H 117 -26.89 -50.90 3.36
CA LEU H 117 -26.58 -49.44 3.34
C LEU H 117 -27.81 -48.65 3.77
N LEU H 118 -28.98 -48.98 3.20
CA LEU H 118 -30.23 -48.26 3.53
C LEU H 118 -30.49 -48.36 5.04
N LEU H 119 -30.44 -49.57 5.61
CA LEU H 119 -30.70 -49.79 7.05
C LEU H 119 -29.73 -48.92 7.86
N VAL H 120 -28.47 -48.87 7.45
CA VAL H 120 -27.42 -48.10 8.15
C VAL H 120 -27.84 -46.62 8.13
N VAL H 121 -28.09 -46.08 6.95
CA VAL H 121 -28.44 -44.66 6.78
C VAL H 121 -29.72 -44.39 7.59
N LYS H 122 -30.68 -45.31 7.57
CA LYS H 122 -31.94 -45.16 8.32
C LYS H 122 -31.62 -44.96 9.80
N GLU H 123 -30.85 -45.87 10.38
CA GLU H 123 -30.49 -45.78 11.82
C GLU H 123 -29.76 -44.45 12.07
N LEU H 124 -28.88 -44.07 11.15
CA LEU H 124 -28.15 -42.78 11.27
C LEU H 124 -29.15 -41.63 11.33
N VAL H 125 -30.16 -41.65 10.50
CA VAL H 125 -31.17 -40.57 10.44
C VAL H 125 -31.96 -40.58 11.74
N GLN H 126 -32.26 -41.77 12.28
CA GLN H 126 -32.98 -41.86 13.59
C GLN H 126 -32.12 -41.17 14.66
N GLN H 127 -30.82 -41.39 14.63
CA GLN H 127 -29.90 -40.76 15.60
C GLN H 127 -29.87 -39.25 15.35
N TYR H 128 -29.94 -38.81 14.11
CA TYR H 128 -29.96 -37.37 13.76
C TYR H 128 -31.23 -36.75 14.36
N HIS H 129 -32.36 -37.42 14.22
CA HIS H 129 -33.63 -37.01 14.86
C HIS H 129 -33.36 -36.80 16.36
N GLN H 130 -32.79 -37.81 17.01
CA GLN H 130 -32.46 -37.72 18.46
C GLN H 130 -31.57 -36.51 18.71
N PHE H 131 -30.59 -36.24 17.85
CA PHE H 131 -29.67 -35.10 17.99
C PHE H 131 -30.47 -33.80 17.96
N GLN H 132 -31.40 -33.68 17.02
CA GLN H 132 -32.25 -32.48 16.90
C GLN H 132 -33.07 -32.33 18.19
N CYS H 133 -33.59 -33.43 18.72
CA CYS H 133 -34.31 -33.40 20.02
C CYS H 133 -33.37 -32.88 21.11
N GLY H 134 -32.11 -33.32 21.11
CA GLY H 134 -31.08 -32.86 22.07
C GLY H 134 -30.92 -31.35 21.99
N ARG H 135 -30.96 -30.80 20.77
CA ARG H 135 -30.92 -29.33 20.54
C ARG H 135 -32.22 -28.72 21.09
N LEU H 136 -33.37 -29.34 20.82
CA LEU H 136 -34.68 -28.83 21.29
C LEU H 136 -34.68 -28.71 22.81
N ARG H 137 -34.04 -29.65 23.50
CA ARG H 137 -34.02 -29.70 24.99
C ARG H 137 -33.74 -28.31 25.58
N GLU H 138 -32.98 -27.48 24.86
CA GLU H 138 -32.55 -26.15 25.35
C GLU H 138 -33.72 -25.14 25.30
N SER H 139 -34.82 -25.46 24.62
CA SER H 139 -35.93 -24.49 24.39
C SER H 139 -37.01 -24.63 25.47
N SER H 140 -37.26 -25.84 25.95
CA SER H 140 -38.22 -26.11 27.05
C SER H 140 -39.67 -25.86 26.57
N ARG H 141 -39.90 -24.70 25.97
CA ARG H 141 -41.24 -24.29 25.44
C ARG H 141 -41.77 -25.40 24.52
N LEU H 142 -40.98 -25.86 23.57
CA LEU H 142 -41.45 -26.82 22.54
C LEU H 142 -41.39 -28.25 23.08
N MET H 143 -40.51 -28.52 24.03
CA MET H 143 -40.46 -29.85 24.70
C MET H 143 -41.82 -30.08 25.37
N PHE H 144 -42.45 -29.03 25.88
CA PHE H 144 -43.80 -29.09 26.52
C PHE H 144 -44.72 -29.91 25.61
N GLU H 145 -44.62 -29.69 24.29
CA GLU H 145 -45.43 -30.44 23.30
C GLU H 145 -44.75 -31.78 23.02
N TYR H 146 -43.47 -31.76 22.71
CA TYR H 146 -42.71 -32.94 22.25
C TYR H 146 -42.99 -34.13 23.17
N GLN H 147 -42.88 -33.95 24.48
CA GLN H 147 -43.06 -35.08 25.45
C GLN H 147 -44.44 -35.70 25.23
N THR H 148 -45.50 -34.90 25.30
CA THR H 148 -46.89 -35.39 25.16
C THR H 148 -47.06 -36.06 23.80
N LEU H 149 -46.37 -35.56 22.77
CA LEU H 149 -46.47 -36.12 21.39
C LEU H 149 -45.72 -37.45 21.32
N LEU H 150 -44.62 -37.58 22.05
CA LEU H 150 -43.85 -38.85 22.08
C LEU H 150 -44.66 -39.92 22.82
N GLU H 151 -45.55 -39.52 23.73
CA GLU H 151 -46.39 -40.49 24.50
C GLU H 151 -47.39 -41.20 23.58
N GLU H 152 -47.42 -40.86 22.28
CA GLU H 152 -48.25 -41.58 21.28
C GLU H 152 -47.31 -42.28 20.31
N PRO H 153 -46.92 -43.55 20.58
CA PRO H 153 -45.91 -44.23 19.76
C PRO H 153 -46.20 -44.23 18.25
N GLN H 154 -47.46 -44.42 17.86
CA GLN H 154 -47.86 -44.42 16.43
C GLN H 154 -47.51 -43.06 15.80
N TYR H 155 -47.37 -42.01 16.62
CA TYR H 155 -46.88 -40.68 16.16
C TYR H 155 -45.39 -40.51 16.47
N GLY H 156 -44.96 -40.86 17.69
CA GLY H 156 -43.60 -40.57 18.18
C GLY H 156 -42.54 -41.22 17.31
N GLU H 157 -42.77 -42.45 16.89
CA GLU H 157 -41.78 -43.25 16.12
C GLU H 157 -41.95 -42.99 14.63
N ASN H 158 -43.03 -42.32 14.21
CA ASN H 158 -43.22 -41.89 12.80
C ASN H 158 -43.17 -40.37 12.78
N MET H 159 -42.13 -39.79 13.38
CA MET H 159 -42.05 -38.32 13.57
C MET H 159 -40.63 -37.86 13.28
N GLU H 160 -40.49 -36.61 12.84
CA GLU H 160 -39.18 -35.97 12.63
C GLU H 160 -39.24 -34.52 13.07
N ILE H 161 -38.10 -33.96 13.44
CA ILE H 161 -38.01 -32.59 13.99
C ILE H 161 -36.72 -31.94 13.51
N TYR H 162 -36.72 -30.62 13.38
CA TYR H 162 -35.52 -29.85 12.95
C TYR H 162 -35.56 -28.47 13.60
N ALA H 163 -34.38 -27.91 13.91
CA ALA H 163 -34.25 -26.59 14.56
C ALA H 163 -33.04 -25.85 13.99
N GLY H 164 -33.24 -24.59 13.62
CA GLY H 164 -32.19 -23.69 13.08
C GLY H 164 -31.39 -23.02 14.19
N LYS H 165 -30.11 -22.75 13.92
CA LYS H 165 -29.20 -22.11 14.90
C LYS H 165 -29.76 -20.73 15.28
N LYS H 166 -29.27 -20.18 16.39
CA LYS H 166 -29.71 -18.88 16.94
C LYS H 166 -29.43 -17.77 15.93
N ASN H 167 -30.32 -16.78 15.89
CA ASN H 167 -30.06 -15.47 15.22
C ASN H 167 -29.01 -14.73 16.05
N ASN H 168 -27.99 -14.18 15.39
CA ASN H 168 -26.87 -13.50 16.09
C ASN H 168 -27.42 -12.44 17.05
N TRP H 169 -28.44 -11.69 16.62
CA TRP H 169 -29.16 -10.71 17.47
C TRP H 169 -30.60 -11.19 17.69
N THR H 170 -31.14 -10.99 18.89
CA THR H 170 -32.52 -11.40 19.29
C THR H 170 -32.54 -12.88 19.69
N GLY H 171 -31.68 -13.71 19.09
CA GLY H 171 -31.46 -15.10 19.53
C GLY H 171 -32.66 -15.98 19.26
N GLU H 172 -33.47 -15.63 18.25
CA GLU H 172 -34.67 -16.44 17.91
C GLU H 172 -34.24 -17.73 17.22
N PHE H 173 -35.06 -18.76 17.34
CA PHE H 173 -34.83 -20.10 16.75
C PHE H 173 -36.02 -20.45 15.86
N SER H 174 -35.74 -20.97 14.67
CA SER H 174 -36.77 -21.51 13.73
C SER H 174 -36.86 -23.02 13.94
N ALA H 175 -38.05 -23.60 13.79
CA ALA H 175 -38.26 -25.02 14.08
C ALA H 175 -39.27 -25.64 13.12
N ARG H 176 -39.22 -26.96 12.98
CA ARG H 176 -40.15 -27.73 12.14
C ARG H 176 -40.46 -29.06 12.79
N PHE H 177 -41.75 -29.42 12.83
CA PHE H 177 -42.22 -30.79 13.10
C PHE H 177 -42.68 -31.42 11.79
N LEU H 178 -42.51 -32.72 11.66
CA LEU H 178 -43.07 -33.50 10.51
C LEU H 178 -43.63 -34.81 11.04
N LEU H 179 -44.83 -35.16 10.60
CA LEU H 179 -45.54 -36.37 11.10
C LEU H 179 -46.06 -37.19 9.91
N LYS H 180 -45.92 -38.50 10.01
CA LYS H 180 -46.57 -39.45 9.07
C LYS H 180 -47.85 -39.94 9.76
N LEU H 181 -48.99 -39.73 9.14
CA LEU H 181 -50.29 -40.03 9.79
C LEU H 181 -50.62 -41.50 9.60
N PRO H 182 -51.14 -42.17 10.65
CA PRO H 182 -51.42 -43.61 10.58
C PRO H 182 -52.82 -43.93 10.02
N VAL H 183 -53.06 -43.58 8.76
CA VAL H 183 -54.34 -43.89 8.07
C VAL H 183 -54.08 -44.89 6.94
N ASP H 184 -55.06 -45.74 6.65
CA ASP H 184 -54.94 -46.84 5.68
C ASP H 184 -55.15 -46.29 4.27
N PHE H 185 -54.10 -45.74 3.68
CA PHE H 185 -54.11 -45.29 2.26
C PHE H 185 -53.80 -46.47 1.34
N SER H 186 -53.77 -47.71 1.82
CA SER H 186 -53.34 -48.87 1.01
C SER H 186 -54.32 -49.11 -0.14
N ASN H 187 -55.61 -48.81 0.06
CA ASN H 187 -56.69 -49.16 -0.90
C ASN H 187 -56.94 -48.01 -1.87
N ILE H 188 -56.04 -47.03 -1.95
CA ILE H 188 -56.17 -45.92 -2.95
C ILE H 188 -55.90 -46.49 -4.33
N PRO H 189 -56.71 -46.11 -5.35
CA PRO H 189 -56.52 -46.64 -6.69
C PRO H 189 -55.27 -46.13 -7.40
N THR H 190 -54.96 -46.78 -8.51
CA THR H 190 -53.78 -46.47 -9.35
C THR H 190 -54.18 -45.42 -10.38
N TYR H 191 -53.18 -44.83 -11.02
CA TYR H 191 -53.40 -43.90 -12.16
C TYR H 191 -52.10 -43.83 -12.95
N LEU H 192 -52.23 -43.64 -14.26
CA LEU H 192 -51.10 -43.67 -15.21
C LEU H 192 -50.45 -42.28 -15.25
N LEU H 193 -49.13 -42.26 -15.18
CA LEU H 193 -48.35 -40.99 -15.27
C LEU H 193 -47.92 -40.76 -16.73
N LYS H 194 -47.39 -39.57 -17.01
CA LYS H 194 -46.85 -39.21 -18.34
C LYS H 194 -45.69 -40.16 -18.68
N ASP H 195 -44.71 -40.30 -17.78
CA ASP H 195 -43.46 -41.02 -18.10
C ASP H 195 -43.67 -42.53 -17.94
N VAL H 196 -44.60 -42.96 -17.08
CA VAL H 196 -44.81 -44.41 -16.77
C VAL H 196 -43.62 -44.93 -15.96
N ASN H 197 -42.40 -44.69 -16.43
CA ASN H 197 -41.16 -45.05 -15.68
C ASN H 197 -41.13 -44.30 -14.33
N GLU H 198 -41.93 -43.24 -14.19
CA GLU H 198 -42.09 -42.51 -12.91
C GLU H 198 -42.81 -43.41 -11.91
N ASP H 199 -42.49 -43.23 -10.62
CA ASP H 199 -43.17 -43.97 -9.53
C ASP H 199 -43.91 -42.99 -8.64
N PRO H 200 -45.24 -43.13 -8.44
CA PRO H 200 -45.95 -42.29 -7.48
C PRO H 200 -45.41 -42.41 -6.04
N GLY H 201 -44.78 -43.53 -5.72
CA GLY H 201 -44.14 -43.73 -4.41
C GLY H 201 -45.09 -44.29 -3.38
N GLU H 202 -44.58 -44.48 -2.17
CA GLU H 202 -45.36 -44.96 -1.01
C GLU H 202 -46.50 -43.98 -0.77
N ASP H 203 -47.72 -44.53 -0.64
CA ASP H 203 -48.94 -43.73 -0.37
C ASP H 203 -48.89 -43.24 1.08
N VAL H 204 -48.53 -41.98 1.27
CA VAL H 204 -48.40 -41.40 2.63
C VAL H 204 -48.94 -39.97 2.62
N ALA H 205 -49.40 -39.53 3.77
CA ALA H 205 -49.82 -38.15 4.03
C ALA H 205 -48.96 -37.57 5.16
N LEU H 206 -48.28 -36.47 4.88
CA LEU H 206 -47.29 -35.88 5.82
C LEU H 206 -47.77 -34.53 6.31
N LEU H 207 -47.69 -34.31 7.62
CA LEU H 207 -48.13 -33.04 8.25
C LEU H 207 -46.90 -32.31 8.77
N SER H 208 -46.58 -31.17 8.18
CA SER H 208 -45.42 -30.34 8.56
C SER H 208 -45.92 -29.10 9.30
N VAL H 209 -45.24 -28.74 10.37
CA VAL H 209 -45.57 -27.54 11.17
C VAL H 209 -44.31 -26.70 11.31
N SER H 210 -44.42 -25.41 11.01
CA SER H 210 -43.29 -24.44 11.07
C SER H 210 -43.68 -23.27 11.98
N PHE H 211 -42.70 -22.71 12.69
CA PHE H 211 -42.91 -21.63 13.68
C PHE H 211 -42.01 -20.44 13.34
N GLU H 212 -42.50 -19.24 13.61
CA GLU H 212 -41.70 -18.00 13.55
C GLU H 212 -41.04 -17.72 14.91
N ASP H 213 -41.72 -18.08 16.00
CA ASP H 213 -41.25 -17.82 17.38
C ASP H 213 -40.76 -19.11 18.02
N THR H 214 -40.00 -18.99 19.09
CA THR H 214 -39.60 -20.12 19.98
C THR H 214 -40.78 -20.47 20.90
N GLU H 215 -41.93 -19.84 20.72
CA GLU H 215 -43.14 -20.07 21.55
C GLU H 215 -44.28 -20.58 20.65
N ALA H 216 -45.44 -20.82 21.25
CA ALA H 216 -46.66 -21.27 20.55
C ALA H 216 -47.41 -20.05 20.01
N THR H 217 -46.79 -19.30 19.10
CA THR H 217 -47.42 -18.14 18.42
C THR H 217 -46.95 -18.09 16.97
N GLN H 218 -47.82 -17.61 16.07
CA GLN H 218 -47.51 -17.44 14.63
C GLN H 218 -47.00 -18.78 14.08
N VAL H 219 -47.91 -19.69 13.74
CA VAL H 219 -47.57 -21.06 13.27
C VAL H 219 -48.05 -21.20 11.83
N TYR H 220 -47.20 -21.77 10.98
CA TYR H 220 -47.53 -22.06 9.56
C TYR H 220 -47.58 -23.57 9.38
N PRO H 221 -48.79 -24.19 9.29
CA PRO H 221 -48.89 -25.60 8.94
C PRO H 221 -49.06 -25.87 7.44
N LYS H 222 -48.56 -27.02 7.00
CA LYS H 222 -48.76 -27.51 5.61
C LYS H 222 -48.97 -29.03 5.64
N LEU H 223 -49.86 -29.52 4.80
CA LEU H 223 -50.15 -30.96 4.67
C LEU H 223 -49.81 -31.40 3.25
N TYR H 224 -48.79 -32.24 3.13
CA TYR H 224 -48.31 -32.78 1.84
C TYR H 224 -48.95 -34.15 1.62
N LEU H 225 -49.31 -34.44 0.37
CA LEU H 225 -50.04 -35.67 0.02
C LEU H 225 -49.34 -36.37 -1.13
N SER H 226 -49.28 -37.70 -1.05
CA SER H 226 -48.78 -38.56 -2.14
C SER H 226 -49.56 -38.24 -3.41
N PRO H 227 -48.93 -38.37 -4.59
CA PRO H 227 -49.63 -38.09 -5.85
C PRO H 227 -50.95 -38.88 -5.99
N ARG H 228 -50.97 -40.14 -5.57
CA ARG H 228 -52.20 -40.97 -5.61
C ARG H 228 -53.29 -40.31 -4.78
N ILE H 229 -52.95 -39.74 -3.63
CA ILE H 229 -53.95 -39.05 -2.76
C ILE H 229 -54.44 -37.80 -3.49
N GLU H 230 -53.56 -37.05 -4.14
CA GLU H 230 -53.97 -35.88 -4.97
C GLU H 230 -55.00 -36.35 -6.01
N HIS H 231 -54.74 -37.47 -6.69
CA HIS H 231 -55.65 -38.00 -7.74
C HIS H 231 -56.97 -38.44 -7.12
N ALA H 232 -56.95 -38.99 -5.90
CA ALA H 232 -58.16 -39.56 -5.27
C ALA H 232 -59.06 -38.41 -4.83
N LEU H 233 -58.51 -37.32 -4.32
CA LEU H 233 -59.30 -36.21 -3.74
C LEU H 233 -59.49 -35.08 -4.76
N GLY H 234 -59.03 -35.25 -6.00
CA GLY H 234 -59.30 -34.34 -7.12
C GLY H 234 -58.37 -33.13 -7.15
N GLY H 235 -57.15 -33.27 -6.61
CA GLY H 235 -56.13 -32.21 -6.63
C GLY H 235 -56.02 -31.54 -5.28
N SER H 236 -54.79 -31.28 -4.83
CA SER H 236 -54.50 -30.59 -3.54
C SER H 236 -55.06 -29.16 -3.57
N SER H 237 -55.09 -28.51 -4.73
CA SER H 237 -55.46 -27.09 -4.85
C SER H 237 -56.97 -26.90 -4.61
N ALA H 238 -57.74 -27.97 -4.40
CA ALA H 238 -59.20 -27.88 -4.19
C ALA H 238 -59.57 -28.33 -2.78
N LEU H 239 -58.60 -28.42 -1.87
CA LEU H 239 -58.81 -28.93 -0.49
C LEU H 239 -58.14 -27.99 0.50
N HIS H 240 -58.80 -27.71 1.62
CA HIS H 240 -58.28 -26.81 2.69
C HIS H 240 -58.13 -27.60 4.00
N ILE H 241 -57.37 -27.04 4.93
CA ILE H 241 -57.06 -27.68 6.24
C ILE H 241 -57.28 -26.63 7.32
N PRO H 242 -57.83 -26.98 8.51
CA PRO H 242 -57.93 -26.00 9.60
C PRO H 242 -56.55 -25.56 10.10
N ALA H 243 -56.28 -24.26 10.09
CA ALA H 243 -55.05 -23.68 10.68
C ALA H 243 -55.12 -23.80 12.20
N PHE H 244 -53.97 -23.72 12.86
CA PHE H 244 -53.90 -23.82 14.33
C PHE H 244 -54.56 -22.58 14.94
N PRO H 245 -55.57 -22.74 15.84
CA PRO H 245 -56.34 -21.59 16.31
C PRO H 245 -55.58 -20.70 17.30
N GLY H 246 -54.75 -21.30 18.17
CA GLY H 246 -54.01 -20.57 19.20
C GLY H 246 -53.76 -21.43 20.42
N GLY H 247 -52.88 -20.97 21.30
CA GLY H 247 -52.36 -21.76 22.43
C GLY H 247 -51.38 -22.82 21.95
N GLY H 248 -51.22 -23.90 22.71
CA GLY H 248 -50.25 -24.95 22.38
C GLY H 248 -50.83 -26.32 22.66
N CYS H 249 -51.18 -27.10 21.64
CA CYS H 249 -51.79 -28.44 21.83
C CYS H 249 -51.90 -29.19 20.50
N LEU H 250 -50.77 -29.45 19.83
CA LEU H 250 -50.75 -30.31 18.62
C LEU H 250 -51.30 -31.71 18.95
N ILE H 251 -51.18 -32.15 20.18
CA ILE H 251 -51.75 -33.45 20.64
C ILE H 251 -53.29 -33.42 20.50
N ASP H 252 -53.89 -32.23 20.46
CA ASP H 252 -55.35 -32.08 20.24
C ASP H 252 -55.65 -31.68 18.78
N TYR H 253 -54.64 -31.22 18.04
CA TYR H 253 -54.82 -30.80 16.62
C TYR H 253 -54.74 -32.03 15.70
N VAL H 254 -53.78 -32.91 15.94
CA VAL H 254 -53.47 -34.01 14.99
C VAL H 254 -54.64 -34.99 14.97
N PRO H 255 -55.23 -35.40 16.12
CA PRO H 255 -56.39 -36.30 16.07
C PRO H 255 -57.54 -35.79 15.18
N GLN H 256 -57.81 -34.47 15.21
CA GLN H 256 -58.89 -33.87 14.39
C GLN H 256 -58.58 -34.13 12.90
N VAL H 257 -57.36 -33.79 12.47
CA VAL H 257 -56.96 -33.92 11.04
C VAL H 257 -56.99 -35.41 10.67
N CYS H 258 -56.53 -36.29 11.54
CA CYS H 258 -56.52 -37.75 11.26
C CYS H 258 -57.95 -38.22 11.05
N HIS H 259 -58.87 -37.88 11.98
CA HIS H 259 -60.28 -38.34 11.91
C HIS H 259 -60.91 -37.80 10.62
N LEU H 260 -60.71 -36.51 10.33
CA LEU H 260 -61.35 -35.85 9.15
C LEU H 260 -60.80 -36.47 7.87
N LEU H 261 -59.49 -36.66 7.78
CA LEU H 261 -58.85 -37.21 6.57
C LEU H 261 -59.31 -38.66 6.37
N THR H 262 -59.45 -39.42 7.46
CA THR H 262 -59.96 -40.81 7.38
C THR H 262 -61.41 -40.78 6.87
N ASN H 263 -62.22 -39.83 7.35
CA ASN H 263 -63.61 -39.68 6.86
C ASN H 263 -63.60 -39.47 5.35
N LYS H 264 -62.81 -38.51 4.85
CA LYS H 264 -62.77 -38.16 3.41
C LYS H 264 -62.28 -39.37 2.60
N VAL H 265 -61.22 -40.01 3.07
CA VAL H 265 -60.58 -41.13 2.33
C VAL H 265 -61.60 -42.28 2.25
N GLN H 266 -62.28 -42.58 3.34
CA GLN H 266 -63.26 -43.69 3.36
C GLN H 266 -64.43 -43.34 2.45
N TYR H 267 -64.86 -42.08 2.47
CA TYR H 267 -65.92 -41.52 1.58
C TYR H 267 -65.60 -41.93 0.14
N VAL H 268 -64.37 -41.67 -0.30
CA VAL H 268 -64.00 -41.91 -1.73
C VAL H 268 -63.82 -43.42 -1.95
N ILE H 269 -63.18 -44.12 -1.03
CA ILE H 269 -62.74 -45.53 -1.27
C ILE H 269 -63.97 -46.45 -1.24
N GLN H 270 -65.00 -46.13 -0.47
CA GLN H 270 -66.24 -46.95 -0.45
C GLN H 270 -66.84 -46.93 -1.87
N GLY H 271 -67.02 -45.74 -2.42
CA GLY H 271 -67.49 -45.55 -3.80
C GLY H 271 -66.61 -46.30 -4.79
N TYR H 272 -65.29 -46.21 -4.61
CA TYR H 272 -64.31 -46.84 -5.53
C TYR H 272 -64.52 -48.36 -5.54
N HIS H 273 -64.58 -48.97 -4.36
CA HIS H 273 -64.72 -50.45 -4.26
C HIS H 273 -66.09 -50.89 -4.76
N LYS H 274 -67.13 -50.09 -4.55
CA LYS H 274 -68.48 -50.47 -5.04
C LYS H 274 -68.47 -50.42 -6.58
N ARG H 275 -67.85 -49.39 -7.16
CA ARG H 275 -67.72 -49.29 -8.64
C ARG H 275 -66.92 -50.48 -9.15
N ARG H 276 -65.87 -50.89 -8.42
CA ARG H 276 -65.04 -52.02 -8.84
C ARG H 276 -65.88 -53.31 -8.81
N GLU H 277 -66.72 -53.47 -7.79
CA GLU H 277 -67.63 -54.65 -7.70
C GLU H 277 -68.55 -54.65 -8.92
N TYR H 278 -69.11 -53.49 -9.27
CA TYR H 278 -70.03 -53.36 -10.44
C TYR H 278 -69.28 -53.81 -11.71
N ILE H 279 -68.12 -53.23 -11.95
CA ILE H 279 -67.36 -53.50 -13.21
C ILE H 279 -66.92 -54.96 -13.21
N ALA H 280 -66.55 -55.50 -12.04
CA ALA H 280 -66.09 -56.90 -11.93
C ALA H 280 -67.24 -57.85 -12.26
N ALA H 281 -68.43 -57.59 -11.73
CA ALA H 281 -69.63 -58.41 -12.02
C ALA H 281 -69.93 -58.33 -13.51
N PHE H 282 -69.92 -57.13 -14.08
CA PHE H 282 -70.25 -56.95 -15.52
C PHE H 282 -69.22 -57.65 -16.39
N LEU H 283 -67.94 -57.65 -15.98
CA LEU H 283 -66.90 -58.39 -16.72
C LEU H 283 -67.19 -59.89 -16.61
N SER H 284 -67.27 -60.41 -15.39
CA SER H 284 -67.61 -61.83 -15.13
C SER H 284 -68.76 -62.26 -16.05
N HIS H 285 -69.77 -61.42 -16.23
CA HIS H 285 -70.99 -61.81 -16.99
C HIS H 285 -70.78 -61.68 -18.50
N PHE H 286 -70.33 -60.53 -18.99
CA PHE H 286 -70.37 -60.18 -20.43
C PHE H 286 -68.98 -59.89 -20.99
N GLY H 287 -67.91 -60.39 -20.38
CA GLY H 287 -66.53 -60.08 -20.76
C GLY H 287 -66.18 -60.65 -22.12
N THR H 288 -66.88 -61.69 -22.55
CA THR H 288 -66.64 -62.34 -23.86
C THR H 288 -66.79 -61.32 -24.98
N GLY H 289 -67.47 -60.20 -24.75
CA GLY H 289 -67.69 -59.16 -25.77
C GLY H 289 -67.32 -57.77 -25.29
N VAL H 290 -66.46 -57.68 -24.28
CA VAL H 290 -66.08 -56.36 -23.70
C VAL H 290 -65.30 -55.57 -24.74
N VAL H 291 -65.56 -54.27 -24.82
CA VAL H 291 -64.85 -53.36 -25.74
C VAL H 291 -63.79 -52.60 -24.95
N GLU H 292 -64.19 -51.91 -23.89
CA GLU H 292 -63.23 -51.10 -23.09
C GLU H 292 -63.80 -50.85 -21.70
N TYR H 293 -62.94 -50.51 -20.76
CA TYR H 293 -63.35 -50.15 -19.38
C TYR H 293 -62.20 -49.42 -18.68
N ASP H 294 -62.57 -48.56 -17.74
CA ASP H 294 -61.62 -47.70 -16.99
C ASP H 294 -60.92 -48.56 -15.95
N ALA H 295 -59.76 -49.10 -16.30
CA ALA H 295 -58.96 -49.97 -15.41
C ALA H 295 -58.35 -49.14 -14.28
N GLU H 296 -58.42 -47.81 -14.34
CA GLU H 296 -57.76 -46.94 -13.33
C GLU H 296 -58.74 -46.51 -12.24
N GLY H 297 -60.01 -46.31 -12.56
CA GLY H 297 -60.98 -45.71 -11.61
C GLY H 297 -62.35 -46.37 -11.66
N PHE H 298 -62.63 -47.15 -12.70
CA PHE H 298 -63.92 -47.88 -12.85
C PHE H 298 -65.08 -46.89 -12.86
N THR H 299 -64.96 -45.83 -13.65
CA THR H 299 -66.05 -44.83 -13.86
C THR H 299 -66.74 -45.04 -15.21
N LYS H 300 -66.15 -45.82 -16.11
CA LYS H 300 -66.71 -46.04 -17.47
C LYS H 300 -66.54 -47.49 -17.88
N LEU H 301 -67.46 -47.97 -18.71
CA LEU H 301 -67.42 -49.29 -19.36
C LEU H 301 -68.14 -49.23 -20.70
N THR H 302 -67.71 -50.03 -21.66
CA THR H 302 -68.28 -50.06 -23.02
C THR H 302 -68.29 -51.50 -23.50
N LEU H 303 -69.49 -52.04 -23.73
CA LEU H 303 -69.71 -53.43 -24.19
C LEU H 303 -70.32 -53.43 -25.59
N LEU H 304 -70.00 -54.47 -26.36
CA LEU H 304 -70.54 -54.70 -27.72
C LEU H 304 -71.37 -55.97 -27.69
N LEU H 305 -72.65 -55.85 -28.01
CA LEU H 305 -73.61 -56.98 -27.93
C LEU H 305 -74.26 -57.20 -29.30
N MET H 306 -74.87 -58.35 -29.48
CA MET H 306 -75.58 -58.71 -30.73
C MET H 306 -77.01 -59.16 -30.39
N TRP H 307 -77.97 -58.59 -31.08
CA TRP H 307 -79.40 -58.97 -31.00
C TRP H 307 -79.86 -59.41 -32.39
N LYS H 308 -80.15 -60.69 -32.53
CA LYS H 308 -80.67 -61.27 -33.81
C LYS H 308 -79.82 -60.76 -34.97
N ASP H 309 -78.49 -60.89 -34.86
CA ASP H 309 -77.49 -60.65 -35.93
C ASP H 309 -77.25 -59.15 -36.14
N PHE H 310 -77.75 -58.29 -35.27
CA PHE H 310 -77.47 -56.83 -35.33
C PHE H 310 -76.63 -56.43 -34.13
N CYS H 311 -75.49 -55.79 -34.38
CA CYS H 311 -74.57 -55.31 -33.32
C CYS H 311 -75.07 -53.99 -32.75
N PHE H 312 -74.79 -53.76 -31.47
CA PHE H 312 -75.03 -52.45 -30.81
C PHE H 312 -74.07 -52.31 -29.65
N LEU H 313 -73.92 -51.08 -29.17
CA LEU H 313 -72.97 -50.78 -28.07
C LEU H 313 -73.76 -50.24 -26.88
N VAL H 314 -73.25 -50.54 -25.69
CA VAL H 314 -73.78 -49.96 -24.43
C VAL H 314 -72.60 -49.36 -23.66
N HIS H 315 -72.70 -48.07 -23.37
CA HIS H 315 -71.71 -47.34 -22.52
C HIS H 315 -72.33 -47.12 -21.15
N ILE H 316 -71.67 -47.62 -20.11
CA ILE H 316 -72.09 -47.43 -18.70
C ILE H 316 -71.17 -46.38 -18.07
N ASP H 317 -71.77 -45.28 -17.63
CA ASP H 317 -71.06 -44.17 -16.94
C ASP H 317 -71.49 -44.18 -15.48
N LEU H 318 -70.54 -44.25 -14.55
CA LEU H 318 -70.83 -44.36 -13.11
C LEU H 318 -70.53 -43.01 -12.46
N PRO H 319 -71.51 -42.38 -11.79
CA PRO H 319 -71.26 -41.12 -11.10
C PRO H 319 -70.47 -41.32 -9.80
N LEU H 320 -70.01 -40.21 -9.21
CA LEU H 320 -69.30 -40.21 -7.92
C LEU H 320 -70.15 -40.94 -6.88
N PHE H 321 -71.44 -40.57 -6.77
CA PHE H 321 -72.40 -41.23 -5.85
C PHE H 321 -72.93 -42.51 -6.52
N PHE H 322 -72.04 -43.43 -6.87
CA PHE H 322 -72.45 -44.66 -7.59
C PHE H 322 -73.39 -45.50 -6.71
N PRO H 323 -73.06 -45.76 -5.43
CA PRO H 323 -73.95 -46.56 -4.59
C PRO H 323 -75.33 -45.92 -4.42
N ARG H 324 -75.44 -44.61 -4.66
CA ARG H 324 -76.67 -43.82 -4.39
C ARG H 324 -77.35 -43.46 -5.72
N ASP H 325 -76.67 -42.72 -6.59
CA ASP H 325 -77.23 -42.33 -7.92
C ASP H 325 -77.15 -43.53 -8.86
N GLN H 326 -78.08 -43.61 -9.81
CA GLN H 326 -78.12 -44.70 -10.80
C GLN H 326 -77.03 -44.46 -11.84
N PRO H 327 -76.34 -45.52 -12.31
CA PRO H 327 -75.39 -45.37 -13.40
C PRO H 327 -76.11 -45.11 -14.72
N THR H 328 -75.56 -44.20 -15.52
CA THR H 328 -76.16 -43.78 -16.81
C THR H 328 -75.80 -44.81 -17.88
N LEU H 329 -76.82 -45.43 -18.46
CA LEU H 329 -76.63 -46.36 -19.60
C LEU H 329 -76.81 -45.57 -20.89
N THR H 330 -76.07 -45.91 -21.92
CA THR H 330 -76.13 -45.20 -23.21
C THR H 330 -76.06 -46.23 -24.32
N PHE H 331 -77.17 -46.46 -25.00
CA PHE H 331 -77.22 -47.37 -26.16
C PHE H 331 -76.78 -46.59 -27.40
N GLN H 332 -75.95 -47.21 -28.23
CA GLN H 332 -75.43 -46.55 -29.45
C GLN H 332 -75.48 -47.52 -30.62
N SER H 333 -75.88 -47.02 -31.77
CA SER H 333 -76.00 -47.80 -33.02
C SER H 333 -74.66 -47.77 -33.76
N VAL H 334 -74.37 -48.83 -34.50
CA VAL H 334 -73.14 -48.94 -35.32
C VAL H 334 -73.42 -48.53 -36.78
N TYR H 335 -74.69 -48.35 -37.16
CA TYR H 335 -75.07 -48.11 -38.58
C TYR H 335 -75.68 -46.74 -38.79
N HIS H 336 -76.26 -46.11 -37.77
CA HIS H 336 -77.04 -44.86 -37.92
C HIS H 336 -76.23 -43.66 -37.42
N PHE H 337 -76.28 -42.57 -38.18
CA PHE H 337 -75.75 -41.26 -37.76
C PHE H 337 -76.91 -40.26 -37.69
N THR H 338 -76.82 -39.31 -36.76
CA THR H 338 -77.82 -38.23 -36.60
C THR H 338 -77.48 -37.08 -37.55
N ASN H 339 -78.29 -36.02 -37.52
CA ASN H 339 -78.13 -34.88 -38.43
C ASN H 339 -76.80 -34.19 -38.14
N SER H 340 -76.40 -34.15 -36.87
CA SER H 340 -75.17 -33.47 -36.40
C SER H 340 -73.92 -34.29 -36.76
N GLY H 341 -74.09 -35.42 -37.47
CA GLY H 341 -72.98 -36.31 -37.85
C GLY H 341 -72.59 -37.24 -36.71
N GLN H 342 -73.10 -37.02 -35.50
CA GLN H 342 -72.83 -37.94 -34.36
C GLN H 342 -73.61 -39.24 -34.56
N LEU H 343 -73.12 -40.35 -34.00
CA LEU H 343 -73.84 -41.63 -34.07
C LEU H 343 -75.13 -41.54 -33.25
N TYR H 344 -76.20 -42.09 -33.78
CA TYR H 344 -77.51 -42.17 -33.08
C TYR H 344 -77.30 -42.95 -31.79
N SER H 345 -77.72 -42.35 -30.69
CA SER H 345 -77.57 -42.93 -29.34
C SER H 345 -78.65 -42.37 -28.41
N GLN H 346 -78.99 -43.14 -27.38
CA GLN H 346 -80.00 -42.73 -26.39
C GLN H 346 -79.54 -43.14 -25.00
N ALA H 347 -79.69 -42.25 -24.04
CA ALA H 347 -79.29 -42.49 -22.64
C ALA H 347 -80.51 -42.88 -21.81
N GLN H 348 -80.30 -43.79 -20.87
CA GLN H 348 -81.31 -44.15 -19.85
C GLN H 348 -80.68 -43.97 -18.46
N LYS H 349 -81.36 -43.24 -17.58
CA LYS H 349 -80.89 -43.01 -16.19
C LYS H 349 -82.03 -43.36 -15.23
N ASN H 350 -83.28 -43.18 -15.64
CA ASN H 350 -84.46 -43.60 -14.86
C ASN H 350 -84.90 -44.97 -15.35
N TYR H 351 -84.57 -46.01 -14.59
CA TYR H 351 -84.82 -47.43 -14.97
C TYR H 351 -84.81 -48.27 -13.71
N PRO H 352 -85.26 -49.54 -13.76
CA PRO H 352 -85.30 -50.40 -12.57
C PRO H 352 -83.93 -50.47 -11.90
N TYR H 353 -83.88 -50.09 -10.63
CA TYR H 353 -82.61 -49.97 -9.87
C TYR H 353 -82.91 -49.88 -8.39
N SER H 354 -81.99 -50.38 -7.58
CA SER H 354 -82.01 -50.28 -6.10
C SER H 354 -80.57 -50.14 -5.65
N PRO H 355 -80.22 -49.10 -4.86
CA PRO H 355 -78.83 -48.88 -4.47
C PRO H 355 -78.26 -50.02 -3.62
N ARG H 356 -79.13 -50.86 -3.04
CA ARG H 356 -78.76 -51.93 -2.09
C ARG H 356 -78.26 -53.17 -2.86
N TRP H 357 -78.42 -53.22 -4.18
CA TRP H 357 -78.09 -54.42 -4.99
C TRP H 357 -76.58 -54.65 -5.01
N ASP H 358 -76.19 -55.88 -5.34
CA ASP H 358 -74.78 -56.24 -5.58
C ASP H 358 -74.52 -56.30 -7.10
N GLY H 359 -73.26 -56.53 -7.47
CA GLY H 359 -72.82 -56.57 -8.87
C GLY H 359 -73.65 -57.55 -9.69
N ASN H 360 -73.88 -58.74 -9.16
CA ASN H 360 -74.52 -59.84 -9.91
C ASN H 360 -75.99 -59.47 -10.19
N GLU H 361 -76.70 -58.98 -9.18
CA GLU H 361 -78.13 -58.61 -9.32
C GLU H 361 -78.24 -57.48 -10.36
N MET H 362 -77.34 -56.50 -10.29
CA MET H 362 -77.37 -55.35 -11.23
C MET H 362 -77.06 -55.85 -12.64
N ALA H 363 -76.13 -56.78 -12.79
CA ALA H 363 -75.75 -57.33 -14.12
C ALA H 363 -76.95 -58.10 -14.71
N LYS H 364 -77.63 -58.90 -13.90
CA LYS H 364 -78.79 -59.69 -14.41
C LYS H 364 -79.90 -58.72 -14.79
N ARG H 365 -80.19 -57.72 -13.94
CA ARG H 365 -81.24 -56.71 -14.24
C ARG H 365 -80.87 -55.94 -15.50
N ALA H 366 -79.59 -55.71 -15.74
CA ALA H 366 -79.11 -54.99 -16.95
C ALA H 366 -79.34 -55.90 -18.17
N LYS H 367 -79.10 -57.19 -18.05
CA LYS H 367 -79.36 -58.15 -19.15
C LYS H 367 -80.86 -58.13 -19.48
N ALA H 368 -81.71 -58.11 -18.46
CA ALA H 368 -83.18 -58.05 -18.64
C ALA H 368 -83.53 -56.75 -19.37
N TYR H 369 -82.96 -55.63 -18.94
CA TYR H 369 -83.23 -54.30 -19.54
C TYR H 369 -82.78 -54.34 -21.01
N PHE H 370 -81.64 -54.96 -21.31
CA PHE H 370 -81.14 -55.13 -22.69
C PHE H 370 -82.21 -55.86 -23.50
N LYS H 371 -82.58 -57.06 -23.07
CA LYS H 371 -83.53 -57.91 -23.84
C LYS H 371 -84.84 -57.13 -24.05
N THR H 372 -85.24 -56.27 -23.12
CA THR H 372 -86.55 -55.59 -23.18
C THR H 372 -86.48 -54.31 -24.02
N PHE H 373 -85.33 -53.66 -24.10
CA PHE H 373 -85.22 -52.29 -24.68
C PHE H 373 -84.48 -52.28 -26.03
N VAL H 374 -83.74 -53.32 -26.38
CA VAL H 374 -82.88 -53.27 -27.61
C VAL H 374 -83.76 -53.12 -28.85
N PRO H 375 -84.86 -53.89 -29.01
CA PRO H 375 -85.75 -53.70 -30.16
C PRO H 375 -86.32 -52.28 -30.27
N GLN H 376 -86.71 -51.69 -29.14
CA GLN H 376 -87.29 -50.32 -29.08
C GLN H 376 -86.22 -49.35 -29.59
N PHE H 377 -85.00 -49.47 -29.07
CA PHE H 377 -83.87 -48.60 -29.48
C PHE H 377 -83.61 -48.76 -30.98
N GLN H 378 -83.67 -49.99 -31.49
CA GLN H 378 -83.38 -50.26 -32.92
C GLN H 378 -84.46 -49.62 -33.80
N GLU H 379 -85.74 -49.78 -33.43
CA GLU H 379 -86.86 -49.15 -34.17
C GLU H 379 -86.67 -47.63 -34.14
N ALA H 380 -86.30 -47.07 -32.99
CA ALA H 380 -86.11 -45.61 -32.83
C ALA H 380 -84.94 -45.14 -33.70
N ALA H 381 -83.88 -45.94 -33.79
CA ALA H 381 -82.68 -45.60 -34.58
C ALA H 381 -83.06 -45.59 -36.07
N PHE H 382 -83.89 -46.54 -36.51
CA PHE H 382 -84.37 -46.54 -37.91
C PHE H 382 -85.29 -45.34 -38.16
N ALA H 383 -86.09 -44.96 -37.16
CA ALA H 383 -87.09 -43.89 -37.31
C ALA H 383 -86.38 -42.53 -37.40
N ASN H 384 -85.36 -42.29 -36.58
CA ASN H 384 -84.71 -40.96 -36.44
C ASN H 384 -83.40 -40.92 -37.23
N GLY H 385 -82.55 -41.92 -37.07
CA GLY H 385 -81.22 -41.98 -37.68
C GLY H 385 -81.26 -42.20 -39.17
N LYS H 386 -80.16 -41.91 -39.87
CA LYS H 386 -79.99 -42.19 -41.32
C LYS H 386 -78.76 -43.07 -41.52
N LEU H 387 -78.86 -44.03 -42.43
CA LEU H 387 -77.82 -45.08 -42.65
C LEU H 387 -76.56 -44.41 -43.21
N SER I 88 -47.13 -72.99 -21.44
CA SER I 88 -48.52 -73.51 -21.62
C SER I 88 -49.07 -73.10 -23.00
N GLU I 89 -48.44 -73.60 -24.06
CA GLU I 89 -48.83 -73.34 -25.48
C GLU I 89 -48.70 -71.85 -25.82
N VAL I 90 -49.76 -71.06 -25.68
CA VAL I 90 -49.78 -69.62 -26.03
C VAL I 90 -50.00 -68.82 -24.74
N GLN I 91 -49.24 -67.74 -24.54
CA GLN I 91 -49.24 -67.00 -23.25
C GLN I 91 -49.48 -65.51 -23.49
N ILE I 92 -50.34 -64.92 -22.68
CA ILE I 92 -50.70 -63.47 -22.79
C ILE I 92 -50.19 -62.77 -21.53
N ARG I 93 -49.11 -62.01 -21.67
CA ARG I 93 -48.34 -61.47 -20.52
C ARG I 93 -48.79 -60.04 -20.22
N THR I 94 -49.28 -59.33 -21.22
CA THR I 94 -49.53 -57.87 -21.13
C THR I 94 -50.66 -57.62 -20.12
N PRO I 95 -50.56 -56.54 -19.32
CA PRO I 95 -51.65 -56.13 -18.45
C PRO I 95 -52.92 -55.74 -19.24
N ARG I 96 -54.04 -55.71 -18.54
CA ARG I 96 -55.34 -55.32 -19.13
C ARG I 96 -55.69 -53.92 -18.63
N VAL I 97 -55.16 -52.89 -19.31
CA VAL I 97 -55.38 -51.48 -18.92
C VAL I 97 -55.72 -50.67 -20.17
N ASN I 98 -56.56 -49.65 -19.98
CA ASN I 98 -57.07 -48.80 -21.08
C ASN I 98 -56.05 -47.71 -21.37
N CYS I 99 -54.94 -48.08 -22.01
CA CYS I 99 -53.94 -47.11 -22.49
C CYS I 99 -54.48 -46.41 -23.71
N PRO I 100 -54.07 -45.15 -23.97
CA PRO I 100 -54.41 -44.49 -25.22
C PRO I 100 -53.92 -45.30 -26.42
N GLU I 101 -54.71 -45.33 -27.49
CA GLU I 101 -54.39 -46.08 -28.72
C GLU I 101 -53.97 -45.13 -29.83
N LYS I 102 -52.94 -45.49 -30.58
CA LYS I 102 -52.62 -44.88 -31.90
C LYS I 102 -53.08 -45.86 -32.97
N VAL I 103 -54.20 -45.54 -33.62
CA VAL I 103 -54.87 -46.49 -34.55
C VAL I 103 -54.62 -46.04 -35.99
N ILE I 104 -53.86 -46.83 -36.75
CA ILE I 104 -53.60 -46.56 -38.18
C ILE I 104 -54.50 -47.47 -39.02
N ILE I 105 -55.41 -46.88 -39.78
CA ILE I 105 -56.40 -47.65 -40.58
C ILE I 105 -55.95 -47.62 -42.04
N CYS I 106 -55.71 -48.80 -42.61
CA CYS I 106 -55.21 -48.97 -44.00
C CYS I 106 -56.35 -49.48 -44.89
N LEU I 107 -56.57 -48.81 -46.01
CA LEU I 107 -57.63 -49.16 -46.98
C LEU I 107 -57.00 -49.61 -48.30
N ASP I 108 -57.41 -50.77 -48.80
CA ASP I 108 -57.02 -51.28 -50.14
C ASP I 108 -57.85 -50.56 -51.20
N LEU I 109 -57.19 -49.82 -52.09
CA LEU I 109 -57.83 -49.15 -53.25
C LEU I 109 -57.57 -49.97 -54.51
N SER I 110 -58.47 -50.89 -54.83
CA SER I 110 -58.39 -51.75 -56.04
C SER I 110 -59.66 -51.60 -56.87
N GLU I 111 -59.57 -51.85 -58.18
CA GLU I 111 -60.76 -51.92 -59.07
C GLU I 111 -61.76 -52.89 -58.46
N GLU I 112 -61.28 -53.93 -57.75
CA GLU I 112 -62.14 -54.96 -57.10
C GLU I 112 -62.97 -54.33 -56.00
N MET I 113 -62.56 -53.19 -55.46
CA MET I 113 -63.28 -52.53 -54.34
C MET I 113 -64.49 -51.76 -54.87
N SER I 114 -64.54 -51.44 -56.17
CA SER I 114 -65.66 -50.67 -56.76
C SER I 114 -66.84 -51.59 -57.10
N VAL I 115 -66.77 -52.87 -56.73
CA VAL I 115 -67.85 -53.85 -57.03
C VAL I 115 -69.05 -53.51 -56.14
N PRO I 116 -70.24 -53.25 -56.73
CA PRO I 116 -71.43 -52.97 -55.92
C PRO I 116 -72.20 -54.26 -55.56
N LYS I 117 -71.50 -55.35 -55.26
CA LYS I 117 -72.14 -56.69 -55.09
C LYS I 117 -72.56 -56.90 -53.63
N LEU I 118 -72.06 -56.09 -52.70
CA LEU I 118 -72.42 -56.19 -51.26
C LEU I 118 -73.91 -55.84 -51.11
N GLU I 119 -74.67 -56.72 -50.47
CA GLU I 119 -76.10 -56.47 -50.17
C GLU I 119 -76.20 -55.60 -48.91
N SER I 120 -77.03 -54.57 -48.96
CA SER I 120 -77.33 -53.68 -47.82
C SER I 120 -78.69 -54.03 -47.23
N PHE I 121 -78.83 -53.93 -45.91
CA PHE I 121 -80.10 -54.31 -45.22
C PHE I 121 -81.18 -53.26 -45.51
N ASN I 122 -80.82 -52.13 -46.13
CA ASN I 122 -81.81 -51.10 -46.54
C ASN I 122 -81.71 -50.90 -48.06
N GLY I 123 -82.79 -51.23 -48.76
CA GLY I 123 -82.79 -51.41 -50.22
C GLY I 123 -81.93 -52.60 -50.60
N SER I 124 -81.10 -52.47 -51.62
CA SER I 124 -80.21 -53.58 -52.07
C SER I 124 -78.96 -53.02 -52.73
N ARG I 125 -77.93 -53.85 -52.82
CA ARG I 125 -76.63 -53.51 -53.43
C ARG I 125 -75.97 -52.38 -52.66
N THR I 126 -74.64 -52.34 -52.71
CA THR I 126 -73.80 -51.25 -52.16
C THR I 126 -72.36 -51.55 -52.55
N ASN I 127 -71.52 -50.53 -52.49
CA ASN I 127 -70.11 -50.61 -52.93
C ASN I 127 -69.23 -50.89 -51.71
N ALA I 128 -68.15 -51.63 -51.92
CA ALA I 128 -67.22 -52.01 -50.82
C ALA I 128 -66.60 -50.74 -50.21
N LEU I 129 -66.26 -49.76 -51.04
CA LEU I 129 -65.55 -48.54 -50.57
C LEU I 129 -66.51 -47.66 -49.75
N ASN I 130 -67.75 -47.50 -50.18
CA ASN I 130 -68.73 -46.64 -49.47
C ASN I 130 -69.07 -47.30 -48.13
N VAL I 131 -69.23 -48.61 -48.13
CA VAL I 131 -69.48 -49.37 -46.86
C VAL I 131 -68.26 -49.17 -45.96
N SER I 132 -67.06 -49.21 -46.51
CA SER I 132 -65.81 -49.01 -45.74
C SER I 132 -65.77 -47.60 -45.16
N GLN I 133 -66.21 -46.59 -45.90
CA GLN I 133 -66.21 -45.19 -45.42
C GLN I 133 -67.19 -45.07 -44.24
N LYS I 134 -68.42 -45.55 -44.40
CA LYS I 134 -69.41 -45.51 -43.29
C LYS I 134 -68.82 -46.23 -42.07
N MET I 135 -68.21 -47.39 -42.30
CA MET I 135 -67.68 -48.27 -41.24
C MET I 135 -66.56 -47.53 -40.48
N VAL I 136 -65.63 -46.92 -41.20
CA VAL I 136 -64.45 -46.25 -40.58
C VAL I 136 -64.93 -45.00 -39.84
N GLU I 137 -65.85 -44.25 -40.43
CA GLU I 137 -66.39 -43.04 -39.78
C GLU I 137 -67.05 -43.48 -38.46
N MET I 138 -67.86 -44.53 -38.49
CA MET I 138 -68.55 -45.01 -37.26
C MET I 138 -67.51 -45.44 -36.23
N PHE I 139 -66.50 -46.21 -36.66
CA PHE I 139 -65.42 -46.69 -35.76
C PHE I 139 -64.77 -45.49 -35.06
N VAL I 140 -64.39 -44.47 -35.83
CA VAL I 140 -63.63 -43.32 -35.28
C VAL I 140 -64.56 -42.51 -34.36
N ARG I 141 -65.77 -42.20 -34.81
CA ARG I 141 -66.73 -41.41 -33.99
C ARG I 141 -66.94 -42.13 -32.65
N THR I 142 -67.01 -43.46 -32.66
CA THR I 142 -67.28 -44.25 -31.43
C THR I 142 -66.05 -44.22 -30.54
N LYS I 143 -64.88 -44.52 -31.09
CA LYS I 143 -63.63 -44.58 -30.30
C LYS I 143 -63.35 -43.23 -29.65
N HIS I 144 -63.67 -42.14 -30.32
CA HIS I 144 -63.37 -40.78 -29.79
C HIS I 144 -64.21 -40.51 -28.54
N LYS I 145 -65.47 -40.94 -28.51
CA LYS I 145 -66.37 -40.72 -27.35
C LYS I 145 -65.87 -41.50 -26.14
N ILE I 146 -64.94 -42.43 -26.31
CA ILE I 146 -64.40 -43.25 -25.19
C ILE I 146 -63.02 -42.73 -24.83
N ASP I 147 -62.91 -42.07 -23.67
CA ASP I 147 -61.61 -41.62 -23.11
C ASP I 147 -61.09 -40.37 -23.84
N LYS I 148 -61.32 -40.26 -25.15
CA LYS I 148 -61.02 -39.04 -25.94
C LYS I 148 -59.54 -39.03 -26.30
N SER I 149 -58.67 -39.52 -25.41
CA SER I 149 -57.20 -39.44 -25.56
C SER I 149 -56.71 -40.21 -26.80
N HIS I 150 -57.59 -40.97 -27.47
CA HIS I 150 -57.18 -41.85 -28.58
C HIS I 150 -56.72 -41.01 -29.77
N GLU I 151 -55.80 -41.55 -30.55
CA GLU I 151 -55.25 -40.89 -31.75
C GLU I 151 -55.48 -41.80 -32.97
N PHE I 152 -55.70 -41.19 -34.12
CA PHE I 152 -56.15 -41.91 -35.32
C PHE I 152 -55.28 -41.52 -36.52
N ALA I 153 -55.26 -42.38 -37.54
CA ALA I 153 -54.50 -42.16 -38.77
C ALA I 153 -55.13 -42.92 -39.93
N LEU I 154 -54.98 -42.39 -41.13
CA LEU I 154 -55.59 -42.92 -42.36
C LEU I 154 -54.48 -43.18 -43.39
N VAL I 155 -54.48 -44.39 -43.94
CA VAL I 155 -53.48 -44.80 -44.96
C VAL I 155 -54.20 -45.56 -46.07
N VAL I 156 -53.76 -45.35 -47.30
CA VAL I 156 -54.31 -46.07 -48.47
C VAL I 156 -53.22 -46.92 -49.08
N VAL I 157 -53.61 -47.98 -49.77
CA VAL I 157 -52.67 -48.96 -50.36
C VAL I 157 -52.94 -49.05 -51.85
N ASN I 158 -51.91 -48.89 -52.67
CA ASN I 158 -51.99 -49.03 -54.14
C ASN I 158 -50.73 -49.78 -54.59
N ASP I 159 -49.93 -49.20 -55.49
CA ASP I 159 -48.56 -49.70 -55.78
C ASP I 159 -47.73 -49.63 -54.49
N ASP I 160 -47.97 -48.63 -53.65
CA ASP I 160 -47.30 -48.48 -52.35
C ASP I 160 -48.25 -47.80 -51.36
N SER I 161 -48.01 -47.96 -50.06
CA SER I 161 -48.75 -47.24 -49.00
C SER I 161 -48.70 -45.72 -49.24
N ALA I 162 -49.68 -45.00 -48.72
CA ALA I 162 -49.75 -43.54 -48.84
C ALA I 162 -50.49 -42.96 -47.64
N TRP I 163 -49.90 -41.94 -47.02
CA TRP I 163 -50.37 -41.37 -45.73
C TRP I 163 -51.30 -40.20 -46.03
N LEU I 164 -52.52 -40.21 -45.49
CA LEU I 164 -53.50 -39.13 -45.75
C LEU I 164 -53.51 -38.14 -44.58
N SER I 165 -53.88 -38.59 -43.39
CA SER I 165 -53.88 -37.78 -42.14
C SER I 165 -53.70 -38.72 -40.95
N GLY I 166 -52.83 -38.38 -40.01
CA GLY I 166 -52.56 -39.33 -38.92
C GLY I 166 -52.01 -38.73 -37.65
N LEU I 167 -52.10 -39.52 -36.58
CA LEU I 167 -51.66 -39.17 -35.21
C LEU I 167 -52.38 -37.88 -34.79
N THR I 168 -53.68 -37.86 -35.01
CA THR I 168 -54.58 -36.75 -34.61
C THR I 168 -55.65 -37.28 -33.66
N SER I 169 -55.96 -36.50 -32.64
CA SER I 169 -57.03 -36.81 -31.67
C SER I 169 -58.37 -36.28 -32.19
N ASP I 170 -58.38 -35.36 -33.15
CA ASP I 170 -59.63 -34.81 -33.73
C ASP I 170 -60.01 -35.66 -34.95
N PRO I 171 -61.17 -36.33 -34.97
CA PRO I 171 -61.51 -37.19 -36.09
C PRO I 171 -61.87 -36.46 -37.39
N ARG I 172 -62.25 -35.19 -37.30
CA ARG I 172 -62.77 -34.45 -38.48
C ARG I 172 -61.74 -34.52 -39.61
N GLU I 173 -60.48 -34.24 -39.31
CA GLU I 173 -59.36 -34.29 -40.29
C GLU I 173 -59.47 -35.58 -41.12
N LEU I 174 -59.62 -36.73 -40.45
CA LEU I 174 -59.64 -38.06 -41.12
C LEU I 174 -60.79 -38.06 -42.12
N CYS I 175 -61.99 -37.68 -41.68
CA CYS I 175 -63.19 -37.68 -42.55
C CYS I 175 -62.94 -36.78 -43.76
N SER I 176 -62.24 -35.65 -43.58
CA SER I 176 -61.92 -34.73 -44.69
C SER I 176 -61.16 -35.50 -45.79
N CYS I 177 -60.20 -36.34 -45.41
CA CYS I 177 -59.40 -37.13 -46.38
C CYS I 177 -60.16 -38.39 -46.80
N LEU I 178 -61.19 -38.80 -46.06
CA LEU I 178 -61.82 -40.13 -46.27
C LEU I 178 -62.77 -40.05 -47.47
N TYR I 179 -63.59 -39.02 -47.55
CA TYR I 179 -64.63 -38.86 -48.61
C TYR I 179 -64.00 -38.20 -49.83
N ASP I 180 -62.98 -38.86 -50.38
CA ASP I 180 -62.29 -38.40 -51.61
C ASP I 180 -61.30 -39.47 -52.06
N LEU I 181 -61.81 -40.61 -52.54
CA LEU I 181 -60.95 -41.78 -52.87
C LEU I 181 -61.31 -42.34 -54.25
N GLU I 182 -60.30 -42.76 -54.98
CA GLU I 182 -60.43 -43.44 -56.30
C GLU I 182 -59.82 -44.84 -56.14
N THR I 183 -60.33 -45.81 -56.88
CA THR I 183 -60.02 -47.25 -56.66
C THR I 183 -59.39 -47.88 -57.90
N ALA I 184 -58.80 -47.10 -58.79
CA ALA I 184 -58.08 -47.63 -59.99
C ALA I 184 -56.89 -48.47 -59.53
N SER I 185 -56.79 -49.71 -59.99
CA SER I 185 -55.68 -50.63 -59.65
C SER I 185 -54.75 -50.79 -60.85
N CYS I 186 -53.54 -50.26 -60.75
CA CYS I 186 -52.54 -50.27 -61.84
C CYS I 186 -51.30 -51.08 -61.43
N SER I 187 -51.30 -51.67 -60.24
CA SER I 187 -50.17 -52.47 -59.72
C SER I 187 -50.62 -53.28 -58.51
N THR I 188 -49.75 -54.18 -58.06
CA THR I 188 -49.96 -55.03 -56.86
C THR I 188 -49.64 -54.23 -55.61
N PHE I 189 -49.81 -54.83 -54.43
CA PHE I 189 -49.73 -54.13 -53.13
C PHE I 189 -48.54 -54.65 -52.33
N ASN I 190 -47.71 -53.72 -51.86
CA ASN I 190 -46.40 -54.04 -51.24
C ASN I 190 -46.51 -53.89 -49.72
N LEU I 191 -46.32 -54.97 -48.97
CA LEU I 191 -46.33 -54.98 -47.48
C LEU I 191 -45.07 -54.29 -46.96
N GLU I 192 -43.94 -54.45 -47.66
CA GLU I 192 -42.64 -53.88 -47.24
C GLU I 192 -42.83 -52.36 -47.05
N GLY I 193 -43.41 -51.69 -48.04
CA GLY I 193 -43.65 -50.23 -48.01
C GLY I 193 -44.54 -49.83 -46.85
N LEU I 194 -45.58 -50.60 -46.56
CA LEU I 194 -46.52 -50.30 -45.46
C LEU I 194 -45.77 -50.37 -44.14
N PHE I 195 -45.02 -51.45 -43.91
CA PHE I 195 -44.25 -51.62 -42.66
C PHE I 195 -43.24 -50.49 -42.51
N SER I 196 -42.58 -50.12 -43.61
CA SER I 196 -41.57 -49.03 -43.60
C SER I 196 -42.24 -47.71 -43.22
N LEU I 197 -43.39 -47.40 -43.83
CA LEU I 197 -44.08 -46.10 -43.60
C LEU I 197 -44.54 -46.06 -42.15
N ILE I 198 -45.17 -47.13 -41.67
CA ILE I 198 -45.68 -47.19 -40.28
C ILE I 198 -44.50 -47.00 -39.32
N GLN I 199 -43.36 -47.66 -39.58
CA GLN I 199 -42.18 -47.53 -38.69
C GLN I 199 -41.65 -46.09 -38.72
N GLN I 200 -41.69 -45.46 -39.90
CA GLN I 200 -41.09 -44.11 -40.09
C GLN I 200 -41.99 -43.04 -39.48
N LYS I 201 -43.30 -43.29 -39.37
CA LYS I 201 -44.24 -42.24 -38.90
C LYS I 201 -44.45 -42.29 -37.38
N THR I 202 -44.18 -43.43 -36.74
CA THR I 202 -44.31 -43.55 -35.26
C THR I 202 -43.37 -44.63 -34.76
N GLU I 203 -42.86 -44.43 -33.55
CA GLU I 203 -41.92 -45.35 -32.88
C GLU I 203 -42.68 -46.18 -31.85
N LEU I 204 -42.16 -47.36 -31.54
CA LEU I 204 -42.81 -48.26 -30.55
C LEU I 204 -42.26 -47.92 -29.17
N PRO I 205 -43.10 -47.98 -28.11
CA PRO I 205 -42.63 -47.73 -26.76
C PRO I 205 -42.01 -48.96 -26.09
N VAL I 206 -41.38 -48.73 -24.94
CA VAL I 206 -40.78 -49.80 -24.08
C VAL I 206 -40.90 -49.35 -22.63
N THR I 207 -40.96 -50.31 -21.71
CA THR I 207 -41.02 -50.02 -20.25
C THR I 207 -40.11 -51.00 -19.52
N GLU I 208 -39.67 -50.59 -18.32
CA GLU I 208 -38.78 -51.39 -17.46
C GLU I 208 -39.43 -52.75 -17.17
N ASN I 209 -40.76 -52.83 -17.15
CA ASN I 209 -41.47 -54.09 -16.78
C ASN I 209 -42.76 -54.17 -17.62
N VAL I 210 -42.80 -55.09 -18.57
CA VAL I 210 -43.92 -55.18 -19.56
C VAL I 210 -45.07 -56.01 -19.00
N GLN I 211 -44.88 -56.70 -17.88
CA GLN I 211 -45.92 -57.65 -17.36
C GLN I 211 -46.80 -56.95 -16.33
N THR I 212 -46.43 -55.78 -15.83
CA THR I 212 -47.19 -55.11 -14.74
C THR I 212 -47.33 -53.62 -15.02
N ILE I 213 -46.26 -52.97 -15.47
CA ILE I 213 -46.26 -51.51 -15.78
C ILE I 213 -47.04 -51.30 -17.07
N PRO I 214 -48.17 -50.57 -17.05
CA PRO I 214 -48.91 -50.31 -18.28
C PRO I 214 -48.15 -49.31 -19.15
N PRO I 215 -48.10 -49.53 -20.48
CA PRO I 215 -47.34 -48.65 -21.37
C PRO I 215 -48.00 -47.28 -21.49
N PRO I 216 -47.26 -46.25 -21.97
CA PRO I 216 -47.84 -44.92 -22.10
C PRO I 216 -48.91 -44.87 -23.20
N TYR I 217 -48.76 -45.69 -24.22
CA TYR I 217 -49.73 -45.84 -25.33
C TYR I 217 -49.52 -47.19 -26.00
N VAL I 218 -50.50 -47.60 -26.80
CA VAL I 218 -50.45 -48.87 -27.56
C VAL I 218 -50.65 -48.55 -29.03
N VAL I 219 -49.86 -49.16 -29.90
CA VAL I 219 -49.90 -48.92 -31.36
C VAL I 219 -50.61 -50.10 -32.03
N ARG I 220 -51.62 -49.82 -32.83
CA ARG I 220 -52.36 -50.88 -33.56
C ARG I 220 -52.68 -50.38 -34.97
N THR I 221 -52.69 -51.31 -35.93
CA THR I 221 -52.95 -51.00 -37.35
C THR I 221 -54.03 -51.94 -37.86
N ILE I 222 -55.09 -51.38 -38.43
CA ILE I 222 -56.18 -52.15 -39.10
C ILE I 222 -55.91 -52.13 -40.60
N LEU I 223 -56.00 -53.28 -41.23
CA LEU I 223 -55.81 -53.42 -42.70
C LEU I 223 -57.06 -54.05 -43.30
N VAL I 224 -57.76 -53.30 -44.14
CA VAL I 224 -58.92 -53.80 -44.92
C VAL I 224 -58.42 -54.09 -46.33
N TYR I 225 -58.28 -55.36 -46.69
CA TYR I 225 -57.64 -55.74 -47.97
C TYR I 225 -58.48 -56.79 -48.68
N SER I 226 -58.31 -56.89 -49.99
CA SER I 226 -59.12 -57.77 -50.85
C SER I 226 -58.29 -58.44 -51.94
N ARG I 227 -57.35 -57.72 -52.56
CA ARG I 227 -56.53 -58.26 -53.66
C ARG I 227 -55.62 -59.36 -53.11
N PRO I 228 -55.19 -60.32 -53.96
CA PRO I 228 -54.28 -61.37 -53.49
C PRO I 228 -52.91 -60.78 -53.14
N PRO I 229 -52.22 -61.29 -52.09
CA PRO I 229 -50.82 -60.95 -51.85
C PRO I 229 -49.76 -61.59 -52.78
N CYS I 230 -50.17 -62.49 -53.68
CA CYS I 230 -49.30 -63.24 -54.62
C CYS I 230 -48.50 -64.33 -53.88
N GLN I 231 -48.88 -64.66 -52.65
CA GLN I 231 -48.25 -65.71 -51.79
C GLN I 231 -46.87 -65.26 -51.30
N PRO I 232 -45.71 -65.66 -51.89
CA PRO I 232 -44.45 -65.67 -51.14
C PRO I 232 -44.03 -64.29 -50.60
N GLN I 233 -43.42 -63.44 -51.44
CA GLN I 233 -42.86 -62.13 -51.02
C GLN I 233 -41.81 -62.32 -49.91
N PHE I 234 -41.08 -63.45 -49.88
CA PHE I 234 -40.01 -63.72 -48.89
C PHE I 234 -40.58 -63.69 -47.46
N SER I 235 -39.71 -63.84 -46.46
CA SER I 235 -40.13 -63.94 -45.04
C SER I 235 -39.70 -62.68 -44.28
N LEU I 236 -39.96 -61.51 -44.87
CA LEU I 236 -39.79 -60.17 -44.22
C LEU I 236 -38.35 -59.97 -43.76
N THR I 237 -38.08 -59.04 -42.85
CA THR I 237 -36.70 -58.71 -42.40
C THR I 237 -36.66 -58.68 -40.87
N GLU I 238 -35.47 -58.54 -40.30
CA GLU I 238 -35.24 -58.46 -38.85
C GLU I 238 -35.97 -57.25 -38.25
N PRO I 239 -35.85 -56.02 -38.79
CA PRO I 239 -36.58 -54.88 -38.23
C PRO I 239 -38.11 -55.08 -38.24
N MET I 240 -38.66 -55.71 -39.27
CA MET I 240 -40.13 -55.95 -39.34
C MET I 240 -40.53 -56.99 -38.30
N LYS I 241 -39.73 -58.06 -38.15
CA LYS I 241 -40.00 -59.10 -37.12
C LYS I 241 -39.91 -58.47 -35.73
N LYS I 242 -39.02 -57.50 -35.54
CA LYS I 242 -38.85 -56.78 -34.25
C LYS I 242 -40.06 -55.88 -34.04
N MET I 243 -40.56 -55.23 -35.10
CA MET I 243 -41.81 -54.44 -35.04
C MET I 243 -42.92 -55.36 -34.50
N PHE I 244 -43.11 -56.53 -35.11
CA PHE I 244 -44.16 -57.48 -34.69
C PHE I 244 -43.81 -58.05 -33.30
N GLN I 245 -42.52 -58.24 -33.02
CA GLN I 245 -42.08 -58.86 -31.74
C GLN I 245 -42.52 -58.00 -30.54
N CYS I 246 -42.71 -56.69 -30.74
CA CYS I 246 -43.09 -55.76 -29.64
C CYS I 246 -44.47 -56.16 -29.10
N PRO I 247 -44.64 -56.28 -27.77
CA PRO I 247 -45.92 -56.65 -27.19
C PRO I 247 -46.95 -55.50 -27.20
N TYR I 248 -46.52 -54.27 -27.46
CA TYR I 248 -47.40 -53.09 -27.49
C TYR I 248 -47.85 -52.75 -28.90
N PHE I 249 -47.47 -53.58 -29.89
CA PHE I 249 -47.83 -53.36 -31.31
C PHE I 249 -48.82 -54.44 -31.74
N PHE I 250 -49.90 -54.03 -32.39
CA PHE I 250 -50.99 -54.95 -32.80
C PHE I 250 -51.31 -54.74 -34.27
N PHE I 251 -51.59 -55.84 -34.97
CA PHE I 251 -51.91 -55.83 -36.42
C PHE I 251 -53.21 -56.60 -36.63
N ASP I 252 -54.28 -55.88 -36.94
CA ASP I 252 -55.61 -56.48 -37.20
C ASP I 252 -55.90 -56.42 -38.69
N ILE I 253 -56.58 -57.44 -39.18
CA ILE I 253 -56.75 -57.64 -40.63
C ILE I 253 -58.18 -58.09 -40.91
N VAL I 254 -58.75 -57.54 -41.99
CA VAL I 254 -59.99 -58.07 -42.59
C VAL I 254 -59.72 -58.33 -44.07
N TYR I 255 -59.99 -59.55 -44.51
CA TYR I 255 -59.70 -60.01 -45.89
C TYR I 255 -61.02 -60.28 -46.59
N ILE I 256 -61.24 -59.60 -47.72
CA ILE I 256 -62.45 -59.83 -48.55
C ILE I 256 -62.05 -60.70 -49.75
N HIS I 257 -62.57 -61.93 -49.82
CA HIS I 257 -62.07 -62.97 -50.75
C HIS I 257 -63.22 -63.76 -51.33
N ASN I 258 -62.94 -64.57 -52.34
CA ASN I 258 -63.92 -65.45 -53.02
C ASN I 258 -63.62 -66.93 -52.71
N GLY I 259 -62.81 -67.21 -51.68
CA GLY I 259 -62.42 -68.59 -51.35
C GLY I 259 -63.61 -69.43 -50.91
N THR I 260 -64.55 -68.83 -50.17
CA THR I 260 -65.73 -69.56 -49.63
C THR I 260 -66.93 -69.44 -50.59
N GLU I 261 -66.87 -68.54 -51.58
CA GLU I 261 -67.95 -68.42 -52.60
C GLU I 261 -67.66 -69.37 -53.77
N GLU I 262 -66.50 -69.24 -54.39
CA GLU I 262 -66.15 -70.02 -55.61
C GLU I 262 -65.84 -71.46 -55.19
N LYS I 263 -65.06 -71.62 -54.11
CA LYS I 263 -64.39 -72.89 -53.74
C LYS I 263 -63.46 -73.34 -54.87
N GLU I 264 -63.11 -72.43 -55.77
CA GLU I 264 -62.10 -72.66 -56.84
C GLU I 264 -60.83 -71.89 -56.47
N GLU I 265 -59.68 -72.54 -56.57
CA GLU I 265 -58.38 -72.04 -56.03
C GLU I 265 -58.53 -71.80 -54.52
N ASP I 266 -59.43 -72.52 -53.86
CA ASP I 266 -59.75 -72.33 -52.41
C ASP I 266 -58.50 -72.62 -51.57
N MET I 267 -57.64 -73.53 -52.06
CA MET I 267 -56.32 -73.84 -51.47
C MET I 267 -55.51 -72.53 -51.40
N SER I 268 -55.42 -71.77 -52.50
CA SER I 268 -54.62 -70.52 -52.56
C SER I 268 -55.26 -69.46 -51.65
N TRP I 269 -56.59 -69.35 -51.63
CA TRP I 269 -57.28 -68.33 -50.79
C TRP I 269 -56.98 -68.62 -49.31
N LYS I 270 -57.17 -69.87 -48.90
CA LYS I 270 -56.95 -70.28 -47.49
C LYS I 270 -55.46 -70.14 -47.17
N ASP I 271 -54.58 -70.47 -48.10
CA ASP I 271 -53.12 -70.36 -47.87
C ASP I 271 -52.73 -68.90 -47.68
N MET I 272 -53.33 -67.97 -48.42
CA MET I 272 -52.98 -66.54 -48.31
C MET I 272 -53.54 -65.99 -46.98
N PHE I 273 -54.72 -66.41 -46.57
CA PHE I 273 -55.27 -66.05 -45.24
C PHE I 273 -54.35 -66.61 -44.15
N ALA I 274 -53.83 -67.82 -44.33
CA ALA I 274 -52.93 -68.47 -43.35
C ALA I 274 -51.58 -67.74 -43.36
N PHE I 275 -51.15 -67.17 -44.50
CA PHE I 275 -49.93 -66.35 -44.59
C PHE I 275 -50.08 -65.13 -43.68
N MET I 276 -51.28 -64.55 -43.64
CA MET I 276 -51.55 -63.41 -42.71
C MET I 276 -51.66 -63.95 -41.28
N GLY I 277 -52.16 -65.20 -41.13
CA GLY I 277 -52.38 -65.85 -39.83
C GLY I 277 -51.11 -66.47 -39.24
N SER I 278 -49.97 -66.38 -39.91
CA SER I 278 -48.68 -66.93 -39.43
C SER I 278 -47.80 -65.80 -38.88
N LEU I 279 -48.31 -64.56 -38.85
CA LEU I 279 -47.57 -63.40 -38.28
C LEU I 279 -48.17 -63.04 -36.92
N ASP I 280 -49.48 -63.26 -36.74
CA ASP I 280 -50.19 -62.97 -35.47
C ASP I 280 -49.55 -63.72 -34.30
N THR I 281 -48.84 -64.83 -34.57
CA THR I 281 -48.29 -65.74 -33.51
C THR I 281 -47.33 -64.97 -32.60
N LYS I 282 -46.96 -63.73 -32.96
CA LYS I 282 -46.23 -62.81 -32.05
C LYS I 282 -47.25 -62.21 -31.08
N GLY I 283 -47.48 -62.87 -29.96
CA GLY I 283 -48.58 -62.57 -29.02
C GLY I 283 -49.90 -62.97 -29.64
N ALA I 284 -50.87 -62.05 -29.73
CA ALA I 284 -52.17 -62.30 -30.38
C ALA I 284 -52.65 -61.03 -31.07
N SER I 285 -53.67 -61.21 -31.90
CA SER I 285 -54.22 -60.20 -32.84
C SER I 285 -55.51 -60.75 -33.43
N TYR I 286 -56.32 -59.89 -34.05
CA TYR I 286 -57.64 -60.26 -34.59
C TYR I 286 -57.57 -60.37 -36.11
N LYS I 287 -58.28 -61.35 -36.65
CA LYS I 287 -58.33 -61.62 -38.11
C LYS I 287 -59.78 -61.89 -38.50
N TYR I 288 -60.17 -61.42 -39.68
CA TYR I 288 -61.56 -61.59 -40.17
C TYR I 288 -61.56 -61.86 -41.66
N GLU I 289 -62.57 -62.61 -42.09
CA GLU I 289 -62.76 -63.04 -43.49
C GLU I 289 -64.20 -62.74 -43.91
N VAL I 290 -64.36 -62.15 -45.09
CA VAL I 290 -65.70 -61.79 -45.60
C VAL I 290 -65.80 -62.11 -47.09
N ALA I 291 -66.96 -62.57 -47.51
CA ALA I 291 -67.26 -62.86 -48.93
C ALA I 291 -67.82 -61.60 -49.59
N LEU I 292 -67.61 -61.45 -50.89
CA LEU I 292 -68.08 -60.27 -51.66
C LEU I 292 -69.62 -60.25 -51.74
N ALA I 293 -70.30 -61.34 -51.37
CA ALA I 293 -71.77 -61.40 -51.32
C ALA I 293 -72.30 -60.60 -50.13
N GLY I 294 -71.45 -60.37 -49.12
CA GLY I 294 -71.84 -59.65 -47.88
C GLY I 294 -72.82 -60.50 -47.07
N PRO I 295 -73.96 -59.94 -46.62
CA PRO I 295 -74.34 -58.54 -46.85
C PRO I 295 -73.35 -57.53 -46.23
N ALA I 296 -73.58 -56.23 -46.40
CA ALA I 296 -72.75 -55.16 -45.81
C ALA I 296 -72.75 -55.29 -44.28
N LEU I 297 -73.83 -55.83 -43.71
CA LEU I 297 -73.97 -56.04 -42.25
C LEU I 297 -72.71 -56.73 -41.71
N GLU I 298 -72.32 -57.85 -42.32
CA GLU I 298 -71.19 -58.68 -41.84
C GLU I 298 -69.91 -57.83 -41.77
N LEU I 299 -69.81 -56.77 -42.56
CA LEU I 299 -68.61 -55.88 -42.50
C LEU I 299 -68.73 -54.94 -41.31
N HIS I 300 -69.87 -54.27 -41.13
CA HIS I 300 -70.11 -53.43 -39.92
C HIS I 300 -69.93 -54.31 -38.68
N ASN I 301 -70.68 -55.41 -38.60
CA ASN I 301 -70.57 -56.40 -37.49
C ASN I 301 -69.10 -56.79 -37.31
N CYS I 302 -68.28 -56.70 -38.36
CA CYS I 302 -66.84 -57.01 -38.26
C CYS I 302 -66.11 -55.83 -37.60
N MET I 303 -66.26 -54.62 -38.12
CA MET I 303 -65.52 -53.43 -37.62
C MET I 303 -65.82 -53.24 -36.13
N ALA I 304 -67.07 -53.44 -35.71
CA ALA I 304 -67.46 -53.33 -34.28
C ALA I 304 -66.52 -54.20 -33.43
N LYS I 305 -66.22 -55.42 -33.86
CA LYS I 305 -65.40 -56.36 -33.06
C LYS I 305 -63.98 -55.81 -32.89
N LEU I 306 -63.53 -54.94 -33.79
CA LEU I 306 -62.16 -54.36 -33.71
C LEU I 306 -62.15 -53.16 -32.77
N LEU I 307 -63.29 -52.72 -32.25
CA LEU I 307 -63.32 -51.57 -31.28
C LEU I 307 -62.57 -51.97 -30.01
N ALA I 308 -62.62 -53.25 -29.62
CA ALA I 308 -62.11 -53.70 -28.32
C ALA I 308 -60.66 -53.23 -28.15
N HIS I 309 -60.32 -52.73 -26.98
CA HIS I 309 -58.93 -52.31 -26.64
C HIS I 309 -58.03 -53.53 -26.64
N PRO I 310 -56.88 -53.52 -27.34
CA PRO I 310 -56.08 -54.72 -27.50
C PRO I 310 -55.56 -55.29 -26.17
N LEU I 311 -55.37 -54.45 -25.14
CA LEU I 311 -54.87 -54.95 -23.83
C LEU I 311 -56.02 -55.50 -22.99
N GLN I 312 -57.23 -54.98 -23.18
CA GLN I 312 -58.42 -55.43 -22.42
C GLN I 312 -59.23 -56.45 -23.24
N ARG I 313 -58.93 -56.56 -24.54
CA ARG I 313 -59.65 -57.45 -25.48
C ARG I 313 -59.22 -58.90 -25.22
N PRO I 314 -60.16 -59.82 -24.95
CA PRO I 314 -59.80 -61.23 -24.82
C PRO I 314 -59.26 -61.79 -26.15
N CYS I 315 -58.78 -63.03 -26.12
CA CYS I 315 -58.28 -63.72 -27.33
C CYS I 315 -59.45 -63.88 -28.31
N GLN I 316 -59.17 -63.80 -29.61
CA GLN I 316 -60.24 -63.76 -30.65
C GLN I 316 -61.17 -64.97 -30.48
N THR I 317 -60.59 -66.14 -30.23
CA THR I 317 -61.33 -67.42 -30.18
C THR I 317 -62.28 -67.44 -28.98
N HIS I 318 -62.06 -66.60 -27.96
CA HIS I 318 -62.90 -66.58 -26.74
C HIS I 318 -64.01 -65.54 -26.85
N ALA I 319 -63.90 -64.59 -27.78
CA ALA I 319 -64.81 -63.42 -27.84
C ALA I 319 -66.17 -63.85 -28.44
N SER I 320 -67.25 -63.65 -27.69
CA SER I 320 -68.64 -63.88 -28.17
C SER I 320 -69.53 -62.72 -27.71
N TYR I 321 -70.51 -62.33 -28.53
CA TYR I 321 -71.30 -61.10 -28.32
C TYR I 321 -72.79 -61.39 -28.15
N SER I 322 -73.27 -62.60 -28.44
CA SER I 322 -74.72 -62.93 -28.38
C SER I 322 -75.07 -63.29 -26.92
N LEU I 323 -74.79 -62.36 -26.00
CA LEU I 323 -75.05 -62.53 -24.54
C LEU I 323 -76.54 -62.25 -24.25
N LEU I 324 -77.46 -62.63 -25.12
CA LEU I 324 -78.92 -62.55 -24.84
C LEU I 324 -79.58 -63.86 -25.28
N GLU I 325 -78.80 -64.93 -25.46
CA GLU I 325 -79.29 -66.25 -25.95
C GLU I 325 -80.11 -66.05 -27.24
N GLY J 2 -54.90 -77.20 -27.97
CA GLY J 2 -53.87 -76.26 -27.42
C GLY J 2 -54.48 -75.29 -26.41
N GLY J 3 -53.78 -75.07 -25.28
CA GLY J 3 -54.22 -74.15 -24.21
C GLY J 3 -53.70 -72.74 -24.42
N ARG J 4 -54.45 -71.73 -23.99
CA ARG J 4 -54.05 -70.31 -24.00
C ARG J 4 -53.95 -69.83 -22.55
N HIS J 5 -52.83 -69.20 -22.20
CA HIS J 5 -52.47 -68.84 -20.80
C HIS J 5 -52.59 -67.32 -20.63
N TYR J 6 -53.26 -66.91 -19.56
CA TYR J 6 -53.42 -65.50 -19.16
C TYR J 6 -52.60 -65.27 -17.89
N TYR J 7 -51.60 -64.41 -17.96
CA TYR J 7 -50.74 -64.06 -16.81
C TYR J 7 -51.61 -63.51 -15.67
N TRP J 8 -52.62 -62.71 -15.99
CA TRP J 8 -53.47 -62.04 -14.97
C TRP J 8 -54.81 -62.76 -14.81
N GLY J 9 -54.89 -64.03 -15.19
CA GLY J 9 -56.17 -64.77 -15.22
C GLY J 9 -57.04 -64.41 -16.42
N ILE J 10 -57.99 -65.27 -16.73
CA ILE J 10 -58.91 -65.05 -17.89
C ILE J 10 -59.92 -63.97 -17.48
N PRO J 11 -60.20 -62.99 -18.36
CA PRO J 11 -61.08 -61.86 -18.00
C PRO J 11 -62.59 -62.08 -18.19
N PHE J 12 -63.04 -63.33 -18.20
CA PHE J 12 -64.48 -63.64 -18.36
C PHE J 12 -64.79 -64.94 -17.63
N CYS J 13 -66.08 -65.17 -17.40
CA CYS J 13 -66.58 -66.42 -16.78
C CYS J 13 -66.51 -67.53 -17.83
N PRO J 14 -65.65 -68.56 -17.65
CA PRO J 14 -65.54 -69.62 -18.64
C PRO J 14 -66.74 -70.58 -18.58
N ALA J 15 -66.76 -71.56 -19.49
CA ALA J 15 -67.83 -72.57 -19.58
C ALA J 15 -67.83 -73.44 -18.32
N GLY J 16 -69.02 -73.73 -17.81
CA GLY J 16 -69.26 -74.65 -16.68
C GLY J 16 -69.04 -73.99 -15.33
N VAL J 17 -68.91 -72.66 -15.29
CA VAL J 17 -68.73 -71.93 -14.00
C VAL J 17 -69.89 -70.95 -13.83
N ASP J 18 -70.36 -70.80 -12.60
CA ASP J 18 -71.41 -69.82 -12.26
C ASP J 18 -70.79 -68.43 -12.24
N PRO J 19 -71.20 -67.50 -13.13
CA PRO J 19 -70.63 -66.16 -13.13
C PRO J 19 -70.90 -65.38 -11.82
N ASN J 20 -72.02 -65.67 -11.16
CA ASN J 20 -72.36 -65.02 -9.86
C ASN J 20 -71.23 -65.26 -8.85
N GLN J 21 -70.55 -66.40 -8.94
CA GLN J 21 -69.44 -66.74 -8.00
C GLN J 21 -68.09 -66.35 -8.60
N TYR J 22 -67.98 -66.21 -9.92
CA TYR J 22 -66.74 -65.77 -10.59
C TYR J 22 -66.60 -64.24 -10.50
N THR J 23 -67.67 -63.52 -10.18
CA THR J 23 -67.60 -62.05 -9.96
C THR J 23 -66.48 -61.77 -8.95
N ASN J 24 -66.47 -62.51 -7.86
CA ASN J 24 -65.48 -62.32 -6.77
C ASN J 24 -64.10 -62.72 -7.29
N VAL J 25 -64.02 -63.71 -8.18
CA VAL J 25 -62.71 -64.16 -8.74
C VAL J 25 -62.11 -63.00 -9.53
N ILE J 26 -62.90 -62.37 -10.36
CA ILE J 26 -62.36 -61.27 -11.20
C ILE J 26 -62.10 -60.04 -10.31
N LEU J 27 -62.89 -59.85 -9.25
CA LEU J 27 -62.59 -58.81 -8.23
C LEU J 27 -61.18 -59.08 -7.66
N CYS J 28 -60.87 -60.32 -7.34
CA CYS J 28 -59.55 -60.73 -6.79
C CYS J 28 -58.48 -60.43 -7.85
N GLN J 29 -58.77 -60.70 -9.12
CA GLN J 29 -57.82 -60.36 -10.22
C GLN J 29 -57.50 -58.87 -10.14
N LEU J 30 -58.53 -58.03 -10.06
CA LEU J 30 -58.35 -56.56 -10.08
C LEU J 30 -57.58 -56.11 -8.82
N GLU J 31 -57.91 -56.65 -7.65
CA GLU J 31 -57.25 -56.28 -6.37
C GLU J 31 -55.76 -56.65 -6.46
N VAL J 32 -55.47 -57.84 -6.98
CA VAL J 32 -54.08 -58.33 -7.12
C VAL J 32 -53.33 -57.41 -8.07
N TYR J 33 -53.97 -56.99 -9.17
CA TYR J 33 -53.30 -56.07 -10.13
C TYR J 33 -53.01 -54.74 -9.42
N GLN J 34 -53.98 -54.19 -8.70
CA GLN J 34 -53.80 -52.90 -7.98
C GLN J 34 -52.56 -53.02 -7.09
N LYS J 35 -52.55 -54.03 -6.23
CA LYS J 35 -51.49 -54.14 -5.19
C LYS J 35 -50.15 -54.46 -5.85
N SER J 36 -50.15 -55.24 -6.94
CA SER J 36 -48.91 -55.67 -7.62
C SER J 36 -48.27 -54.49 -8.34
N LEU J 37 -49.09 -53.64 -8.97
CA LEU J 37 -48.56 -52.52 -9.79
C LEU J 37 -47.82 -51.55 -8.88
N LYS J 38 -48.30 -51.33 -7.66
CA LYS J 38 -47.66 -50.40 -6.70
C LYS J 38 -46.26 -50.93 -6.37
N MET J 39 -46.15 -52.23 -6.08
CA MET J 39 -44.86 -52.85 -5.71
C MET J 39 -43.92 -52.80 -6.92
N ALA J 40 -44.44 -53.02 -8.14
CA ALA J 40 -43.59 -52.99 -9.35
C ALA J 40 -43.15 -51.55 -9.64
N GLN J 41 -43.98 -50.56 -9.31
CA GLN J 41 -43.66 -49.12 -9.55
C GLN J 41 -42.58 -48.69 -8.57
N ARG J 42 -42.64 -49.13 -7.32
CA ARG J 42 -41.66 -48.69 -6.30
C ARG J 42 -40.26 -49.23 -6.61
N GLN J 43 -40.12 -50.15 -7.56
CA GLN J 43 -38.79 -50.65 -7.97
C GLN J 43 -38.17 -49.73 -9.04
N LEU J 44 -38.91 -48.77 -9.58
CA LEU J 44 -38.40 -47.86 -10.64
C LEU J 44 -37.53 -46.79 -10.00
N VAL J 45 -36.55 -46.29 -10.74
CA VAL J 45 -35.52 -45.35 -10.20
C VAL J 45 -36.15 -43.96 -10.09
N LYS J 46 -36.72 -43.47 -11.19
CA LYS J 46 -37.28 -42.09 -11.27
C LYS J 46 -38.53 -42.02 -10.39
N LYS J 47 -38.54 -41.12 -9.42
CA LYS J 47 -39.70 -40.92 -8.52
C LYS J 47 -40.46 -39.66 -8.92
N ARG J 48 -41.80 -39.76 -8.92
CA ARG J 48 -42.70 -38.64 -9.28
C ARG J 48 -42.72 -37.61 -8.14
N GLY J 49 -42.72 -36.34 -8.51
CA GLY J 49 -42.80 -35.20 -7.55
C GLY J 49 -43.92 -35.42 -6.55
N PHE J 50 -43.85 -34.79 -5.37
CA PHE J 50 -44.84 -35.00 -4.29
C PHE J 50 -45.97 -33.96 -4.37
N GLY J 51 -46.07 -33.25 -5.50
CA GLY J 51 -47.17 -32.31 -5.77
C GLY J 51 -47.21 -31.18 -4.75
N GLU J 52 -48.38 -30.54 -4.60
CA GLU J 52 -48.53 -29.33 -3.76
C GLU J 52 -49.16 -29.70 -2.43
N PRO J 53 -48.94 -28.90 -1.38
CA PRO J 53 -49.54 -29.15 -0.09
C PRO J 53 -50.98 -28.61 0.01
N VAL J 54 -51.68 -29.04 1.05
CA VAL J 54 -52.98 -28.46 1.43
C VAL J 54 -52.72 -27.22 2.29
N LEU J 55 -53.24 -26.09 1.89
CA LEU J 55 -53.11 -24.84 2.68
C LEU J 55 -54.37 -24.65 3.50
N PRO J 56 -54.29 -23.97 4.66
CA PRO J 56 -55.50 -23.58 5.39
C PRO J 56 -56.33 -22.55 4.62
N ARG J 57 -57.64 -22.51 4.89
CA ARG J 57 -58.59 -21.66 4.13
C ARG J 57 -58.14 -20.20 4.27
N PRO J 58 -57.65 -19.55 3.20
CA PRO J 58 -57.15 -18.18 3.31
C PRO J 58 -58.31 -17.22 3.60
N PRO J 59 -58.27 -16.46 4.71
CA PRO J 59 -59.33 -15.49 5.02
C PRO J 59 -59.14 -14.16 4.29
N PHE J 60 -60.06 -13.21 4.52
CA PHE J 60 -60.00 -11.81 3.99
C PHE J 60 -59.86 -11.89 2.47
ZN ZN K . 16.01 7.02 21.91
ZN ZN L . 8.43 -22.17 -13.82
#